data_8DVC
#
_entry.id   8DVC
#
_cell.length_a   99.269
_cell.length_b   352.967
_cell.length_c   124.988
_cell.angle_alpha   90.00
_cell.angle_beta   90.00
_cell.angle_gamma   90.00
#
_symmetry.space_group_name_H-M   'C 2 2 21'
#
loop_
_entity.id
_entity.type
_entity.pdbx_description
1 polymer 'Hyposensitive to light 5'
2 non-polymer (3R,3aR,8bS)-3-({[(2R)-4-methyl-5-oxo-2,5-dihydrofuran-2-yl]oxy}methyl)-3,3a,4,8b-tetrahydro-2H-indeno[1,2-b]furan-2-one
3 non-polymer 'SULFATE ION'
4 non-polymer 1,2-ETHANEDIOL
5 non-polymer 'CHLORIDE ION'
6 water water
#
_entity_poly.entity_id   1
_entity_poly.type   'polypeptide(L)'
_entity_poly.pdbx_seq_one_letter_code
;MSTVGSAHNVTVLGSGETTVVLGHGFGTDQSVWKYLVPHLTDDYRVLLYDNMGAGTTDPNLYDFERYSSLEGHSQDLIAI
LEEFHVTKCIFVGHALSSMVGAVSSIFRPDLFRKIVMISACPRVANADDYYGGFEEEDVNQLYGAMEENFQTMMTGYAPI
VVGGDLESEAMQEFSRTLFNMRPDIALSICRMISGYDLRPYLGLVVIPCHIIQSSKDKLVPVAVAEYLHRNFGGKSVVEL
IPTEGHLPHLSAPDITIPVLIRHINQDIADD
;
_entity_poly.pdbx_strand_id   A,B,C,D,E
#
# COMPACT_ATOMS: atom_id res chain seq x y z
N THR A 3 -25.88 -44.67 0.26
CA THR A 3 -24.83 -45.30 1.06
C THR A 3 -23.59 -44.41 1.17
N VAL A 4 -23.77 -43.10 1.44
CA VAL A 4 -22.60 -42.24 1.63
C VAL A 4 -21.95 -42.55 2.97
N GLY A 5 -22.75 -42.87 4.00
CA GLY A 5 -22.17 -43.19 5.30
C GLY A 5 -21.15 -44.30 5.23
N SER A 6 -21.38 -45.28 4.36
CA SER A 6 -20.39 -46.33 4.14
C SER A 6 -19.18 -45.79 3.39
N ALA A 7 -19.41 -44.90 2.41
CA ALA A 7 -18.32 -44.42 1.57
C ALA A 7 -17.24 -43.72 2.38
N HIS A 8 -17.65 -42.91 3.36
CA HIS A 8 -16.69 -42.16 4.17
C HIS A 8 -16.60 -42.68 5.59
N ASN A 9 -17.11 -43.89 5.86
CA ASN A 9 -17.08 -44.48 7.20
C ASN A 9 -17.63 -43.50 8.24
N VAL A 10 -18.75 -42.86 7.88
CA VAL A 10 -19.36 -41.90 8.79
C VAL A 10 -19.72 -42.60 10.08
N THR A 11 -19.29 -42.02 11.20
CA THR A 11 -19.63 -42.50 12.52
C THR A 11 -20.40 -41.38 13.24
N VAL A 12 -21.50 -41.76 13.89
CA VAL A 12 -22.40 -40.81 14.53
C VAL A 12 -22.67 -41.30 15.95
N LEU A 13 -22.63 -40.39 16.91
CA LEU A 13 -22.82 -40.73 18.32
C LEU A 13 -23.03 -39.45 19.10
N GLY A 14 -23.16 -39.59 20.42
CA GLY A 14 -23.44 -38.48 21.29
C GLY A 14 -24.92 -38.14 21.33
N SER A 15 -25.22 -37.02 21.98
CA SER A 15 -26.59 -36.54 22.06
C SER A 15 -26.56 -35.04 22.28
N GLY A 16 -27.38 -34.31 21.53
CA GLY A 16 -27.45 -32.88 21.65
C GLY A 16 -28.33 -32.27 20.59
N GLU A 17 -28.44 -30.95 20.65
CA GLU A 17 -29.25 -30.21 19.68
C GLU A 17 -28.44 -29.75 18.47
N THR A 18 -27.15 -29.46 18.64
CA THR A 18 -26.27 -29.11 17.53
C THR A 18 -25.19 -30.18 17.40
N THR A 19 -24.83 -30.48 16.15
CA THR A 19 -23.88 -31.53 15.83
C THR A 19 -22.50 -30.92 15.62
N VAL A 20 -21.48 -31.61 16.14
CA VAL A 20 -20.08 -31.28 15.87
C VAL A 20 -19.56 -32.28 14.84
N VAL A 21 -19.06 -31.75 13.72
CA VAL A 21 -18.53 -32.57 12.64
C VAL A 21 -17.01 -32.52 12.70
N LEU A 22 -16.36 -33.68 12.52
CA LEU A 22 -14.92 -33.81 12.66
C LEU A 22 -14.33 -34.30 11.35
N GLY A 23 -13.48 -33.48 10.74
CA GLY A 23 -12.75 -33.85 9.54
C GLY A 23 -11.26 -33.92 9.83
N HIS A 24 -10.57 -34.83 9.16
CA HIS A 24 -9.15 -35.07 9.39
C HIS A 24 -8.33 -34.46 8.27
N GLY A 25 -7.00 -34.60 8.39
CA GLY A 25 -6.06 -34.13 7.40
C GLY A 25 -5.42 -35.28 6.63
N PHE A 26 -4.54 -34.89 5.72
CA PHE A 26 -3.78 -35.85 4.92
C PHE A 26 -2.99 -36.78 5.83
N GLY A 27 -2.88 -38.04 5.39
CA GLY A 27 -2.08 -39.02 6.08
C GLY A 27 -2.79 -39.80 7.16
N THR A 28 -3.94 -39.32 7.64
CA THR A 28 -4.63 -39.98 8.73
C THR A 28 -6.11 -40.18 8.40
N ASP A 29 -6.91 -40.53 9.41
CA ASP A 29 -8.34 -40.74 9.23
C ASP A 29 -9.03 -40.25 10.49
N GLN A 30 -10.30 -40.64 10.67
CA GLN A 30 -11.11 -40.04 11.74
C GLN A 30 -10.64 -40.44 13.14
N SER A 31 -9.96 -41.58 13.28
CA SER A 31 -9.41 -41.94 14.59
C SER A 31 -8.42 -40.90 15.11
N VAL A 32 -8.00 -39.96 14.26
CA VAL A 32 -7.16 -38.84 14.67
C VAL A 32 -7.74 -38.11 15.87
N TRP A 33 -9.06 -38.18 16.06
CA TRP A 33 -9.76 -37.44 17.12
C TRP A 33 -10.05 -38.30 18.33
N LYS A 34 -9.21 -39.29 18.63
CA LYS A 34 -9.48 -40.21 19.73
C LYS A 34 -9.53 -39.47 21.06
N TYR A 35 -8.68 -38.45 21.24
CA TYR A 35 -8.65 -37.69 22.48
C TYR A 35 -9.66 -36.55 22.52
N LEU A 36 -10.36 -36.28 21.42
CA LEU A 36 -11.36 -35.22 21.40
C LEU A 36 -12.78 -35.75 21.56
N VAL A 37 -13.12 -36.85 20.88
CA VAL A 37 -14.50 -37.34 20.86
C VAL A 37 -15.10 -37.48 22.26
N PRO A 38 -14.43 -38.12 23.24
CA PRO A 38 -15.11 -38.35 24.54
C PRO A 38 -15.52 -37.09 25.27
N HIS A 39 -14.85 -35.96 25.04
CA HIS A 39 -15.19 -34.72 25.75
C HIS A 39 -16.36 -33.98 25.14
N LEU A 40 -16.88 -34.43 23.99
CA LEU A 40 -18.01 -33.76 23.35
C LEU A 40 -19.31 -34.54 23.40
N THR A 41 -19.26 -35.86 23.53
CA THR A 41 -20.43 -36.70 23.31
C THR A 41 -21.50 -36.54 24.38
N ASP A 42 -21.21 -35.84 25.48
CA ASP A 42 -22.22 -35.62 26.52
C ASP A 42 -23.07 -34.38 26.27
N ASP A 43 -22.68 -33.52 25.34
CA ASP A 43 -23.45 -32.32 25.00
C ASP A 43 -23.78 -32.18 23.54
N TYR A 44 -23.10 -32.90 22.65
CA TYR A 44 -23.30 -32.76 21.21
C TYR A 44 -23.51 -34.12 20.57
N ARG A 45 -24.27 -34.12 19.48
CA ARG A 45 -24.10 -35.16 18.48
C ARG A 45 -22.73 -34.96 17.83
N VAL A 46 -22.06 -36.07 17.54
CA VAL A 46 -20.73 -36.03 16.94
C VAL A 46 -20.75 -36.87 15.67
N LEU A 47 -20.35 -36.26 14.56
CA LEU A 47 -20.23 -36.93 13.28
C LEU A 47 -18.76 -36.92 12.86
N LEU A 48 -18.22 -38.08 12.55
CA LEU A 48 -16.88 -38.21 12.01
C LEU A 48 -16.96 -38.83 10.62
N TYR A 49 -16.09 -38.37 9.72
CA TYR A 49 -16.02 -38.91 8.38
C TYR A 49 -14.57 -38.88 7.92
N ASP A 50 -14.21 -39.89 7.13
CA ASP A 50 -12.91 -39.90 6.47
C ASP A 50 -13.03 -39.22 5.11
N ASN A 51 -11.98 -38.49 4.73
CA ASN A 51 -11.90 -38.01 3.37
C ASN A 51 -11.73 -39.18 2.41
N MET A 52 -12.21 -39.01 1.19
CA MET A 52 -11.98 -40.02 0.17
C MET A 52 -10.52 -40.01 -0.23
N GLY A 53 -9.92 -41.20 -0.31
CA GLY A 53 -8.50 -41.36 -0.52
C GLY A 53 -7.76 -41.88 0.69
N ALA A 54 -8.28 -41.61 1.89
CA ALA A 54 -7.71 -42.17 3.11
C ALA A 54 -7.67 -43.69 3.02
N GLY A 55 -6.73 -44.29 3.76
CA GLY A 55 -6.53 -45.73 3.66
C GLY A 55 -7.75 -46.54 4.02
N THR A 56 -8.63 -45.99 4.85
CA THR A 56 -9.84 -46.68 5.30
C THR A 56 -10.96 -46.62 4.27
N THR A 57 -10.77 -45.95 3.15
CA THR A 57 -11.79 -45.83 2.12
C THR A 57 -11.46 -46.75 0.94
N ASP A 58 -12.49 -47.10 0.19
CA ASP A 58 -12.33 -47.97 -0.98
C ASP A 58 -11.59 -47.23 -2.08
N PRO A 59 -10.43 -47.72 -2.53
CA PRO A 59 -9.72 -47.02 -3.61
C PRO A 59 -10.49 -46.98 -4.93
N ASN A 60 -11.47 -47.86 -5.12
CA ASN A 60 -12.30 -47.81 -6.31
C ASN A 60 -13.16 -46.55 -6.35
N LEU A 61 -13.36 -45.89 -5.21
CA LEU A 61 -14.18 -44.69 -5.12
C LEU A 61 -13.38 -43.42 -5.32
N TYR A 62 -12.06 -43.51 -5.49
CA TYR A 62 -11.23 -42.32 -5.66
C TYR A 62 -11.25 -41.91 -7.13
N ASP A 63 -12.28 -41.13 -7.49
CA ASP A 63 -12.36 -40.48 -8.79
C ASP A 63 -11.21 -39.50 -8.94
N PHE A 64 -10.21 -39.85 -9.76
CA PHE A 64 -9.01 -39.02 -9.85
C PHE A 64 -9.33 -37.64 -10.43
N GLU A 65 -10.21 -37.58 -11.44
CA GLU A 65 -10.57 -36.29 -11.99
C GLU A 65 -11.30 -35.43 -10.98
N ARG A 66 -12.29 -36.03 -10.28
CA ARG A 66 -13.07 -35.25 -9.31
C ARG A 66 -12.19 -34.72 -8.19
N TYR A 67 -11.29 -35.54 -7.66
CA TYR A 67 -10.45 -35.16 -6.53
C TYR A 67 -9.17 -34.45 -6.96
N SER A 68 -9.02 -34.18 -8.26
CA SER A 68 -7.92 -33.33 -8.72
C SER A 68 -8.02 -31.91 -8.21
N SER A 69 -9.17 -31.52 -7.65
CA SER A 69 -9.33 -30.21 -7.04
C SER A 69 -10.12 -30.34 -5.76
N LEU A 70 -9.95 -29.34 -4.88
CA LEU A 70 -10.57 -29.33 -3.57
C LEU A 70 -12.09 -29.40 -3.64
N GLU A 71 -12.67 -28.89 -4.73
CA GLU A 71 -14.13 -28.86 -4.86
C GLU A 71 -14.73 -30.25 -4.73
N GLY A 72 -14.03 -31.28 -5.24
CA GLY A 72 -14.53 -32.63 -5.12
C GLY A 72 -14.77 -33.05 -3.68
N HIS A 73 -13.79 -32.79 -2.81
CA HIS A 73 -13.96 -33.09 -1.39
C HIS A 73 -15.00 -32.18 -0.75
N SER A 74 -15.12 -30.94 -1.22
CA SER A 74 -16.12 -30.03 -0.67
C SER A 74 -17.53 -30.56 -0.87
N GLN A 75 -17.80 -31.11 -2.05
CA GLN A 75 -19.13 -31.65 -2.31
C GLN A 75 -19.36 -32.96 -1.56
N ASP A 76 -18.30 -33.74 -1.32
CA ASP A 76 -18.42 -34.93 -0.48
C ASP A 76 -18.91 -34.54 0.92
N LEU A 77 -18.37 -33.44 1.46
CA LEU A 77 -18.77 -33.00 2.78
C LEU A 77 -20.22 -32.50 2.79
N ILE A 78 -20.62 -31.79 1.73
CA ILE A 78 -22.01 -31.34 1.64
C ILE A 78 -22.95 -32.54 1.55
N ALA A 79 -22.57 -33.55 0.77
CA ALA A 79 -23.39 -34.74 0.64
C ALA A 79 -23.47 -35.52 1.95
N ILE A 80 -22.35 -35.59 2.68
CA ILE A 80 -22.34 -36.27 3.98
C ILE A 80 -23.31 -35.56 4.94
N LEU A 81 -23.18 -34.23 5.05
CA LEU A 81 -24.03 -33.48 5.95
C LEU A 81 -25.49 -33.61 5.58
N GLU A 82 -25.78 -33.69 4.27
CA GLU A 82 -27.17 -33.77 3.83
C GLU A 82 -27.80 -35.10 4.19
N GLU A 83 -27.08 -36.21 3.98
CA GLU A 83 -27.77 -37.48 4.21
C GLU A 83 -27.95 -37.77 5.71
N PHE A 84 -27.20 -37.12 6.59
CA PHE A 84 -27.39 -37.31 8.03
C PHE A 84 -28.20 -36.18 8.66
N HIS A 85 -28.87 -35.36 7.84
CA HIS A 85 -29.78 -34.31 8.33
C HIS A 85 -29.06 -33.37 9.30
N VAL A 86 -27.95 -32.81 8.84
CA VAL A 86 -27.12 -31.91 9.63
C VAL A 86 -27.28 -30.51 9.08
N THR A 87 -27.62 -29.57 9.95
CA THR A 87 -27.63 -28.14 9.63
C THR A 87 -26.97 -27.39 10.77
N LYS A 88 -26.52 -26.17 10.47
CA LYS A 88 -25.87 -25.28 11.45
C LYS A 88 -24.89 -26.05 12.32
N CYS A 89 -24.03 -26.82 11.65
CA CYS A 89 -23.09 -27.67 12.37
C CYS A 89 -21.88 -26.86 12.84
N ILE A 90 -21.22 -27.39 13.86
CA ILE A 90 -19.91 -26.90 14.29
C ILE A 90 -18.87 -27.77 13.61
N PHE A 91 -18.17 -27.22 12.63
CA PHE A 91 -17.20 -27.99 11.87
C PHE A 91 -15.81 -27.82 12.46
N VAL A 92 -15.25 -28.92 12.96
CA VAL A 92 -13.88 -28.95 13.47
C VAL A 92 -13.06 -29.74 12.47
N GLY A 93 -12.17 -29.06 11.77
CA GLY A 93 -11.37 -29.68 10.72
C GLY A 93 -9.89 -29.44 10.92
N HIS A 94 -9.09 -30.48 10.66
CA HIS A 94 -7.65 -30.42 10.76
C HIS A 94 -7.05 -30.39 9.35
N ALA A 95 -6.22 -29.39 9.09
CA ALA A 95 -5.49 -29.27 7.83
C ALA A 95 -6.43 -29.27 6.63
N LEU A 96 -6.39 -30.31 5.80
CA LEU A 96 -7.18 -30.35 4.56
C LEU A 96 -8.64 -30.05 4.82
N SER A 97 -9.26 -30.82 5.70
CA SER A 97 -10.70 -30.72 5.91
C SER A 97 -11.12 -29.33 6.33
N SER A 98 -10.22 -28.59 7.00
CA SER A 98 -10.53 -27.21 7.36
C SER A 98 -10.79 -26.37 6.12
N MET A 99 -9.96 -26.53 5.09
CA MET A 99 -10.16 -25.77 3.86
C MET A 99 -11.36 -26.31 3.08
N VAL A 100 -11.51 -27.63 3.00
CA VAL A 100 -12.72 -28.23 2.44
C VAL A 100 -13.95 -27.65 3.13
N GLY A 101 -13.91 -27.61 4.47
CA GLY A 101 -15.03 -27.05 5.20
C GLY A 101 -15.28 -25.59 4.87
N ALA A 102 -14.21 -24.81 4.82
CA ALA A 102 -14.34 -23.38 4.54
C ALA A 102 -14.96 -23.14 3.17
N VAL A 103 -14.50 -23.86 2.16
CA VAL A 103 -15.07 -23.74 0.81
C VAL A 103 -16.55 -24.14 0.83
N SER A 104 -16.85 -25.26 1.50
CA SER A 104 -18.24 -25.73 1.56
C SER A 104 -19.14 -24.69 2.21
N SER A 105 -18.63 -23.98 3.22
CA SER A 105 -19.45 -22.98 3.91
C SER A 105 -19.75 -21.78 3.03
N ILE A 106 -18.90 -21.51 2.03
CA ILE A 106 -19.22 -20.47 1.04
C ILE A 106 -20.44 -20.88 0.24
N PHE A 107 -20.42 -22.11 -0.28
CA PHE A 107 -21.51 -22.59 -1.14
C PHE A 107 -22.80 -22.81 -0.36
N ARG A 108 -22.70 -23.44 0.81
CA ARG A 108 -23.87 -23.82 1.61
C ARG A 108 -23.71 -23.32 3.04
N PRO A 109 -23.85 -22.00 3.25
CA PRO A 109 -23.78 -21.48 4.63
C PRO A 109 -24.89 -21.99 5.53
N ASP A 110 -25.94 -22.59 4.96
CA ASP A 110 -27.00 -23.17 5.78
C ASP A 110 -26.52 -24.37 6.60
N LEU A 111 -25.38 -24.95 6.24
CA LEU A 111 -24.90 -26.17 6.87
C LEU A 111 -23.86 -25.92 7.97
N PHE A 112 -23.43 -24.67 8.16
CA PHE A 112 -22.34 -24.37 9.09
C PHE A 112 -22.70 -23.21 10.00
N ARG A 113 -22.48 -23.38 11.30
CA ARG A 113 -22.55 -22.27 12.24
C ARG A 113 -21.18 -21.65 12.49
N LYS A 114 -20.14 -22.47 12.55
CA LYS A 114 -18.78 -21.99 12.75
C LYS A 114 -17.81 -23.05 12.30
N ILE A 115 -16.56 -22.63 12.05
CA ILE A 115 -15.47 -23.53 11.72
C ILE A 115 -14.38 -23.37 12.78
N VAL A 116 -14.00 -24.47 13.40
CA VAL A 116 -12.77 -24.54 14.19
C VAL A 116 -11.75 -25.31 13.36
N MET A 117 -10.61 -24.68 13.09
CA MET A 117 -9.61 -25.24 12.20
C MET A 117 -8.25 -25.28 12.89
N ILE A 118 -7.50 -26.32 12.56
CA ILE A 118 -6.20 -26.59 13.18
C ILE A 118 -5.21 -26.94 12.05
N SER A 119 -4.05 -26.30 12.08
CA SER A 119 -3.02 -26.47 11.07
C SER A 119 -3.52 -26.13 9.67
N ALA A 120 -4.39 -25.13 9.57
CA ALA A 120 -4.99 -24.78 8.28
C ALA A 120 -3.99 -24.07 7.37
N CYS A 121 -4.12 -24.31 6.06
CA CYS A 121 -3.20 -23.72 5.10
C CYS A 121 -3.91 -23.39 3.79
N PRO A 122 -4.04 -22.10 3.45
CA PRO A 122 -4.72 -21.72 2.20
C PRO A 122 -3.87 -21.86 0.96
N ARG A 123 -2.56 -22.12 1.10
CA ARG A 123 -1.64 -22.30 -0.02
C ARG A 123 -0.28 -22.72 0.53
N VAL A 124 0.29 -23.79 -0.05
CA VAL A 124 1.49 -24.38 0.53
C VAL A 124 2.70 -23.47 0.31
N ALA A 125 2.86 -22.96 -0.91
CA ALA A 125 4.07 -22.28 -1.30
C ALA A 125 4.01 -20.78 -1.04
N ASN A 126 5.18 -20.16 -0.93
CA ASN A 126 5.27 -18.72 -0.78
C ASN A 126 4.81 -18.02 -2.06
N ALA A 127 4.15 -16.90 -1.90
CA ALA A 127 3.87 -15.95 -2.97
C ALA A 127 4.52 -14.63 -2.61
N ASP A 128 4.31 -13.62 -3.45
CA ASP A 128 4.46 -12.25 -2.98
C ASP A 128 3.34 -11.97 -1.99
N ASP A 129 3.66 -11.21 -0.95
CA ASP A 129 2.72 -10.86 0.13
C ASP A 129 2.31 -12.06 0.98
N TYR A 130 2.92 -13.22 0.80
CA TYR A 130 2.43 -14.43 1.48
C TYR A 130 3.59 -15.38 1.73
N TYR A 131 3.83 -15.69 3.01
CA TYR A 131 4.85 -16.65 3.43
C TYR A 131 4.13 -17.90 3.93
N GLY A 132 4.21 -18.99 3.17
CA GLY A 132 3.55 -20.22 3.53
C GLY A 132 4.52 -21.31 3.94
N GLY A 133 5.81 -20.97 3.95
CA GLY A 133 6.84 -21.92 4.36
C GLY A 133 7.93 -22.14 3.34
N PHE A 134 7.57 -22.65 2.17
CA PHE A 134 8.54 -23.04 1.16
C PHE A 134 8.28 -22.33 -0.15
N GLU A 135 9.35 -22.02 -0.87
CA GLU A 135 9.21 -21.47 -2.21
C GLU A 135 8.64 -22.52 -3.14
N GLU A 136 7.72 -22.08 -4.01
CA GLU A 136 7.00 -22.99 -4.89
C GLU A 136 7.94 -23.87 -5.69
N GLU A 137 9.01 -23.28 -6.22
CA GLU A 137 10.03 -24.02 -6.95
C GLU A 137 10.52 -25.23 -6.15
N ASP A 138 10.65 -25.08 -4.83
CA ASP A 138 11.26 -26.12 -4.01
C ASP A 138 10.27 -27.20 -3.57
N VAL A 139 9.01 -26.82 -3.43
CA VAL A 139 7.97 -27.77 -3.07
C VAL A 139 7.81 -28.73 -4.24
N ASN A 140 7.84 -28.16 -5.46
CA ASN A 140 7.74 -28.96 -6.68
C ASN A 140 8.78 -30.06 -6.70
N GLN A 141 9.97 -29.80 -6.15
CA GLN A 141 10.98 -30.85 -6.05
C GLN A 141 10.60 -31.87 -4.98
N LEU A 142 10.01 -31.40 -3.88
CA LEU A 142 9.59 -32.32 -2.82
C LEU A 142 8.50 -33.26 -3.32
N TYR A 143 7.55 -32.75 -4.11
CA TYR A 143 6.58 -33.65 -4.73
C TYR A 143 7.25 -34.57 -5.74
N GLY A 144 8.04 -34.00 -6.65
CA GLY A 144 8.60 -34.78 -7.74
C GLY A 144 9.48 -35.92 -7.27
N ALA A 145 10.18 -35.72 -6.16
CA ALA A 145 11.00 -36.78 -5.60
C ALA A 145 10.12 -37.83 -4.90
N MET A 146 9.04 -37.39 -4.26
CA MET A 146 8.06 -38.31 -3.70
C MET A 146 7.44 -39.21 -4.77
N GLU A 147 7.26 -38.67 -5.99
CA GLU A 147 6.77 -39.47 -7.10
C GLU A 147 7.83 -40.46 -7.58
N GLU A 148 9.10 -40.04 -7.56
CA GLU A 148 10.18 -40.89 -8.06
C GLU A 148 10.45 -42.08 -7.15
N ASN A 149 10.27 -41.91 -5.84
CA ASN A 149 10.64 -42.94 -4.86
C ASN A 149 9.71 -42.74 -3.66
N PHE A 150 8.53 -43.34 -3.72
CA PHE A 150 7.45 -43.02 -2.80
C PHE A 150 7.76 -43.38 -1.35
N GLN A 151 7.89 -44.69 -1.07
CA GLN A 151 8.04 -45.14 0.32
C GLN A 151 9.28 -44.52 0.96
N THR A 152 10.37 -44.42 0.21
CA THR A 152 11.61 -43.87 0.77
C THR A 152 11.39 -42.48 1.34
N MET A 153 10.85 -41.58 0.53
CA MET A 153 10.78 -40.18 0.92
C MET A 153 9.60 -39.86 1.83
N MET A 154 8.64 -40.78 1.95
CA MET A 154 7.59 -40.60 2.95
C MET A 154 7.99 -41.15 4.31
N THR A 155 8.80 -42.21 4.34
CA THR A 155 9.50 -42.58 5.56
C THR A 155 10.31 -41.40 6.09
N GLY A 156 10.88 -40.61 5.18
CA GLY A 156 11.45 -39.33 5.55
C GLY A 156 10.39 -38.38 6.06
N TYR A 157 9.41 -38.07 5.19
CA TYR A 157 8.44 -37.01 5.46
C TYR A 157 7.75 -37.16 6.82
N ALA A 158 7.34 -38.39 7.17
CA ALA A 158 6.43 -38.57 8.30
C ALA A 158 6.99 -38.04 9.62
N PRO A 159 8.23 -38.33 10.04
CA PRO A 159 8.74 -37.71 11.27
C PRO A 159 8.79 -36.19 11.22
N ILE A 160 9.13 -35.61 10.06
CA ILE A 160 9.19 -34.15 9.95
C ILE A 160 7.81 -33.54 10.23
N VAL A 161 6.74 -34.25 9.90
CA VAL A 161 5.40 -33.71 10.02
C VAL A 161 4.82 -33.93 11.40
N VAL A 162 4.96 -35.15 11.95
CA VAL A 162 4.49 -35.41 13.31
C VAL A 162 5.24 -34.53 14.30
N GLY A 163 6.57 -34.50 14.19
CA GLY A 163 7.40 -33.77 15.11
C GLY A 163 7.67 -34.55 16.39
N GLY A 164 8.27 -33.86 17.35
CA GLY A 164 8.47 -34.40 18.68
C GLY A 164 9.46 -35.55 18.75
N ASP A 165 9.34 -36.31 19.84
CA ASP A 165 10.21 -37.46 20.06
C ASP A 165 9.93 -38.55 19.04
N LEU A 166 10.98 -39.21 18.58
CA LEU A 166 10.82 -40.37 17.72
C LEU A 166 10.14 -41.49 18.47
N GLU A 167 9.48 -42.38 17.72
CA GLU A 167 8.86 -43.57 18.29
C GLU A 167 7.86 -43.20 19.39
N SER A 168 6.86 -42.43 19.01
CA SER A 168 5.78 -42.05 19.93
C SER A 168 4.49 -42.63 19.42
N GLU A 169 3.40 -42.43 20.17
CA GLU A 169 2.09 -42.87 19.68
C GLU A 169 1.73 -42.15 18.40
N ALA A 170 1.80 -40.82 18.41
CA ALA A 170 1.48 -40.04 17.21
C ALA A 170 2.46 -40.34 16.08
N MET A 171 3.74 -40.52 16.42
CA MET A 171 4.74 -40.80 15.40
C MET A 171 4.51 -42.18 14.75
N GLN A 172 4.05 -43.15 15.52
CA GLN A 172 3.77 -44.47 14.98
C GLN A 172 2.38 -44.58 14.37
N GLU A 173 1.40 -43.86 14.92
CA GLU A 173 0.05 -43.89 14.37
C GLU A 173 0.00 -43.26 12.99
N PHE A 174 0.48 -42.02 12.89
CA PHE A 174 0.50 -41.34 11.59
C PHE A 174 1.30 -42.12 10.56
N SER A 175 2.44 -42.67 10.96
CA SER A 175 3.21 -43.51 10.05
C SER A 175 2.40 -44.69 9.55
N ARG A 176 1.60 -45.29 10.44
CA ARG A 176 0.80 -46.45 10.05
C ARG A 176 -0.29 -46.05 9.07
N THR A 177 -1.09 -45.03 9.40
CA THR A 177 -2.17 -44.62 8.52
C THR A 177 -1.66 -44.03 7.22
N LEU A 178 -0.53 -43.32 7.27
CA LEU A 178 0.04 -42.72 6.06
C LEU A 178 0.36 -43.79 5.03
N PHE A 179 0.98 -44.90 5.45
CA PHE A 179 1.37 -45.95 4.52
C PHE A 179 0.21 -46.89 4.18
N ASN A 180 -0.98 -46.67 4.75
CA ASN A 180 -2.15 -47.44 4.36
C ASN A 180 -2.84 -46.86 3.14
N MET A 181 -2.52 -45.62 2.78
CA MET A 181 -3.01 -45.05 1.53
C MET A 181 -2.35 -45.74 0.34
N ARG A 182 -3.11 -45.93 -0.72
CA ARG A 182 -2.51 -46.40 -1.97
C ARG A 182 -1.67 -45.28 -2.56
N PRO A 183 -0.43 -45.55 -2.98
CA PRO A 183 0.49 -44.45 -3.31
C PRO A 183 0.01 -43.53 -4.41
N ASP A 184 -0.65 -44.06 -5.45
CA ASP A 184 -1.12 -43.21 -6.53
C ASP A 184 -2.23 -42.28 -6.06
N ILE A 185 -3.07 -42.73 -5.12
CA ILE A 185 -4.06 -41.86 -4.53
C ILE A 185 -3.39 -40.78 -3.68
N ALA A 186 -2.37 -41.16 -2.91
CA ALA A 186 -1.65 -40.19 -2.09
C ALA A 186 -0.99 -39.11 -2.93
N LEU A 187 -0.47 -39.49 -4.10
CA LEU A 187 0.17 -38.51 -4.97
C LEU A 187 -0.84 -37.55 -5.58
N SER A 188 -2.00 -38.07 -5.99
CA SER A 188 -3.07 -37.21 -6.50
C SER A 188 -3.50 -36.21 -5.43
N ILE A 189 -3.70 -36.67 -4.20
CA ILE A 189 -4.04 -35.77 -3.11
C ILE A 189 -2.95 -34.72 -2.93
N CYS A 190 -1.69 -35.12 -3.05
CA CYS A 190 -0.59 -34.17 -2.86
C CYS A 190 -0.53 -33.16 -4.01
N ARG A 191 -0.78 -33.62 -5.24
CA ARG A 191 -0.87 -32.67 -6.35
C ARG A 191 -2.01 -31.68 -6.13
N MET A 192 -3.13 -32.15 -5.59
CA MET A 192 -4.26 -31.27 -5.34
C MET A 192 -3.94 -30.23 -4.28
N ILE A 193 -3.28 -30.64 -3.20
CA ILE A 193 -3.02 -29.71 -2.10
C ILE A 193 -1.93 -28.72 -2.48
N SER A 194 -0.81 -29.22 -3.01
CA SER A 194 0.29 -28.34 -3.41
C SER A 194 -0.09 -27.44 -4.57
N GLY A 195 -1.24 -27.67 -5.22
CA GLY A 195 -1.62 -26.87 -6.36
C GLY A 195 -2.76 -25.90 -6.08
N TYR A 196 -3.39 -25.99 -4.92
CA TYR A 196 -4.53 -25.10 -4.66
C TYR A 196 -4.05 -23.78 -4.08
N ASP A 197 -4.86 -22.75 -4.30
CA ASP A 197 -4.59 -21.40 -3.78
C ASP A 197 -5.95 -20.80 -3.43
N LEU A 198 -6.23 -20.68 -2.14
CA LEU A 198 -7.54 -20.25 -1.67
C LEU A 198 -7.58 -18.80 -1.23
N ARG A 199 -6.44 -18.10 -1.30
CA ARG A 199 -6.38 -16.68 -0.96
C ARG A 199 -7.52 -15.83 -1.52
N PRO A 200 -7.91 -15.95 -2.81
CA PRO A 200 -9.06 -15.16 -3.27
C PRO A 200 -10.39 -15.60 -2.70
N TYR A 201 -10.47 -16.81 -2.14
CA TYR A 201 -11.72 -17.31 -1.58
C TYR A 201 -11.95 -16.84 -0.15
N LEU A 202 -10.89 -16.44 0.56
CA LEU A 202 -11.01 -16.22 2.00
C LEU A 202 -12.00 -15.11 2.33
N GLY A 203 -12.06 -14.06 1.50
CA GLY A 203 -13.03 -13.01 1.73
C GLY A 203 -14.47 -13.47 1.56
N LEU A 204 -14.68 -14.59 0.88
CA LEU A 204 -16.03 -15.13 0.71
C LEU A 204 -16.46 -16.02 1.85
N VAL A 205 -15.52 -16.48 2.68
CA VAL A 205 -15.85 -17.16 3.93
C VAL A 205 -16.27 -16.09 4.94
N VAL A 206 -17.53 -16.13 5.36
CA VAL A 206 -18.03 -15.14 6.32
C VAL A 206 -18.60 -15.76 7.58
N ILE A 207 -18.70 -17.08 7.67
CA ILE A 207 -19.08 -17.77 8.89
C ILE A 207 -17.90 -17.66 9.86
N PRO A 208 -18.13 -17.53 11.17
CA PRO A 208 -17.00 -17.35 12.10
C PRO A 208 -15.99 -18.48 12.04
N CYS A 209 -14.71 -18.11 12.06
CA CYS A 209 -13.60 -19.05 11.93
C CYS A 209 -12.66 -18.91 13.12
N HIS A 210 -12.47 -20.01 13.85
CA HIS A 210 -11.50 -20.07 14.95
C HIS A 210 -10.21 -20.68 14.40
N ILE A 211 -9.15 -19.87 14.35
CA ILE A 211 -7.88 -20.28 13.77
C ILE A 211 -6.96 -20.74 14.91
N ILE A 212 -6.75 -22.04 15.00
CA ILE A 212 -5.87 -22.64 16.00
C ILE A 212 -4.71 -23.30 15.28
N GLN A 213 -3.49 -23.10 15.77
CA GLN A 213 -2.37 -23.73 15.11
C GLN A 213 -1.14 -23.78 16.00
N SER A 214 -0.21 -24.65 15.61
CA SER A 214 1.01 -24.89 16.37
C SER A 214 1.96 -23.71 16.29
N SER A 215 2.74 -23.53 17.35
CA SER A 215 3.80 -22.52 17.34
C SER A 215 5.04 -22.99 16.59
N LYS A 216 5.22 -24.31 16.41
CA LYS A 216 6.38 -24.88 15.73
C LYS A 216 5.92 -26.01 14.80
N ASP A 217 5.23 -25.64 13.73
CA ASP A 217 4.78 -26.58 12.70
C ASP A 217 5.65 -26.38 11.46
N LYS A 218 6.42 -27.41 11.10
CA LYS A 218 7.25 -27.34 9.90
C LYS A 218 6.43 -27.01 8.67
N LEU A 219 5.15 -27.38 8.66
CA LEU A 219 4.32 -27.25 7.46
C LEU A 219 3.48 -25.98 7.44
N VAL A 220 3.24 -25.34 8.57
CA VAL A 220 2.43 -24.12 8.60
C VAL A 220 3.07 -23.09 9.52
N PRO A 221 3.71 -22.05 8.99
CA PRO A 221 4.29 -21.02 9.85
C PRO A 221 3.22 -20.18 10.53
N VAL A 222 3.62 -19.50 11.61
CA VAL A 222 2.71 -18.65 12.35
C VAL A 222 2.15 -17.55 11.46
N ALA A 223 2.95 -17.08 10.50
CA ALA A 223 2.49 -16.04 9.58
C ALA A 223 1.24 -16.46 8.81
N VAL A 224 1.06 -17.75 8.58
CA VAL A 224 -0.11 -18.22 7.85
C VAL A 224 -1.38 -17.94 8.64
N ALA A 225 -1.33 -18.09 9.96
CA ALA A 225 -2.51 -17.83 10.79
C ALA A 225 -2.86 -16.35 10.81
N GLU A 226 -1.85 -15.47 10.89
CA GLU A 226 -2.15 -14.05 10.82
C GLU A 226 -2.60 -13.63 9.44
N TYR A 227 -2.19 -14.39 8.41
CA TYR A 227 -2.75 -14.16 7.08
C TYR A 227 -4.23 -14.52 7.05
N LEU A 228 -4.58 -15.71 7.52
CA LEU A 228 -5.99 -16.13 7.57
C LEU A 228 -6.81 -15.14 8.39
N HIS A 229 -6.30 -14.77 9.57
CA HIS A 229 -7.02 -13.84 10.45
C HIS A 229 -7.26 -12.49 9.78
N ARG A 230 -6.41 -12.10 8.84
CA ARG A 230 -6.51 -10.79 8.21
C ARG A 230 -7.35 -10.79 6.94
N ASN A 231 -7.57 -11.96 6.32
CA ASN A 231 -8.22 -12.01 5.03
C ASN A 231 -9.55 -12.75 5.02
N PHE A 232 -9.89 -13.50 6.07
CA PHE A 232 -11.21 -14.08 6.19
C PHE A 232 -12.27 -12.98 6.14
N GLY A 233 -13.42 -13.30 5.55
CA GLY A 233 -14.47 -12.32 5.35
C GLY A 233 -15.43 -12.11 6.50
N GLY A 234 -15.26 -12.81 7.62
CA GLY A 234 -16.14 -12.64 8.76
C GLY A 234 -15.39 -12.59 10.07
N LYS A 235 -16.09 -12.84 11.17
CA LYS A 235 -15.44 -12.92 12.47
C LYS A 235 -14.38 -14.01 12.45
N SER A 236 -13.27 -13.77 13.15
CA SER A 236 -12.22 -14.76 13.26
C SER A 236 -11.33 -14.41 14.45
N VAL A 237 -10.52 -15.38 14.87
CA VAL A 237 -9.66 -15.23 16.04
C VAL A 237 -8.54 -16.25 15.91
N VAL A 238 -7.40 -15.94 16.52
CA VAL A 238 -6.22 -16.79 16.48
C VAL A 238 -5.79 -17.12 17.90
N GLU A 239 -5.52 -18.40 18.14
CA GLU A 239 -4.89 -18.85 19.37
C GLU A 239 -3.75 -19.79 19.03
N LEU A 240 -2.55 -19.45 19.47
CA LEU A 240 -1.39 -20.31 19.27
C LEU A 240 -1.34 -21.36 20.36
N ILE A 241 -0.80 -22.53 20.02
CA ILE A 241 -0.55 -23.59 20.99
C ILE A 241 0.97 -23.74 21.11
N PRO A 242 1.54 -23.54 22.29
CA PRO A 242 2.98 -23.73 22.45
C PRO A 242 3.39 -25.19 22.33
N THR A 243 3.50 -25.68 21.10
CA THR A 243 3.82 -27.09 20.88
C THR A 243 4.38 -27.25 19.47
N GLU A 244 5.07 -28.37 19.27
CA GLU A 244 5.69 -28.69 17.99
C GLU A 244 4.89 -29.79 17.30
N GLY A 245 4.73 -29.66 15.98
CA GLY A 245 4.16 -30.71 15.17
C GLY A 245 2.98 -30.22 14.35
N HIS A 246 2.61 -31.06 13.39
CA HIS A 246 1.51 -30.75 12.48
C HIS A 246 0.17 -31.29 12.94
N LEU A 247 0.16 -32.21 13.90
CA LEU A 247 -1.07 -32.85 14.37
C LEU A 247 -1.17 -32.71 15.89
N PRO A 248 -1.30 -31.48 16.39
CA PRO A 248 -1.29 -31.27 17.85
C PRO A 248 -2.40 -32.03 18.57
N HIS A 249 -3.55 -32.16 17.93
CA HIS A 249 -4.68 -32.88 18.52
C HIS A 249 -4.37 -34.33 18.83
N LEU A 250 -3.31 -34.89 18.23
CA LEU A 250 -2.91 -36.28 18.48
C LEU A 250 -1.60 -36.40 19.23
N SER A 251 -0.62 -35.55 18.94
CA SER A 251 0.69 -35.63 19.58
C SER A 251 0.76 -34.90 20.91
N ALA A 252 -0.21 -34.04 21.21
CA ALA A 252 -0.18 -33.28 22.45
C ALA A 252 -1.60 -32.97 22.93
N PRO A 253 -2.44 -33.99 23.16
CA PRO A 253 -3.85 -33.71 23.47
C PRO A 253 -4.05 -32.96 24.78
N ASP A 254 -3.23 -33.24 25.79
CA ASP A 254 -3.37 -32.57 27.08
C ASP A 254 -3.36 -31.05 26.92
N ILE A 255 -2.66 -30.54 25.91
CA ILE A 255 -2.56 -29.08 25.74
C ILE A 255 -3.39 -28.53 24.59
N THR A 256 -3.76 -29.40 23.67
CA THR A 256 -4.54 -28.99 22.50
C THR A 256 -6.04 -29.17 22.69
N ILE A 257 -6.45 -30.32 23.26
CA ILE A 257 -7.88 -30.59 23.44
C ILE A 257 -8.59 -29.51 24.21
N PRO A 258 -8.08 -28.99 25.33
CA PRO A 258 -8.80 -27.91 26.03
C PRO A 258 -8.92 -26.64 25.21
N VAL A 259 -7.99 -26.40 24.28
CA VAL A 259 -8.11 -25.24 23.39
C VAL A 259 -9.24 -25.47 22.39
N LEU A 260 -9.30 -26.67 21.82
CA LEU A 260 -10.38 -26.99 20.88
C LEU A 260 -11.74 -26.88 21.55
N ILE A 261 -11.86 -27.45 22.76
CA ILE A 261 -13.13 -27.43 23.48
C ILE A 261 -13.60 -26.00 23.71
N ARG A 262 -12.70 -25.14 24.20
CA ARG A 262 -13.07 -23.76 24.47
C ARG A 262 -13.54 -23.06 23.20
N HIS A 263 -12.90 -23.35 22.06
CA HIS A 263 -13.30 -22.70 20.82
C HIS A 263 -14.55 -23.33 20.22
N ILE A 264 -14.79 -24.61 20.48
CA ILE A 264 -16.07 -25.22 20.11
C ILE A 264 -17.19 -24.64 20.96
N ASN A 265 -16.96 -24.51 22.27
CA ASN A 265 -18.00 -24.09 23.19
C ASN A 265 -18.34 -22.61 23.03
N GLN A 266 -17.33 -21.77 22.88
CA GLN A 266 -17.48 -20.33 23.02
C GLN A 266 -17.45 -19.63 21.67
N ASP A 267 -18.25 -18.58 21.54
CA ASP A 267 -18.37 -17.82 20.31
C ASP A 267 -17.37 -16.66 20.31
N ILE A 268 -17.49 -15.77 19.32
CA ILE A 268 -16.52 -14.70 19.11
C ILE A 268 -17.23 -13.37 19.34
N ALA A 269 -16.69 -12.56 20.25
CA ALA A 269 -17.29 -11.28 20.59
C ALA A 269 -16.86 -10.20 19.61
N ASP A 270 -17.76 -9.25 19.38
CA ASP A 270 -17.50 -8.13 18.48
C ASP A 270 -16.30 -7.31 18.95
N MET B 1 -29.98 -4.23 -41.41
CA MET B 1 -31.40 -3.95 -41.26
C MET B 1 -31.63 -2.44 -40.95
N SER B 2 -32.86 -1.99 -41.29
CA SER B 2 -33.21 -0.56 -41.37
C SER B 2 -32.88 0.23 -40.11
N THR B 3 -32.86 -0.42 -38.95
CA THR B 3 -32.69 0.29 -37.69
C THR B 3 -31.74 -0.49 -36.79
N VAL B 4 -31.23 0.18 -35.77
CA VAL B 4 -30.25 -0.42 -34.87
C VAL B 4 -30.85 -1.62 -34.16
N GLY B 5 -32.16 -1.59 -33.88
CA GLY B 5 -32.77 -2.72 -33.21
C GLY B 5 -32.71 -4.00 -34.01
N SER B 6 -33.13 -3.94 -35.28
CA SER B 6 -33.19 -5.15 -36.09
C SER B 6 -31.81 -5.63 -36.55
N ALA B 7 -30.78 -4.78 -36.45
CA ALA B 7 -29.44 -5.23 -36.78
C ALA B 7 -28.83 -6.04 -35.64
N HIS B 8 -29.25 -5.78 -34.41
CA HIS B 8 -28.87 -6.59 -33.26
C HIS B 8 -29.97 -7.59 -32.90
N ASN B 9 -30.97 -7.75 -33.77
CA ASN B 9 -32.02 -8.76 -33.63
C ASN B 9 -32.72 -8.68 -32.29
N VAL B 10 -33.06 -7.45 -31.89
CA VAL B 10 -33.63 -7.21 -30.57
C VAL B 10 -34.93 -7.99 -30.40
N THR B 11 -35.15 -8.49 -29.19
CA THR B 11 -36.36 -9.21 -28.82
C THR B 11 -36.85 -8.66 -27.48
N VAL B 12 -38.16 -8.43 -27.37
CA VAL B 12 -38.75 -7.81 -26.19
C VAL B 12 -39.97 -8.63 -25.77
N LEU B 13 -39.92 -9.17 -24.56
CA LEU B 13 -40.92 -10.12 -24.06
C LEU B 13 -41.36 -9.70 -22.66
N GLY B 14 -42.43 -10.34 -22.17
CA GLY B 14 -42.95 -10.03 -20.85
C GLY B 14 -43.41 -8.58 -20.74
N SER B 15 -43.57 -8.15 -19.49
CA SER B 15 -44.00 -6.79 -19.19
C SER B 15 -43.84 -6.55 -17.69
N GLY B 16 -43.47 -5.33 -17.33
CA GLY B 16 -43.33 -4.99 -15.91
C GLY B 16 -42.92 -3.54 -15.72
N GLU B 17 -42.77 -3.20 -14.44
CA GLU B 17 -42.40 -1.84 -14.06
C GLU B 17 -41.05 -1.44 -14.63
N THR B 18 -40.08 -2.36 -14.62
CA THR B 18 -38.72 -2.07 -15.04
C THR B 18 -38.25 -3.12 -16.04
N THR B 19 -37.28 -2.73 -16.86
CA THR B 19 -36.78 -3.55 -17.94
C THR B 19 -35.48 -4.26 -17.53
N VAL B 20 -35.32 -5.49 -18.02
CA VAL B 20 -34.09 -6.24 -17.86
C VAL B 20 -33.48 -6.47 -19.23
N VAL B 21 -32.17 -6.28 -19.34
CA VAL B 21 -31.45 -6.33 -20.61
C VAL B 21 -30.42 -7.45 -20.56
N LEU B 22 -30.50 -8.36 -21.51
CA LEU B 22 -29.68 -9.57 -21.53
C LEU B 22 -28.65 -9.48 -22.65
N GLY B 23 -27.37 -9.51 -22.29
CA GLY B 23 -26.30 -9.49 -23.26
C GLY B 23 -25.48 -10.77 -23.17
N HIS B 24 -24.98 -11.20 -24.33
CA HIS B 24 -24.26 -12.46 -24.44
C HIS B 24 -22.75 -12.23 -24.54
N GLY B 25 -22.00 -13.32 -24.50
CA GLY B 25 -20.55 -13.29 -24.58
C GLY B 25 -20.05 -13.70 -25.96
N PHE B 26 -18.72 -13.75 -26.07
CA PHE B 26 -18.11 -14.15 -27.33
C PHE B 26 -18.49 -15.59 -27.69
N GLY B 27 -18.82 -15.80 -28.96
CA GLY B 27 -19.12 -17.12 -29.47
C GLY B 27 -20.58 -17.50 -29.42
N THR B 28 -21.43 -16.69 -28.80
CA THR B 28 -22.83 -17.06 -28.62
C THR B 28 -23.74 -15.93 -29.13
N ASP B 29 -25.04 -16.04 -28.89
CA ASP B 29 -25.97 -14.95 -29.17
C ASP B 29 -27.03 -14.94 -28.06
N GLN B 30 -28.12 -14.21 -28.29
CA GLN B 30 -29.12 -14.05 -27.24
C GLN B 30 -29.83 -15.34 -26.88
N SER B 31 -29.79 -16.35 -27.76
CA SER B 31 -30.31 -17.66 -27.41
C SER B 31 -29.52 -18.34 -26.31
N VAL B 32 -28.41 -17.74 -25.86
CA VAL B 32 -27.68 -18.23 -24.70
C VAL B 32 -28.52 -18.16 -23.43
N TRP B 33 -29.62 -17.41 -23.45
CA TRP B 33 -30.41 -17.14 -22.25
C TRP B 33 -31.68 -17.98 -22.18
N LYS B 34 -31.72 -19.13 -22.86
CA LYS B 34 -32.90 -20.00 -22.86
C LYS B 34 -33.53 -20.17 -21.48
N TYR B 35 -32.70 -20.38 -20.46
CA TYR B 35 -33.20 -20.85 -19.18
C TYR B 35 -33.53 -19.74 -18.22
N LEU B 36 -33.05 -18.52 -18.47
CA LEU B 36 -33.40 -17.39 -17.63
C LEU B 36 -34.70 -16.72 -18.10
N VAL B 37 -35.05 -16.85 -19.38
CA VAL B 37 -36.15 -16.06 -19.95
C VAL B 37 -37.47 -16.25 -19.19
N PRO B 38 -37.97 -17.49 -19.01
CA PRO B 38 -39.36 -17.59 -18.54
C PRO B 38 -39.52 -17.25 -17.07
N HIS B 39 -38.44 -17.27 -16.31
CA HIS B 39 -38.45 -16.87 -14.91
C HIS B 39 -38.45 -15.35 -14.74
N LEU B 40 -38.36 -14.59 -15.84
CA LEU B 40 -38.35 -13.13 -15.78
C LEU B 40 -39.57 -12.48 -16.38
N THR B 41 -40.22 -13.14 -17.34
CA THR B 41 -41.24 -12.48 -18.16
C THR B 41 -42.54 -12.21 -17.42
N ASP B 42 -42.74 -12.79 -16.24
CA ASP B 42 -43.95 -12.48 -15.48
C ASP B 42 -43.83 -11.17 -14.72
N ASP B 43 -42.63 -10.82 -14.24
CA ASP B 43 -42.50 -9.60 -13.46
C ASP B 43 -41.70 -8.51 -14.16
N TYR B 44 -40.92 -8.82 -15.19
CA TYR B 44 -40.07 -7.82 -15.86
C TYR B 44 -40.33 -7.78 -17.35
N ARG B 45 -40.16 -6.58 -17.92
CA ARG B 45 -39.99 -6.40 -19.35
C ARG B 45 -38.56 -6.81 -19.71
N VAL B 46 -38.41 -7.78 -20.60
CA VAL B 46 -37.10 -8.34 -20.91
C VAL B 46 -36.72 -7.95 -22.33
N LEU B 47 -35.45 -7.58 -22.50
CA LEU B 47 -34.90 -7.17 -23.78
C LEU B 47 -33.63 -7.97 -24.04
N LEU B 48 -33.59 -8.69 -25.16
CA LEU B 48 -32.41 -9.45 -25.56
C LEU B 48 -31.81 -8.85 -26.81
N TYR B 49 -30.49 -8.75 -26.86
CA TYR B 49 -29.81 -8.20 -28.01
C TYR B 49 -28.54 -9.01 -28.29
N ASP B 50 -28.21 -9.10 -29.58
CA ASP B 50 -26.98 -9.73 -30.02
C ASP B 50 -25.93 -8.66 -30.25
N ASN B 51 -24.71 -8.90 -29.77
CA ASN B 51 -23.60 -8.03 -30.12
C ASN B 51 -23.38 -8.07 -31.61
N MET B 52 -23.04 -6.92 -32.20
CA MET B 52 -22.65 -6.92 -33.60
C MET B 52 -21.39 -7.77 -33.79
N GLY B 53 -21.43 -8.64 -34.79
CA GLY B 53 -20.40 -9.65 -35.00
C GLY B 53 -20.90 -11.06 -34.77
N ALA B 54 -21.86 -11.23 -33.85
CA ALA B 54 -22.46 -12.54 -33.62
C ALA B 54 -23.01 -13.12 -34.92
N GLY B 55 -22.89 -14.44 -35.07
CA GLY B 55 -23.22 -15.13 -36.30
C GLY B 55 -24.61 -14.85 -36.85
N THR B 56 -25.50 -14.35 -36.01
CA THR B 56 -26.85 -14.00 -36.43
C THR B 56 -26.96 -12.60 -36.99
N THR B 57 -25.85 -11.86 -37.07
CA THR B 57 -25.85 -10.50 -37.57
C THR B 57 -25.30 -10.43 -38.99
N ASP B 58 -25.59 -9.32 -39.65
CA ASP B 58 -25.10 -9.08 -41.00
C ASP B 58 -23.61 -8.78 -40.96
N PRO B 59 -22.76 -9.60 -41.60
CA PRO B 59 -21.32 -9.30 -41.58
C PRO B 59 -20.98 -7.96 -42.20
N ASN B 60 -21.79 -7.48 -43.14
CA ASN B 60 -21.56 -6.19 -43.77
C ASN B 60 -21.82 -5.03 -42.82
N LEU B 61 -22.48 -5.27 -41.70
CA LEU B 61 -22.71 -4.24 -40.69
C LEU B 61 -21.63 -4.21 -39.62
N TYR B 62 -20.62 -5.07 -39.71
CA TYR B 62 -19.52 -5.07 -38.76
C TYR B 62 -18.47 -4.09 -39.26
N ASP B 63 -18.47 -2.88 -38.70
CA ASP B 63 -17.47 -1.88 -39.05
C ASP B 63 -16.24 -2.26 -38.24
N PHE B 64 -15.15 -2.61 -38.91
CA PHE B 64 -13.95 -3.06 -38.21
C PHE B 64 -13.29 -1.93 -37.42
N GLU B 65 -13.28 -0.71 -37.98
CA GLU B 65 -12.72 0.42 -37.24
C GLU B 65 -13.52 0.68 -35.98
N ARG B 66 -14.83 0.54 -36.04
CA ARG B 66 -15.69 0.87 -34.91
C ARG B 66 -15.55 -0.15 -33.79
N TYR B 67 -15.45 -1.43 -34.13
CA TYR B 67 -15.46 -2.50 -33.14
C TYR B 67 -14.07 -2.98 -32.75
N SER B 68 -13.03 -2.32 -33.25
CA SER B 68 -11.68 -2.54 -32.73
C SER B 68 -11.51 -2.01 -31.31
N SER B 69 -12.49 -1.25 -30.83
CA SER B 69 -12.54 -0.80 -29.44
C SER B 69 -13.85 -1.26 -28.82
N LEU B 70 -13.81 -1.50 -27.51
CA LEU B 70 -15.01 -1.91 -26.80
C LEU B 70 -16.09 -0.85 -26.89
N GLU B 71 -15.70 0.43 -26.91
CA GLU B 71 -16.65 1.54 -26.92
C GLU B 71 -17.61 1.48 -28.10
N GLY B 72 -17.23 0.80 -29.19
CA GLY B 72 -18.15 0.65 -30.31
C GLY B 72 -19.35 -0.20 -29.96
N HIS B 73 -19.14 -1.31 -29.24
CA HIS B 73 -20.26 -2.09 -28.75
C HIS B 73 -21.04 -1.31 -27.70
N SER B 74 -20.36 -0.44 -26.95
CA SER B 74 -21.04 0.38 -25.94
C SER B 74 -21.96 1.41 -26.57
N GLN B 75 -21.51 2.05 -27.66
CA GLN B 75 -22.38 2.99 -28.36
C GLN B 75 -23.58 2.28 -28.97
N ASP B 76 -23.43 0.99 -29.32
CA ASP B 76 -24.56 0.23 -29.83
C ASP B 76 -25.62 0.02 -28.75
N LEU B 77 -25.18 -0.31 -27.53
CA LEU B 77 -26.12 -0.65 -26.47
C LEU B 77 -26.92 0.57 -26.01
N ILE B 78 -26.23 1.71 -25.81
CA ILE B 78 -26.93 2.95 -25.50
C ILE B 78 -27.97 3.25 -26.57
N ALA B 79 -27.63 3.01 -27.83
CA ALA B 79 -28.55 3.28 -28.93
C ALA B 79 -29.73 2.32 -28.93
N ILE B 80 -29.51 1.07 -28.54
CA ILE B 80 -30.63 0.13 -28.44
C ILE B 80 -31.58 0.54 -27.33
N LEU B 81 -31.03 0.86 -26.15
CA LEU B 81 -31.86 1.31 -25.05
C LEU B 81 -32.69 2.53 -25.43
N GLU B 82 -32.02 3.55 -25.98
CA GLU B 82 -32.72 4.77 -26.40
C GLU B 82 -33.84 4.45 -27.38
N GLU B 83 -33.59 3.53 -28.31
CA GLU B 83 -34.59 3.21 -29.33
C GLU B 83 -35.80 2.52 -28.73
N PHE B 84 -35.60 1.69 -27.71
CA PHE B 84 -36.69 0.99 -27.05
C PHE B 84 -37.13 1.67 -25.77
N HIS B 85 -36.78 2.95 -25.61
CA HIS B 85 -37.26 3.79 -24.50
C HIS B 85 -37.00 3.14 -23.14
N VAL B 86 -35.82 2.54 -23.00
CA VAL B 86 -35.42 1.91 -21.75
C VAL B 86 -34.76 2.95 -20.86
N THR B 87 -35.20 3.02 -19.60
CA THR B 87 -34.58 3.89 -18.62
C THR B 87 -34.32 3.09 -17.34
N LYS B 88 -33.13 3.26 -16.78
CA LYS B 88 -32.71 2.63 -15.53
C LYS B 88 -33.03 1.13 -15.52
N CYS B 89 -32.40 0.41 -16.44
CA CYS B 89 -32.67 -1.01 -16.60
C CYS B 89 -31.87 -1.83 -15.61
N ILE B 90 -32.19 -3.13 -15.56
CA ILE B 90 -31.38 -4.13 -14.88
C ILE B 90 -30.59 -4.85 -15.96
N PHE B 91 -29.28 -4.59 -16.03
CA PHE B 91 -28.46 -5.13 -17.11
C PHE B 91 -27.80 -6.42 -16.66
N VAL B 92 -28.09 -7.51 -17.36
CA VAL B 92 -27.53 -8.82 -17.09
C VAL B 92 -26.69 -9.22 -18.29
N GLY B 93 -25.37 -9.18 -18.14
CA GLY B 93 -24.49 -9.45 -19.26
C GLY B 93 -23.48 -10.56 -19.00
N HIS B 94 -23.23 -11.38 -19.99
CA HIS B 94 -22.28 -12.41 -19.82
C HIS B 94 -21.01 -12.10 -20.52
N ALA B 95 -19.94 -12.24 -19.80
CA ALA B 95 -18.59 -12.09 -20.35
C ALA B 95 -18.39 -10.73 -21.02
N LEU B 96 -18.50 -10.69 -22.36
CA LEU B 96 -18.22 -9.45 -23.09
C LEU B 96 -19.20 -8.35 -22.70
N SER B 97 -20.50 -8.61 -22.87
CA SER B 97 -21.49 -7.59 -22.65
C SER B 97 -21.47 -7.04 -21.23
N SER B 98 -20.94 -7.81 -20.27
CA SER B 98 -20.80 -7.31 -18.91
C SER B 98 -19.93 -6.05 -18.87
N MET B 99 -18.81 -6.06 -19.61
CA MET B 99 -17.93 -4.90 -19.67
C MET B 99 -18.50 -3.83 -20.58
N VAL B 100 -19.11 -4.24 -21.70
CA VAL B 100 -19.85 -3.31 -22.55
C VAL B 100 -20.86 -2.53 -21.71
N GLY B 101 -21.63 -3.24 -20.90
CA GLY B 101 -22.59 -2.57 -20.05
C GLY B 101 -21.93 -1.65 -19.03
N ALA B 102 -20.81 -2.09 -18.44
CA ALA B 102 -20.18 -1.32 -17.38
C ALA B 102 -19.71 0.05 -17.87
N VAL B 103 -19.11 0.10 -19.06
CA VAL B 103 -18.66 1.39 -19.58
C VAL B 103 -19.83 2.20 -20.12
N SER B 104 -20.90 1.53 -20.57
CA SER B 104 -22.10 2.25 -20.96
C SER B 104 -22.70 3.02 -19.80
N SER B 105 -22.60 2.47 -18.59
CA SER B 105 -23.13 3.12 -17.40
C SER B 105 -22.28 4.30 -16.95
N ILE B 106 -20.99 4.33 -17.29
CA ILE B 106 -20.17 5.49 -16.99
C ILE B 106 -20.61 6.68 -17.84
N PHE B 107 -20.92 6.43 -19.11
CA PHE B 107 -21.38 7.50 -20.00
C PHE B 107 -22.80 7.92 -19.68
N ARG B 108 -23.72 6.95 -19.60
CA ARG B 108 -25.15 7.20 -19.44
C ARG B 108 -25.66 6.43 -18.25
N PRO B 109 -25.35 6.91 -17.02
CA PRO B 109 -25.87 6.26 -15.82
C PRO B 109 -27.38 6.32 -15.69
N ASP B 110 -28.04 7.16 -16.50
CA ASP B 110 -29.50 7.28 -16.46
C ASP B 110 -30.19 6.07 -17.07
N LEU B 111 -29.49 5.29 -17.89
CA LEU B 111 -30.08 4.12 -18.53
C LEU B 111 -29.89 2.84 -17.74
N PHE B 112 -29.16 2.88 -16.63
CA PHE B 112 -28.84 1.69 -15.85
C PHE B 112 -29.21 1.91 -14.40
N ARG B 113 -29.89 0.94 -13.80
CA ARG B 113 -30.10 0.89 -12.37
C ARG B 113 -29.08 0.01 -11.66
N LYS B 114 -28.79 -1.16 -12.21
CA LYS B 114 -27.76 -2.03 -11.66
C LYS B 114 -27.32 -3.02 -12.72
N ILE B 115 -26.19 -3.68 -12.45
CA ILE B 115 -25.57 -4.62 -13.38
C ILE B 115 -25.42 -5.97 -12.69
N VAL B 116 -25.82 -7.03 -13.37
CA VAL B 116 -25.50 -8.40 -12.98
C VAL B 116 -24.59 -8.97 -14.05
N MET B 117 -23.39 -9.37 -13.66
CA MET B 117 -22.39 -9.86 -14.60
C MET B 117 -21.98 -11.28 -14.27
N ILE B 118 -21.68 -12.06 -15.31
CA ILE B 118 -21.27 -13.44 -15.19
C ILE B 118 -20.04 -13.64 -16.08
N SER B 119 -18.98 -14.19 -15.50
CA SER B 119 -17.72 -14.45 -16.21
C SER B 119 -17.11 -13.16 -16.74
N ALA B 120 -17.17 -12.10 -15.93
CA ALA B 120 -16.67 -10.80 -16.34
C ALA B 120 -15.16 -10.73 -16.19
N CYS B 121 -14.49 -10.25 -17.24
CA CYS B 121 -13.03 -10.10 -17.24
C CYS B 121 -12.66 -8.68 -17.67
N PRO B 122 -12.08 -7.87 -16.79
CA PRO B 122 -11.68 -6.51 -17.17
C PRO B 122 -10.36 -6.46 -17.92
N ARG B 123 -9.61 -7.56 -17.99
CA ARG B 123 -8.37 -7.65 -18.75
C ARG B 123 -7.94 -9.11 -18.83
N VAL B 124 -7.75 -9.63 -20.05
CA VAL B 124 -7.50 -11.05 -20.24
C VAL B 124 -6.15 -11.45 -19.65
N ALA B 125 -5.11 -10.67 -19.91
CA ALA B 125 -3.75 -11.05 -19.55
C ALA B 125 -3.36 -10.57 -18.16
N ASN B 126 -2.40 -11.27 -17.56
CA ASN B 126 -1.88 -10.89 -16.26
C ASN B 126 -1.20 -9.53 -16.31
N ALA B 127 -1.11 -8.89 -15.15
CA ALA B 127 -0.40 -7.64 -14.99
C ALA B 127 0.24 -7.62 -13.62
N ASP B 128 1.08 -6.61 -13.39
CA ASP B 128 1.64 -6.38 -12.06
C ASP B 128 0.50 -6.27 -11.06
N ASP B 129 0.41 -7.24 -10.14
CA ASP B 129 -0.67 -7.29 -9.15
C ASP B 129 -2.04 -7.35 -9.82
N TYR B 130 -2.16 -8.20 -10.84
CA TYR B 130 -3.45 -8.54 -11.43
C TYR B 130 -3.36 -9.90 -12.07
N TYR B 131 -4.14 -10.86 -11.57
CA TYR B 131 -4.13 -12.23 -12.06
C TYR B 131 -5.35 -12.49 -12.93
N GLY B 132 -5.13 -12.76 -14.21
CA GLY B 132 -6.21 -13.04 -15.13
C GLY B 132 -6.19 -14.44 -15.70
N GLY B 133 -5.06 -15.14 -15.50
CA GLY B 133 -4.95 -16.50 -16.00
C GLY B 133 -3.63 -16.77 -16.70
N PHE B 134 -3.43 -16.17 -17.87
CA PHE B 134 -2.24 -16.38 -18.67
C PHE B 134 -1.41 -15.11 -18.74
N GLU B 135 -0.12 -15.28 -19.03
CA GLU B 135 0.74 -14.14 -19.30
C GLU B 135 0.41 -13.54 -20.66
N GLU B 136 0.81 -12.29 -20.86
CA GLU B 136 0.41 -11.57 -22.06
C GLU B 136 0.99 -12.19 -23.32
N GLU B 137 2.26 -12.59 -23.28
CA GLU B 137 2.89 -13.16 -24.47
C GLU B 137 2.27 -14.49 -24.86
N ASP B 138 1.82 -15.28 -23.88
CA ASP B 138 1.18 -16.55 -24.21
C ASP B 138 -0.23 -16.35 -24.75
N VAL B 139 -0.89 -15.26 -24.37
CA VAL B 139 -2.14 -14.89 -25.01
C VAL B 139 -1.90 -14.50 -26.46
N ASN B 140 -0.83 -13.74 -26.72
CA ASN B 140 -0.48 -13.37 -28.09
C ASN B 140 -0.11 -14.57 -28.94
N GLN B 141 0.28 -15.69 -28.32
CA GLN B 141 0.59 -16.89 -29.09
C GLN B 141 -0.68 -17.67 -29.42
N LEU B 142 -1.62 -17.75 -28.49
CA LEU B 142 -2.89 -18.41 -28.78
C LEU B 142 -3.67 -17.64 -29.83
N TYR B 143 -3.65 -16.31 -29.77
CA TYR B 143 -4.29 -15.54 -30.83
C TYR B 143 -3.61 -15.75 -32.17
N GLY B 144 -2.28 -15.74 -32.18
CA GLY B 144 -1.55 -15.94 -33.43
C GLY B 144 -1.83 -17.30 -34.04
N ALA B 145 -1.94 -18.34 -33.20
CA ALA B 145 -2.32 -19.65 -33.70
C ALA B 145 -3.68 -19.63 -34.36
N MET B 146 -4.58 -18.78 -33.87
CA MET B 146 -5.90 -18.64 -34.48
C MET B 146 -5.80 -18.07 -35.90
N GLU B 147 -4.99 -17.02 -36.07
CA GLU B 147 -4.86 -16.40 -37.39
C GLU B 147 -4.25 -17.36 -38.40
N GLU B 148 -3.25 -18.15 -37.97
CA GLU B 148 -2.60 -19.10 -38.86
C GLU B 148 -3.55 -20.20 -39.32
N ASN B 149 -4.52 -20.55 -38.48
CA ASN B 149 -5.32 -21.75 -38.68
C ASN B 149 -6.60 -21.66 -37.85
N PHE B 150 -7.55 -20.86 -38.33
CA PHE B 150 -8.73 -20.53 -37.53
C PHE B 150 -9.55 -21.77 -37.23
N GLN B 151 -9.94 -22.51 -38.27
CA GLN B 151 -10.83 -23.66 -38.10
C GLN B 151 -10.27 -24.66 -37.10
N THR B 152 -9.00 -25.02 -37.25
CA THR B 152 -8.39 -26.03 -36.38
C THR B 152 -8.34 -25.55 -34.94
N MET B 153 -7.78 -24.36 -34.72
CA MET B 153 -7.66 -23.81 -33.37
C MET B 153 -9.02 -23.73 -32.69
N MET B 154 -10.02 -23.17 -33.38
CA MET B 154 -11.31 -22.92 -32.76
C MET B 154 -12.05 -24.21 -32.44
N THR B 155 -11.77 -25.29 -33.18
CA THR B 155 -12.34 -26.58 -32.79
C THR B 155 -11.82 -27.00 -31.42
N GLY B 156 -10.53 -26.82 -31.18
CA GLY B 156 -9.97 -27.20 -29.89
C GLY B 156 -10.32 -26.24 -28.78
N TYR B 157 -10.53 -24.97 -29.09
CA TYR B 157 -10.82 -23.98 -28.06
C TYR B 157 -12.23 -24.10 -27.50
N ALA B 158 -13.19 -24.56 -28.33
CA ALA B 158 -14.58 -24.61 -27.88
C ALA B 158 -14.80 -25.52 -26.69
N PRO B 159 -14.36 -26.79 -26.69
CA PRO B 159 -14.60 -27.63 -25.50
C PRO B 159 -13.85 -27.14 -24.27
N ILE B 160 -12.70 -26.52 -24.46
CA ILE B 160 -11.95 -25.96 -23.34
C ILE B 160 -12.72 -24.83 -22.70
N VAL B 161 -13.44 -24.05 -23.51
CA VAL B 161 -14.19 -22.90 -22.99
C VAL B 161 -15.45 -23.35 -22.26
N VAL B 162 -16.20 -24.28 -22.85
CA VAL B 162 -17.48 -24.67 -22.24
C VAL B 162 -17.25 -25.61 -21.06
N GLY B 163 -16.23 -26.45 -21.12
CA GLY B 163 -16.00 -27.41 -20.05
C GLY B 163 -17.05 -28.50 -20.03
N GLY B 164 -16.95 -29.35 -19.02
CA GLY B 164 -17.86 -30.46 -18.89
C GLY B 164 -17.55 -31.57 -19.88
N ASP B 165 -18.50 -32.49 -19.99
CA ASP B 165 -18.32 -33.66 -20.85
C ASP B 165 -18.47 -33.29 -22.32
N LEU B 166 -17.84 -34.08 -23.17
CA LEU B 166 -17.96 -33.90 -24.61
C LEU B 166 -19.38 -34.20 -25.07
N GLU B 167 -19.84 -33.45 -26.07
CA GLU B 167 -21.10 -33.72 -26.74
C GLU B 167 -22.27 -33.71 -25.74
N SER B 168 -22.23 -32.76 -24.82
CA SER B 168 -23.39 -32.38 -24.03
C SER B 168 -24.15 -31.28 -24.78
N GLU B 169 -25.30 -30.90 -24.23
CA GLU B 169 -26.14 -29.89 -24.87
C GLU B 169 -25.37 -28.60 -25.08
N ALA B 170 -24.84 -28.03 -23.99
CA ALA B 170 -24.17 -26.73 -24.08
C ALA B 170 -22.94 -26.77 -24.96
N MET B 171 -22.24 -27.91 -25.00
CA MET B 171 -21.01 -28.01 -25.77
C MET B 171 -21.29 -27.95 -27.27
N GLN B 172 -22.34 -28.63 -27.73
CA GLN B 172 -22.65 -28.64 -29.16
C GLN B 172 -23.32 -27.34 -29.59
N GLU B 173 -24.17 -26.77 -28.72
CA GLU B 173 -24.84 -25.52 -29.08
C GLU B 173 -23.85 -24.36 -29.13
N PHE B 174 -22.85 -24.37 -28.24
CA PHE B 174 -21.84 -23.31 -28.29
C PHE B 174 -20.98 -23.43 -29.53
N SER B 175 -20.56 -24.65 -29.87
CA SER B 175 -19.75 -24.86 -31.07
C SER B 175 -20.50 -24.45 -32.33
N ARG B 176 -21.83 -24.55 -32.31
CA ARG B 176 -22.61 -24.18 -33.49
C ARG B 176 -22.58 -22.67 -33.71
N THR B 177 -22.95 -21.89 -32.69
CA THR B 177 -22.94 -20.44 -32.82
C THR B 177 -21.54 -19.90 -33.09
N LEU B 178 -20.51 -20.55 -32.53
CA LEU B 178 -19.14 -20.09 -32.72
C LEU B 178 -18.71 -20.21 -34.17
N PHE B 179 -18.96 -21.37 -34.79
CA PHE B 179 -18.55 -21.61 -36.17
C PHE B 179 -19.52 -21.00 -37.18
N ASN B 180 -20.48 -20.20 -36.73
CA ASN B 180 -21.30 -19.41 -37.62
C ASN B 180 -20.81 -17.97 -37.75
N MET B 181 -19.75 -17.61 -37.03
CA MET B 181 -19.14 -16.30 -37.18
C MET B 181 -18.22 -16.30 -38.40
N ARG B 182 -18.24 -15.19 -39.14
CA ARG B 182 -17.23 -15.00 -40.17
C ARG B 182 -15.88 -14.90 -39.48
N PRO B 183 -14.91 -15.75 -39.83
CA PRO B 183 -13.65 -15.80 -39.04
C PRO B 183 -12.93 -14.47 -38.92
N ASP B 184 -12.88 -13.66 -39.97
CA ASP B 184 -12.20 -12.38 -39.86
C ASP B 184 -12.88 -11.47 -38.84
N ILE B 185 -14.21 -11.57 -38.72
CA ILE B 185 -14.92 -10.82 -37.70
C ILE B 185 -14.64 -11.41 -36.31
N ALA B 186 -14.61 -12.74 -36.21
CA ALA B 186 -14.27 -13.38 -34.95
C ALA B 186 -12.88 -13.01 -34.49
N LEU B 187 -11.92 -12.93 -35.42
CA LEU B 187 -10.58 -12.52 -35.07
C LEU B 187 -10.55 -11.05 -34.66
N SER B 188 -11.35 -10.22 -35.30
CA SER B 188 -11.42 -8.80 -34.92
C SER B 188 -11.97 -8.64 -33.51
N ILE B 189 -12.98 -9.43 -33.14
CA ILE B 189 -13.51 -9.36 -31.78
C ILE B 189 -12.45 -9.79 -30.78
N CYS B 190 -11.70 -10.85 -31.09
CA CYS B 190 -10.68 -11.34 -30.17
C CYS B 190 -9.58 -10.31 -29.95
N ARG B 191 -9.16 -9.63 -31.03
CA ARG B 191 -8.18 -8.56 -30.86
C ARG B 191 -8.74 -7.43 -30.02
N MET B 192 -10.02 -7.14 -30.18
CA MET B 192 -10.66 -6.16 -29.31
C MET B 192 -10.65 -6.64 -27.86
N ILE B 193 -11.08 -7.88 -27.63
CA ILE B 193 -11.17 -8.41 -26.27
C ILE B 193 -9.78 -8.49 -25.63
N SER B 194 -8.85 -9.16 -26.30
CA SER B 194 -7.50 -9.30 -25.78
C SER B 194 -6.80 -7.96 -25.60
N GLY B 195 -7.28 -6.92 -26.26
CA GLY B 195 -6.62 -5.63 -26.22
C GLY B 195 -7.08 -4.67 -25.14
N TYR B 196 -8.28 -4.87 -24.60
CA TYR B 196 -8.79 -3.86 -23.67
C TYR B 196 -8.22 -4.06 -22.27
N ASP B 197 -8.15 -2.96 -21.54
CA ASP B 197 -7.69 -2.93 -20.14
C ASP B 197 -8.63 -1.98 -19.40
N LEU B 198 -9.67 -2.54 -18.79
CA LEU B 198 -10.69 -1.75 -18.12
C LEU B 198 -10.39 -1.54 -16.65
N ARG B 199 -9.22 -1.96 -16.17
CA ARG B 199 -8.83 -1.69 -14.79
C ARG B 199 -8.92 -0.21 -14.42
N PRO B 200 -8.36 0.73 -15.19
CA PRO B 200 -8.50 2.16 -14.83
C PRO B 200 -9.94 2.67 -14.88
N TYR B 201 -10.87 1.91 -15.47
CA TYR B 201 -12.25 2.34 -15.59
C TYR B 201 -13.11 1.96 -14.40
N LEU B 202 -12.76 0.88 -13.70
CA LEU B 202 -13.64 0.32 -12.67
C LEU B 202 -13.96 1.34 -11.59
N GLY B 203 -13.04 2.27 -11.32
CA GLY B 203 -13.30 3.31 -10.34
C GLY B 203 -14.43 4.25 -10.70
N LEU B 204 -14.74 4.38 -12.00
CA LEU B 204 -15.82 5.25 -12.41
C LEU B 204 -17.14 4.52 -12.61
N VAL B 205 -17.14 3.18 -12.61
CA VAL B 205 -18.39 2.44 -12.58
C VAL B 205 -18.98 2.62 -11.19
N VAL B 206 -19.97 3.50 -11.08
CA VAL B 206 -20.60 3.79 -9.79
C VAL B 206 -21.92 3.06 -9.62
N ILE B 207 -22.47 2.48 -10.69
CA ILE B 207 -23.71 1.69 -10.63
C ILE B 207 -23.43 0.39 -9.88
N PRO B 208 -24.36 -0.10 -9.05
CA PRO B 208 -24.09 -1.32 -8.26
C PRO B 208 -23.95 -2.55 -9.16
N CYS B 209 -22.93 -3.36 -8.89
CA CYS B 209 -22.60 -4.52 -9.72
C CYS B 209 -22.69 -5.80 -8.89
N HIS B 210 -23.33 -6.82 -9.45
CA HIS B 210 -23.43 -8.14 -8.85
C HIS B 210 -22.50 -9.07 -9.63
N ILE B 211 -21.40 -9.47 -9.00
CA ILE B 211 -20.38 -10.28 -9.65
C ILE B 211 -20.68 -11.75 -9.37
N ILE B 212 -21.12 -12.46 -10.41
CA ILE B 212 -21.38 -13.89 -10.31
C ILE B 212 -20.31 -14.61 -11.12
N GLN B 213 -19.82 -15.72 -10.57
CA GLN B 213 -18.56 -16.29 -11.03
C GLN B 213 -18.53 -17.80 -10.79
N SER B 214 -18.22 -18.56 -11.84
CA SER B 214 -18.07 -20.00 -11.67
C SER B 214 -16.69 -20.31 -11.09
N SER B 215 -16.65 -21.27 -10.16
CA SER B 215 -15.44 -21.56 -9.40
C SER B 215 -14.38 -22.26 -10.23
N LYS B 216 -14.76 -22.91 -11.32
CA LYS B 216 -13.82 -23.60 -12.20
C LYS B 216 -14.08 -23.14 -13.64
N ASP B 217 -13.82 -21.86 -13.89
CA ASP B 217 -13.82 -21.29 -15.24
C ASP B 217 -12.37 -21.03 -15.61
N LYS B 218 -11.86 -21.78 -16.59
CA LYS B 218 -10.47 -21.66 -16.99
C LYS B 218 -10.15 -20.31 -17.64
N LEU B 219 -11.15 -19.62 -18.17
CA LEU B 219 -10.93 -18.33 -18.82
C LEU B 219 -11.00 -17.16 -17.86
N VAL B 220 -11.60 -17.34 -16.68
CA VAL B 220 -11.75 -16.25 -15.71
C VAL B 220 -11.53 -16.83 -14.31
N PRO B 221 -10.37 -16.59 -13.70
CA PRO B 221 -10.11 -17.14 -12.37
C PRO B 221 -10.91 -16.42 -11.30
N VAL B 222 -11.01 -17.09 -10.14
CA VAL B 222 -11.77 -16.53 -9.02
C VAL B 222 -11.14 -15.24 -8.52
N ALA B 223 -9.81 -15.12 -8.68
CA ALA B 223 -9.14 -13.87 -8.30
C ALA B 223 -9.69 -12.68 -9.05
N VAL B 224 -10.16 -12.89 -10.28
CA VAL B 224 -10.70 -11.78 -11.07
C VAL B 224 -11.97 -11.23 -10.42
N ALA B 225 -12.81 -12.12 -9.89
CA ALA B 225 -14.01 -11.67 -9.19
C ALA B 225 -13.64 -10.82 -7.98
N GLU B 226 -12.60 -11.21 -7.25
CA GLU B 226 -12.16 -10.41 -6.10
C GLU B 226 -11.67 -9.05 -6.55
N TYR B 227 -10.82 -9.02 -7.59
CA TYR B 227 -10.27 -7.76 -8.07
C TYR B 227 -11.38 -6.80 -8.49
N LEU B 228 -12.40 -7.29 -9.19
CA LEU B 228 -13.54 -6.46 -9.52
C LEU B 228 -14.18 -5.88 -8.27
N HIS B 229 -14.33 -6.70 -7.23
CA HIS B 229 -15.04 -6.29 -6.04
C HIS B 229 -14.30 -5.17 -5.30
N ARG B 230 -12.96 -5.19 -5.31
CA ARG B 230 -12.22 -4.16 -4.58
C ARG B 230 -12.10 -2.85 -5.34
N ASN B 231 -12.31 -2.84 -6.65
CA ASN B 231 -11.97 -1.68 -7.46
C ASN B 231 -13.17 -0.99 -8.09
N PHE B 232 -14.37 -1.55 -7.99
CA PHE B 232 -15.56 -0.85 -8.46
C PHE B 232 -15.81 0.39 -7.61
N GLY B 233 -16.27 1.46 -8.26
CA GLY B 233 -16.46 2.72 -7.55
C GLY B 233 -17.67 2.74 -6.64
N GLY B 234 -18.73 2.02 -7.00
CA GLY B 234 -19.92 1.93 -6.20
C GLY B 234 -19.95 0.66 -5.37
N LYS B 235 -21.15 0.27 -4.97
CA LYS B 235 -21.29 -0.98 -4.24
C LYS B 235 -21.15 -2.16 -5.19
N SER B 236 -20.98 -3.34 -4.60
CA SER B 236 -20.66 -4.56 -5.31
C SER B 236 -20.64 -5.73 -4.34
N VAL B 237 -21.13 -6.90 -4.74
CA VAL B 237 -20.99 -8.12 -3.96
C VAL B 237 -20.73 -9.29 -4.91
N VAL B 238 -20.00 -10.28 -4.39
CA VAL B 238 -19.59 -11.44 -5.16
C VAL B 238 -20.38 -12.66 -4.70
N GLU B 239 -20.68 -13.55 -5.65
CA GLU B 239 -21.20 -14.87 -5.33
C GLU B 239 -20.58 -15.89 -6.25
N LEU B 240 -19.97 -16.92 -5.67
CA LEU B 240 -19.37 -18.01 -6.43
C LEU B 240 -20.43 -19.04 -6.79
N ILE B 241 -20.37 -19.54 -7.99
CA ILE B 241 -21.28 -20.59 -8.45
C ILE B 241 -20.48 -21.88 -8.57
N PRO B 242 -20.84 -22.93 -7.86
CA PRO B 242 -20.02 -24.14 -7.85
C PRO B 242 -20.21 -24.99 -9.10
N THR B 243 -19.52 -24.63 -10.18
CA THR B 243 -19.64 -25.36 -11.43
C THR B 243 -18.43 -25.06 -12.31
N GLU B 244 -18.36 -25.76 -13.44
CA GLU B 244 -17.25 -25.69 -14.37
C GLU B 244 -17.70 -25.03 -15.67
N GLY B 245 -16.74 -24.41 -16.35
CA GLY B 245 -16.96 -23.87 -17.67
C GLY B 245 -17.22 -22.37 -17.67
N HIS B 246 -17.15 -21.80 -18.87
CA HIS B 246 -17.27 -20.36 -19.06
C HIS B 246 -18.71 -19.89 -19.26
N LEU B 247 -19.64 -20.78 -19.63
CA LEU B 247 -21.04 -20.42 -19.82
C LEU B 247 -21.91 -21.23 -18.88
N PRO B 248 -21.84 -20.93 -17.58
CA PRO B 248 -22.67 -21.68 -16.62
C PRO B 248 -24.16 -21.44 -16.82
N HIS B 249 -24.56 -20.27 -17.33
CA HIS B 249 -25.97 -20.00 -17.56
C HIS B 249 -26.55 -20.92 -18.62
N LEU B 250 -25.71 -21.45 -19.50
CA LEU B 250 -26.15 -22.44 -20.48
C LEU B 250 -25.83 -23.87 -20.05
N SER B 251 -24.66 -24.10 -19.47
CA SER B 251 -24.22 -25.44 -19.14
C SER B 251 -24.70 -25.94 -17.79
N ALA B 252 -25.07 -25.05 -16.87
CA ALA B 252 -25.48 -25.45 -15.52
C ALA B 252 -26.60 -24.55 -15.01
N PRO B 253 -27.75 -24.54 -15.69
CA PRO B 253 -28.82 -23.62 -15.27
C PRO B 253 -29.44 -23.96 -13.93
N ASP B 254 -29.42 -25.22 -13.53
CA ASP B 254 -30.02 -25.60 -12.25
C ASP B 254 -29.33 -24.88 -11.09
N ILE B 255 -28.02 -24.73 -11.17
CA ILE B 255 -27.31 -23.94 -10.16
C ILE B 255 -27.38 -22.46 -10.48
N THR B 256 -27.27 -22.11 -11.77
CA THR B 256 -26.89 -20.75 -12.15
C THR B 256 -28.09 -19.79 -12.13
N ILE B 257 -29.21 -20.18 -12.72
CA ILE B 257 -30.30 -19.24 -12.91
C ILE B 257 -30.95 -18.87 -11.57
N PRO B 258 -31.13 -19.80 -10.61
CA PRO B 258 -31.53 -19.37 -9.25
C PRO B 258 -30.68 -18.24 -8.70
N VAL B 259 -29.36 -18.29 -8.89
CA VAL B 259 -28.50 -17.22 -8.41
C VAL B 259 -28.73 -15.93 -9.20
N LEU B 260 -28.88 -16.06 -10.52
CA LEU B 260 -29.16 -14.89 -11.34
C LEU B 260 -30.47 -14.24 -10.94
N ILE B 261 -31.52 -15.04 -10.74
CA ILE B 261 -32.82 -14.52 -10.31
C ILE B 261 -32.67 -13.73 -9.00
N ARG B 262 -31.93 -14.29 -8.05
CA ARG B 262 -31.80 -13.65 -6.74
C ARG B 262 -31.06 -12.31 -6.84
N HIS B 263 -29.98 -12.27 -7.62
CA HIS B 263 -29.21 -11.04 -7.74
C HIS B 263 -29.88 -10.01 -8.65
N ILE B 264 -30.83 -10.44 -9.49
CA ILE B 264 -31.66 -9.48 -10.22
C ILE B 264 -32.72 -8.88 -9.31
N ASN B 265 -33.29 -9.70 -8.41
CA ASN B 265 -34.40 -9.27 -7.58
C ASN B 265 -33.94 -8.42 -6.41
N GLN B 266 -32.98 -8.91 -5.64
CA GLN B 266 -32.55 -8.25 -4.42
C GLN B 266 -31.45 -7.24 -4.69
N ASP B 267 -31.44 -6.17 -3.89
CA ASP B 267 -30.42 -5.15 -4.00
C ASP B 267 -29.38 -5.35 -2.89
N ILE B 268 -28.61 -4.31 -2.59
CA ILE B 268 -27.54 -4.38 -1.61
C ILE B 268 -27.73 -3.28 -0.59
N ALA B 269 -27.88 -3.65 0.68
CA ALA B 269 -28.06 -2.67 1.74
C ALA B 269 -26.78 -1.88 1.94
N ASP B 270 -26.91 -0.75 2.64
CA ASP B 270 -25.78 0.15 2.87
C ASP B 270 -24.89 -0.36 4.00
N MET C 1 -1.17 52.84 -22.87
CA MET C 1 -0.26 51.89 -22.23
C MET C 1 -0.36 50.51 -22.84
N SER C 2 0.79 49.84 -23.00
CA SER C 2 0.79 48.42 -23.31
C SER C 2 0.48 47.66 -22.01
N THR C 3 -0.61 46.89 -22.03
CA THR C 3 -1.20 46.34 -20.83
C THR C 3 -0.68 44.93 -20.56
N VAL C 4 -1.30 44.25 -19.60
CA VAL C 4 -1.19 42.79 -19.54
C VAL C 4 -2.26 42.15 -20.43
N GLY C 5 -3.36 42.87 -20.65
CA GLY C 5 -4.45 42.31 -21.43
C GLY C 5 -4.24 42.41 -22.92
N SER C 6 -3.55 43.45 -23.38
CA SER C 6 -3.20 43.52 -24.79
C SER C 6 -2.18 42.45 -25.16
N ALA C 7 -1.26 42.14 -24.23
CA ALA C 7 -0.24 41.13 -24.51
C ALA C 7 -0.85 39.76 -24.78
N HIS C 8 -1.93 39.42 -24.07
CA HIS C 8 -2.58 38.12 -24.20
C HIS C 8 -3.88 38.19 -24.98
N ASN C 9 -4.12 39.30 -25.69
CA ASN C 9 -5.34 39.51 -26.50
C ASN C 9 -6.59 39.10 -25.74
N VAL C 10 -6.73 39.56 -24.51
CA VAL C 10 -7.87 39.15 -23.72
C VAL C 10 -9.08 39.98 -24.10
N THR C 11 -10.19 39.31 -24.37
CA THR C 11 -11.50 39.91 -24.58
C THR C 11 -12.43 39.44 -23.48
N VAL C 12 -13.40 40.26 -23.12
CA VAL C 12 -14.32 39.93 -22.03
C VAL C 12 -15.74 40.29 -22.44
N LEU C 13 -16.66 39.33 -22.29
CA LEU C 13 -18.03 39.44 -22.76
C LEU C 13 -19.02 39.25 -21.61
N GLY C 14 -20.28 39.54 -21.85
CA GLY C 14 -21.33 39.32 -20.86
C GLY C 14 -21.37 40.19 -19.62
N SER C 15 -22.16 39.75 -18.64
CA SER C 15 -22.32 40.43 -17.36
C SER C 15 -22.80 39.45 -16.28
N GLY C 16 -22.61 39.80 -15.01
CA GLY C 16 -23.04 38.95 -13.91
C GLY C 16 -22.22 39.08 -12.64
N GLU C 17 -22.57 38.29 -11.63
CA GLU C 17 -21.83 38.32 -10.37
C GLU C 17 -20.67 37.33 -10.35
N THR C 18 -20.70 36.33 -11.23
CA THR C 18 -19.67 35.31 -11.31
C THR C 18 -19.02 35.37 -12.68
N THR C 19 -17.71 35.16 -12.72
CA THR C 19 -16.93 35.24 -13.95
C THR C 19 -16.39 33.86 -14.30
N VAL C 20 -16.50 33.51 -15.58
CA VAL C 20 -15.86 32.31 -16.13
C VAL C 20 -14.68 32.75 -16.98
N VAL C 21 -13.53 32.13 -16.74
CA VAL C 21 -12.31 32.41 -17.48
C VAL C 21 -12.00 31.19 -18.34
N LEU C 22 -11.68 31.42 -19.62
CA LEU C 22 -11.48 30.35 -20.59
C LEU C 22 -10.02 30.32 -21.04
N GLY C 23 -9.31 29.25 -20.66
CA GLY C 23 -7.96 29.02 -21.13
C GLY C 23 -7.93 27.93 -22.19
N HIS C 24 -6.97 28.04 -23.10
CA HIS C 24 -6.81 27.12 -24.21
C HIS C 24 -5.52 26.33 -24.05
N GLY C 25 -5.31 25.38 -24.98
CA GLY C 25 -4.16 24.51 -24.96
C GLY C 25 -3.15 24.83 -26.04
N PHE C 26 -2.16 23.96 -26.14
CA PHE C 26 -1.11 24.08 -27.14
C PHE C 26 -1.71 24.05 -28.55
N GLY C 27 -1.13 24.82 -29.44
CA GLY C 27 -1.53 24.83 -30.83
C GLY C 27 -2.76 25.64 -31.16
N THR C 28 -3.45 26.20 -30.18
CA THR C 28 -4.64 27.00 -30.47
C THR C 28 -4.61 28.33 -29.74
N ASP C 29 -5.73 29.05 -29.76
CA ASP C 29 -5.90 30.30 -29.02
C ASP C 29 -7.36 30.38 -28.60
N GLN C 30 -7.73 31.47 -27.94
CA GLN C 30 -9.08 31.60 -27.37
C GLN C 30 -10.20 31.43 -28.40
N SER C 31 -9.88 31.49 -29.70
CA SER C 31 -10.87 31.16 -30.72
C SER C 31 -11.33 29.72 -30.63
N VAL C 32 -10.65 28.87 -29.85
CA VAL C 32 -11.06 27.49 -29.74
C VAL C 32 -12.41 27.35 -29.04
N TRP C 33 -12.82 28.36 -28.27
CA TRP C 33 -14.04 28.31 -27.48
C TRP C 33 -15.26 28.84 -28.21
N LYS C 34 -15.30 28.73 -29.55
CA LYS C 34 -16.44 29.24 -30.31
C LYS C 34 -17.76 28.69 -29.76
N TYR C 35 -17.85 27.37 -29.68
CA TYR C 35 -19.11 26.69 -29.39
C TYR C 35 -19.50 26.71 -27.92
N LEU C 36 -18.76 27.42 -27.07
CA LEU C 36 -19.10 27.52 -25.65
C LEU C 36 -19.55 28.93 -25.25
N VAL C 37 -18.77 29.95 -25.59
CA VAL C 37 -18.99 31.34 -25.21
C VAL C 37 -20.45 31.78 -25.33
N PRO C 38 -21.14 31.53 -26.45
CA PRO C 38 -22.52 32.02 -26.55
C PRO C 38 -23.48 31.39 -25.54
N HIS C 39 -23.21 30.18 -25.08
CA HIS C 39 -24.03 29.56 -24.04
C HIS C 39 -23.73 30.11 -22.66
N LEU C 40 -22.74 31.01 -22.52
CA LEU C 40 -22.33 31.53 -21.22
C LEU C 40 -22.60 33.02 -21.04
N THR C 41 -22.58 33.81 -22.11
CA THR C 41 -22.63 35.26 -21.98
C THR C 41 -23.91 35.75 -21.31
N ASP C 42 -24.96 34.93 -21.30
CA ASP C 42 -26.20 35.32 -20.63
C ASP C 42 -26.02 35.37 -19.12
N ASP C 43 -25.62 34.26 -18.52
CA ASP C 43 -25.63 34.10 -17.07
C ASP C 43 -24.28 34.35 -16.41
N TYR C 44 -23.23 34.60 -17.20
CA TYR C 44 -21.91 34.88 -16.65
C TYR C 44 -21.25 35.99 -17.45
N ARG C 45 -20.25 36.61 -16.83
CA ARG C 45 -19.27 37.40 -17.56
C ARG C 45 -18.10 36.50 -17.89
N VAL C 46 -17.68 36.51 -19.16
CA VAL C 46 -16.71 35.54 -19.66
C VAL C 46 -15.41 36.25 -20.00
N LEU C 47 -14.32 35.76 -19.44
CA LEU C 47 -12.97 36.26 -19.67
C LEU C 47 -12.21 35.23 -20.50
N LEU C 48 -11.75 35.64 -21.68
CA LEU C 48 -10.96 34.76 -22.55
C LEU C 48 -9.58 35.33 -22.74
N TYR C 49 -8.57 34.47 -22.77
CA TYR C 49 -7.19 34.93 -22.95
C TYR C 49 -6.39 33.88 -23.71
N ASP C 50 -5.32 34.35 -24.34
CA ASP C 50 -4.36 33.49 -25.01
C ASP C 50 -3.14 33.29 -24.14
N ASN C 51 -2.64 32.06 -24.09
CA ASN C 51 -1.34 31.82 -23.49
C ASN C 51 -0.25 32.53 -24.30
N MET C 52 0.76 33.04 -23.61
CA MET C 52 1.88 33.64 -24.31
C MET C 52 2.63 32.58 -25.10
N GLY C 53 3.01 32.92 -26.32
CA GLY C 53 3.60 31.98 -27.24
C GLY C 53 2.64 31.46 -28.29
N ALA C 54 1.34 31.65 -28.08
CA ALA C 54 0.37 31.34 -29.13
C ALA C 54 0.59 32.26 -30.32
N GLY C 55 0.29 31.74 -31.51
CA GLY C 55 0.55 32.48 -32.74
C GLY C 55 -0.08 33.85 -32.79
N THR C 56 -1.08 34.11 -31.95
CA THR C 56 -1.73 35.41 -31.87
C THR C 56 -1.02 36.36 -30.91
N THR C 57 0.16 36.00 -30.43
CA THR C 57 0.89 36.80 -29.46
C THR C 57 2.22 37.28 -30.05
N ASP C 58 2.68 38.42 -29.57
CA ASP C 58 3.95 39.02 -29.95
C ASP C 58 5.09 38.06 -29.67
N PRO C 59 5.77 37.54 -30.70
CA PRO C 59 6.92 36.66 -30.44
C PRO C 59 8.03 37.34 -29.66
N ASN C 60 8.15 38.66 -29.75
CA ASN C 60 9.13 39.38 -28.93
C ASN C 60 8.85 39.23 -27.45
N LEU C 61 7.60 38.97 -27.07
CA LEU C 61 7.19 38.86 -25.67
C LEU C 61 7.31 37.45 -25.11
N TYR C 62 7.92 36.52 -25.85
CA TYR C 62 8.10 35.16 -25.36
C TYR C 62 9.54 35.03 -24.85
N ASP C 63 9.72 35.40 -23.57
CA ASP C 63 10.97 35.14 -22.86
C ASP C 63 11.14 33.64 -22.72
N PHE C 64 12.16 33.08 -23.39
CA PHE C 64 12.36 31.64 -23.36
C PHE C 64 12.76 31.14 -21.98
N GLU C 65 13.48 31.97 -21.22
CA GLU C 65 13.93 31.61 -19.89
C GLU C 65 12.77 31.53 -18.88
N ARG C 66 11.83 32.46 -18.96
CA ARG C 66 10.70 32.49 -18.03
C ARG C 66 9.64 31.46 -18.40
N TYR C 67 9.45 31.20 -19.69
CA TYR C 67 8.44 30.24 -20.13
C TYR C 67 8.97 28.82 -20.26
N SER C 68 10.25 28.59 -19.93
CA SER C 68 10.77 27.24 -19.83
C SER C 68 10.19 26.48 -18.65
N SER C 69 9.47 27.17 -17.76
CA SER C 69 8.77 26.54 -16.65
C SER C 69 7.32 26.98 -16.67
N LEU C 70 6.45 26.08 -16.19
CA LEU C 70 5.03 26.37 -16.12
C LEU C 70 4.72 27.63 -15.31
N GLU C 71 5.66 28.06 -14.46
CA GLU C 71 5.42 29.20 -13.59
C GLU C 71 5.29 30.50 -14.38
N GLY C 72 5.90 30.58 -15.56
CA GLY C 72 5.76 31.79 -16.37
C GLY C 72 4.33 32.03 -16.80
N HIS C 73 3.65 30.97 -17.25
CA HIS C 73 2.25 31.11 -17.67
C HIS C 73 1.33 31.31 -16.47
N SER C 74 1.72 30.80 -15.29
CA SER C 74 0.94 31.03 -14.09
C SER C 74 1.03 32.49 -13.66
N GLN C 75 2.24 33.06 -13.70
CA GLN C 75 2.42 34.48 -13.44
C GLN C 75 1.51 35.32 -14.32
N ASP C 76 1.50 35.02 -15.63
CA ASP C 76 0.66 35.76 -16.57
C ASP C 76 -0.80 35.71 -16.15
N LEU C 77 -1.32 34.49 -15.92
CA LEU C 77 -2.73 34.31 -15.66
C LEU C 77 -3.16 35.07 -14.41
N ILE C 78 -2.38 34.99 -13.33
CA ILE C 78 -2.71 35.74 -12.12
C ILE C 78 -2.72 37.23 -12.41
N ALA C 79 -1.82 37.70 -13.27
CA ALA C 79 -1.79 39.12 -13.62
C ALA C 79 -3.04 39.53 -14.39
N ILE C 80 -3.50 38.68 -15.31
CA ILE C 80 -4.68 39.01 -16.11
C ILE C 80 -5.90 39.16 -15.21
N LEU C 81 -6.16 38.17 -14.35
CA LEU C 81 -7.28 38.25 -13.42
C LEU C 81 -7.21 39.50 -12.56
N GLU C 82 -6.01 39.85 -12.09
CA GLU C 82 -5.85 41.01 -11.22
C GLU C 82 -6.19 42.30 -11.97
N GLU C 83 -5.78 42.41 -13.24
CA GLU C 83 -5.99 43.65 -13.99
C GLU C 83 -7.46 43.86 -14.33
N PHE C 84 -8.22 42.78 -14.50
CA PHE C 84 -9.65 42.89 -14.74
C PHE C 84 -10.47 42.68 -13.47
N HIS C 85 -9.81 42.77 -12.31
CA HIS C 85 -10.41 42.58 -10.99
C HIS C 85 -11.36 41.38 -10.97
N VAL C 86 -10.78 40.22 -11.19
CA VAL C 86 -11.52 38.96 -11.17
C VAL C 86 -11.21 38.23 -9.88
N THR C 87 -12.24 37.70 -9.23
CA THR C 87 -12.10 36.96 -7.98
C THR C 87 -13.05 35.78 -7.99
N LYS C 88 -12.65 34.71 -7.32
CA LYS C 88 -13.44 33.48 -7.19
C LYS C 88 -14.07 33.09 -8.52
N CYS C 89 -13.21 32.98 -9.54
CA CYS C 89 -13.68 32.73 -10.89
C CYS C 89 -13.90 31.25 -11.12
N ILE C 90 -14.76 30.95 -12.10
CA ILE C 90 -14.84 29.62 -12.69
C ILE C 90 -13.79 29.60 -13.79
N PHE C 91 -12.64 29.00 -13.51
CA PHE C 91 -11.61 28.81 -14.51
C PHE C 91 -11.87 27.48 -15.22
N VAL C 92 -12.06 27.51 -16.53
CA VAL C 92 -12.09 26.30 -17.32
C VAL C 92 -10.98 26.41 -18.36
N GLY C 93 -10.10 25.44 -18.37
CA GLY C 93 -8.97 25.44 -19.27
C GLY C 93 -8.88 24.13 -20.02
N HIS C 94 -8.36 24.21 -21.24
CA HIS C 94 -8.08 23.05 -22.05
C HIS C 94 -6.61 22.71 -21.96
N ALA C 95 -6.31 21.46 -21.59
CA ALA C 95 -4.95 20.95 -21.54
C ALA C 95 -4.02 21.79 -20.69
N LEU C 96 -3.01 22.43 -21.30
CA LEU C 96 -1.99 23.16 -20.56
C LEU C 96 -2.59 24.15 -19.58
N SER C 97 -3.47 25.03 -20.06
CA SER C 97 -4.01 26.10 -19.22
C SER C 97 -4.76 25.52 -18.02
N SER C 98 -5.28 24.30 -18.14
CA SER C 98 -5.87 23.65 -16.97
C SER C 98 -4.85 23.45 -15.87
N MET C 99 -3.61 23.10 -16.24
CA MET C 99 -2.56 22.92 -15.24
C MET C 99 -1.98 24.26 -14.76
N VAL C 100 -1.92 25.25 -15.65
CA VAL C 100 -1.57 26.60 -15.21
C VAL C 100 -2.59 27.11 -14.21
N GLY C 101 -3.87 26.87 -14.47
CA GLY C 101 -4.91 27.30 -13.55
C GLY C 101 -4.80 26.63 -12.19
N ALA C 102 -4.62 25.29 -12.19
CA ALA C 102 -4.51 24.56 -10.93
C ALA C 102 -3.34 25.08 -10.10
N VAL C 103 -2.22 25.37 -10.74
CA VAL C 103 -1.04 25.85 -10.02
C VAL C 103 -1.27 27.26 -9.48
N SER C 104 -1.93 28.11 -10.27
CA SER C 104 -2.28 29.44 -9.78
C SER C 104 -3.29 29.37 -8.65
N SER C 105 -4.16 28.35 -8.67
CA SER C 105 -5.10 28.16 -7.56
C SER C 105 -4.38 27.95 -6.24
N ILE C 106 -3.17 27.37 -6.28
CA ILE C 106 -2.42 27.14 -5.06
C ILE C 106 -1.87 28.45 -4.49
N PHE C 107 -1.19 29.22 -5.34
CA PHE C 107 -0.57 30.46 -4.88
C PHE C 107 -1.60 31.53 -4.53
N ARG C 108 -2.78 31.49 -5.17
CA ARG C 108 -3.76 32.57 -5.10
C ARG C 108 -5.17 32.01 -5.09
N PRO C 109 -5.56 31.35 -3.99
CA PRO C 109 -6.92 30.79 -3.92
C PRO C 109 -8.00 31.86 -3.92
N ASP C 110 -7.66 33.11 -3.60
CA ASP C 110 -8.63 34.20 -3.58
C ASP C 110 -9.20 34.52 -4.95
N LEU C 111 -8.64 33.97 -6.02
CA LEU C 111 -9.08 34.30 -7.38
C LEU C 111 -9.74 33.13 -8.10
N PHE C 112 -9.94 32.00 -7.43
CA PHE C 112 -10.57 30.84 -8.05
C PHE C 112 -11.64 30.27 -7.13
N ARG C 113 -12.78 29.91 -7.72
CA ARG C 113 -13.82 29.17 -7.00
C ARG C 113 -13.77 27.67 -7.30
N LYS C 114 -13.51 27.29 -8.55
CA LYS C 114 -13.34 25.90 -8.94
C LYS C 114 -12.82 25.88 -10.38
N ILE C 115 -12.34 24.71 -10.79
CA ILE C 115 -11.76 24.53 -12.12
C ILE C 115 -12.49 23.41 -12.84
N VAL C 116 -12.83 23.66 -14.10
CA VAL C 116 -13.27 22.61 -15.02
C VAL C 116 -12.15 22.41 -16.03
N MET C 117 -11.50 21.25 -15.98
CA MET C 117 -10.39 20.96 -16.88
C MET C 117 -10.85 19.96 -17.93
N ILE C 118 -10.22 20.05 -19.11
CA ILE C 118 -10.57 19.19 -20.23
C ILE C 118 -9.28 18.82 -20.96
N SER C 119 -9.02 17.52 -21.09
CA SER C 119 -7.77 16.98 -21.65
C SER C 119 -6.57 17.32 -20.76
N ALA C 120 -6.79 17.32 -19.45
CA ALA C 120 -5.77 17.75 -18.49
C ALA C 120 -4.77 16.63 -18.21
N CYS C 121 -3.49 17.03 -18.05
CA CYS C 121 -2.39 16.08 -17.88
C CYS C 121 -1.33 16.62 -16.92
N PRO C 122 -1.14 16.00 -15.75
CA PRO C 122 -0.17 16.52 -14.79
C PRO C 122 1.28 16.19 -15.13
N ARG C 123 1.50 15.22 -16.01
CA ARG C 123 2.84 14.79 -16.41
C ARG C 123 2.73 13.95 -17.67
N VAL C 124 3.56 14.23 -18.67
CA VAL C 124 3.46 13.51 -19.94
C VAL C 124 3.94 12.08 -19.79
N ALA C 125 5.17 11.90 -19.30
CA ALA C 125 5.82 10.61 -19.35
C ALA C 125 5.32 9.68 -18.24
N ASN C 126 5.36 8.39 -18.53
CA ASN C 126 5.02 7.38 -17.54
C ASN C 126 6.07 7.35 -16.43
N ALA C 127 5.58 7.18 -15.20
CA ALA C 127 6.38 6.88 -14.02
C ALA C 127 5.55 5.87 -13.25
N ASP C 128 6.18 4.89 -12.62
CA ASP C 128 5.33 3.85 -12.05
C ASP C 128 4.55 4.40 -10.87
N ASP C 129 3.28 3.98 -10.78
CA ASP C 129 2.15 4.52 -10.04
C ASP C 129 1.32 5.42 -10.95
N TYR C 130 1.90 5.85 -12.07
CA TYR C 130 1.27 6.84 -12.94
C TYR C 130 1.39 6.41 -14.40
N TYR C 131 0.27 6.17 -15.04
CA TYR C 131 0.22 5.89 -16.47
C TYR C 131 -0.20 7.14 -17.22
N GLY C 132 0.64 7.56 -18.18
CA GLY C 132 0.37 8.75 -18.98
C GLY C 132 0.32 8.45 -20.46
N GLY C 133 0.65 7.21 -20.84
CA GLY C 133 0.61 6.75 -22.21
C GLY C 133 1.97 6.58 -22.85
N PHE C 134 2.95 7.39 -22.45
CA PHE C 134 4.25 7.46 -23.11
C PHE C 134 5.36 7.15 -22.11
N GLU C 135 6.27 6.24 -22.49
CA GLU C 135 7.50 6.10 -21.74
C GLU C 135 8.40 7.29 -21.99
N GLU C 136 9.28 7.60 -21.04
CA GLU C 136 10.07 8.82 -21.14
C GLU C 136 11.02 8.78 -22.33
N GLU C 137 11.63 7.62 -22.59
CA GLU C 137 12.43 7.49 -23.80
C GLU C 137 11.62 7.83 -25.04
N ASP C 138 10.34 7.42 -25.05
CA ASP C 138 9.50 7.69 -26.21
C ASP C 138 9.21 9.17 -26.36
N VAL C 139 8.91 9.87 -25.27
CA VAL C 139 8.70 11.31 -25.33
C VAL C 139 9.96 12.02 -25.81
N ASN C 140 11.13 11.45 -25.50
CA ASN C 140 12.38 12.04 -25.96
C ASN C 140 12.49 11.97 -27.49
N GLN C 141 11.98 10.90 -28.09
CA GLN C 141 12.13 10.71 -29.53
C GLN C 141 11.05 11.41 -30.34
N LEU C 142 9.83 11.53 -29.80
CA LEU C 142 8.82 12.33 -30.48
C LEU C 142 9.22 13.79 -30.51
N TYR C 143 9.80 14.30 -29.41
CA TYR C 143 10.31 15.67 -29.43
C TYR C 143 11.56 15.78 -30.30
N GLY C 144 12.49 14.85 -30.15
CA GLY C 144 13.72 14.90 -30.93
C GLY C 144 13.46 15.00 -32.43
N ALA C 145 12.50 14.21 -32.92
CA ALA C 145 12.17 14.27 -34.34
C ALA C 145 11.53 15.61 -34.71
N MET C 146 10.74 16.19 -33.80
CA MET C 146 10.16 17.50 -34.05
C MET C 146 11.25 18.55 -34.26
N GLU C 147 12.22 18.58 -33.35
CA GLU C 147 13.37 19.48 -33.50
C GLU C 147 14.10 19.23 -34.82
N GLU C 148 14.23 17.95 -35.19
CA GLU C 148 15.01 17.59 -36.37
C GLU C 148 14.34 18.05 -37.66
N ASN C 149 13.02 18.01 -37.71
CA ASN C 149 12.29 18.30 -38.94
C ASN C 149 10.89 18.76 -38.52
N PHE C 150 10.76 20.05 -38.24
CA PHE C 150 9.57 20.59 -37.59
C PHE C 150 8.29 20.36 -38.37
N GLN C 151 8.15 21.03 -39.52
CA GLN C 151 6.87 21.00 -40.22
C GLN C 151 6.51 19.60 -40.69
N THR C 152 7.51 18.75 -40.94
CA THR C 152 7.22 17.36 -41.29
C THR C 152 6.51 16.65 -40.14
N MET C 153 7.16 16.63 -38.97
CA MET C 153 6.59 15.91 -37.84
C MET C 153 5.25 16.51 -37.42
N MET C 154 5.17 17.84 -37.31
CA MET C 154 3.92 18.47 -36.90
C MET C 154 2.79 18.16 -37.87
N THR C 155 3.11 18.02 -39.16
CA THR C 155 2.08 17.65 -40.13
C THR C 155 1.57 16.24 -39.88
N GLY C 156 2.47 15.32 -39.53
CA GLY C 156 2.03 13.99 -39.16
C GLY C 156 1.35 13.95 -37.80
N TYR C 157 1.69 14.89 -36.92
CA TYR C 157 1.18 14.87 -35.55
C TYR C 157 -0.25 15.38 -35.46
N ALA C 158 -0.58 16.44 -36.20
CA ALA C 158 -1.85 17.14 -36.00
C ALA C 158 -3.07 16.25 -36.21
N PRO C 159 -3.17 15.43 -37.27
CA PRO C 159 -4.34 14.53 -37.36
C PRO C 159 -4.46 13.59 -36.18
N ILE C 160 -3.33 13.06 -35.70
CA ILE C 160 -3.34 12.16 -34.55
C ILE C 160 -3.87 12.88 -33.32
N VAL C 161 -3.48 14.15 -33.14
CA VAL C 161 -3.93 14.90 -31.97
C VAL C 161 -5.42 15.21 -32.07
N VAL C 162 -5.84 15.76 -33.21
CA VAL C 162 -7.24 16.15 -33.37
C VAL C 162 -8.14 14.92 -33.50
N GLY C 163 -7.63 13.86 -34.11
CA GLY C 163 -8.47 12.70 -34.29
C GLY C 163 -9.58 12.98 -35.29
N GLY C 164 -10.64 12.18 -35.17
CA GLY C 164 -11.77 12.28 -36.09
C GLY C 164 -11.36 11.95 -37.51
N ASP C 165 -12.28 12.09 -38.46
CA ASP C 165 -11.97 11.84 -39.85
C ASP C 165 -11.37 13.09 -40.49
N LEU C 166 -10.64 12.88 -41.58
CA LEU C 166 -9.77 13.93 -42.09
C LEU C 166 -10.55 14.99 -42.85
N GLU C 167 -9.88 16.11 -43.09
CA GLU C 167 -10.44 17.27 -43.78
C GLU C 167 -11.78 17.66 -43.16
N SER C 168 -11.74 18.05 -41.89
CA SER C 168 -12.94 18.35 -41.15
C SER C 168 -12.88 19.78 -40.60
N GLU C 169 -13.98 20.16 -39.96
CA GLU C 169 -14.08 21.37 -39.16
C GLU C 169 -12.82 21.64 -38.34
N ALA C 170 -12.51 20.72 -37.43
CA ALA C 170 -11.47 20.96 -36.45
C ALA C 170 -10.07 20.84 -37.05
N MET C 171 -9.84 19.85 -37.90
CA MET C 171 -8.47 19.54 -38.31
C MET C 171 -7.87 20.64 -39.16
N GLN C 172 -8.62 21.15 -40.14
CA GLN C 172 -8.09 22.29 -40.87
C GLN C 172 -7.94 23.50 -39.97
N GLU C 173 -8.83 23.65 -38.98
CA GLU C 173 -8.74 24.76 -38.05
C GLU C 173 -7.53 24.62 -37.14
N PHE C 174 -7.46 23.51 -36.39
CA PHE C 174 -6.33 23.32 -35.47
C PHE C 174 -5.00 23.38 -36.21
N SER C 175 -4.91 22.73 -37.37
CA SER C 175 -3.70 22.80 -38.18
C SER C 175 -3.33 24.25 -38.49
N ARG C 176 -4.34 25.08 -38.77
CA ARG C 176 -4.08 26.47 -39.11
C ARG C 176 -3.50 27.23 -37.91
N THR C 177 -4.09 27.06 -36.74
CA THR C 177 -3.59 27.76 -35.55
C THR C 177 -2.25 27.20 -35.09
N LEU C 178 -2.00 25.92 -35.35
CA LEU C 178 -0.77 25.28 -34.88
C LEU C 178 0.44 25.80 -35.66
N PHE C 179 0.34 25.83 -36.99
CA PHE C 179 1.45 26.27 -37.82
C PHE C 179 1.63 27.79 -37.81
N ASN C 180 0.78 28.53 -37.13
CA ASN C 180 0.97 29.96 -36.96
C ASN C 180 1.90 30.30 -35.80
N MET C 181 2.33 29.30 -35.03
CA MET C 181 3.35 29.53 -34.02
C MET C 181 4.71 29.63 -34.67
N ARG C 182 5.57 30.47 -34.10
CA ARG C 182 6.97 30.44 -34.48
C ARG C 182 7.55 29.12 -34.00
N PRO C 183 8.16 28.33 -34.89
CA PRO C 183 8.55 26.96 -34.51
C PRO C 183 9.45 26.88 -33.29
N ASP C 184 10.41 27.80 -33.14
CA ASP C 184 11.27 27.76 -31.97
C ASP C 184 10.49 27.95 -30.68
N ILE C 185 9.36 28.67 -30.75
CA ILE C 185 8.53 28.87 -29.58
C ILE C 185 7.65 27.65 -29.32
N ALA C 186 7.11 27.05 -30.38
CA ALA C 186 6.41 25.78 -30.23
C ALA C 186 7.31 24.74 -29.58
N LEU C 187 8.57 24.67 -30.02
CA LEU C 187 9.53 23.75 -29.42
C LEU C 187 9.77 24.09 -27.95
N SER C 188 9.90 25.38 -27.64
CA SER C 188 10.10 25.79 -26.24
C SER C 188 8.94 25.34 -25.38
N ILE C 189 7.70 25.54 -25.87
CA ILE C 189 6.52 25.11 -25.11
C ILE C 189 6.53 23.59 -24.94
N CYS C 190 6.88 22.86 -25.99
CA CYS C 190 6.93 21.41 -25.90
C CYS C 190 7.92 20.95 -24.84
N ARG C 191 9.10 21.59 -24.81
CA ARG C 191 10.09 21.25 -23.78
C ARG C 191 9.56 21.56 -22.38
N MET C 192 8.72 22.58 -22.25
CA MET C 192 8.17 22.92 -20.95
C MET C 192 7.10 21.94 -20.51
N ILE C 193 6.19 21.56 -21.41
CA ILE C 193 5.17 20.58 -21.07
C ILE C 193 5.79 19.22 -20.81
N SER C 194 6.67 18.78 -21.73
CA SER C 194 7.33 17.49 -21.58
C SER C 194 8.19 17.40 -20.32
N GLY C 195 8.50 18.53 -19.68
CA GLY C 195 9.38 18.52 -18.54
C GLY C 195 8.72 18.67 -17.19
N TYR C 196 7.48 19.17 -17.16
CA TYR C 196 6.90 19.43 -15.85
C TYR C 196 6.38 18.15 -15.22
N ASP C 197 6.25 18.18 -13.89
CA ASP C 197 5.68 17.08 -13.12
C ASP C 197 4.91 17.71 -11.96
N LEU C 198 3.59 17.68 -12.04
CA LEU C 198 2.74 18.32 -11.03
C LEU C 198 2.13 17.32 -10.07
N ARG C 199 2.45 16.03 -10.19
CA ARG C 199 1.99 15.04 -9.21
C ARG C 199 2.23 15.46 -7.77
N PRO C 200 3.39 16.00 -7.37
CA PRO C 200 3.51 16.47 -5.98
C PRO C 200 2.68 17.71 -5.68
N TYR C 201 2.19 18.42 -6.69
CA TYR C 201 1.36 19.59 -6.48
C TYR C 201 -0.11 19.27 -6.29
N LEU C 202 -0.55 18.09 -6.73
CA LEU C 202 -1.98 17.79 -6.81
C LEU C 202 -2.65 17.87 -5.45
N GLY C 203 -2.00 17.36 -4.41
CA GLY C 203 -2.56 17.44 -3.08
C GLY C 203 -2.75 18.87 -2.60
N LEU C 204 -1.94 19.80 -3.11
CA LEU C 204 -2.04 21.19 -2.71
C LEU C 204 -3.18 21.93 -3.41
N VAL C 205 -3.71 21.37 -4.49
CA VAL C 205 -4.90 21.92 -5.12
C VAL C 205 -6.11 21.53 -4.29
N VAL C 206 -6.81 22.51 -3.72
CA VAL C 206 -7.87 22.26 -2.76
C VAL C 206 -9.22 22.82 -3.18
N ILE C 207 -9.32 23.42 -4.36
CA ILE C 207 -10.60 23.92 -4.84
C ILE C 207 -11.26 22.82 -5.68
N PRO C 208 -12.59 22.83 -5.81
CA PRO C 208 -13.25 21.74 -6.56
C PRO C 208 -12.77 21.66 -8.00
N CYS C 209 -12.50 20.44 -8.46
CA CYS C 209 -11.97 20.18 -9.78
C CYS C 209 -12.90 19.27 -10.55
N HIS C 210 -13.39 19.74 -11.69
CA HIS C 210 -14.24 18.96 -12.58
C HIS C 210 -13.38 18.45 -13.74
N ILE C 211 -13.10 17.15 -13.74
CA ILE C 211 -12.20 16.54 -14.71
C ILE C 211 -13.03 16.05 -15.89
N ILE C 212 -12.88 16.70 -17.04
CA ILE C 212 -13.57 16.33 -18.26
C ILE C 212 -12.56 15.68 -19.20
N GLN C 213 -12.93 14.55 -19.78
CA GLN C 213 -11.97 13.78 -20.57
C GLN C 213 -12.68 13.03 -21.69
N SER C 214 -12.15 13.16 -22.91
CA SER C 214 -12.58 12.29 -24.00
C SER C 214 -12.01 10.88 -23.79
N SER C 215 -12.74 9.89 -24.29
CA SER C 215 -12.41 8.50 -24.06
C SER C 215 -11.39 7.95 -25.03
N LYS C 216 -10.93 8.75 -25.99
CA LYS C 216 -10.04 8.28 -27.05
C LYS C 216 -9.03 9.36 -27.40
N ASP C 217 -8.49 10.04 -26.39
CA ASP C 217 -7.43 11.02 -26.57
C ASP C 217 -6.10 10.29 -26.49
N LYS C 218 -5.39 10.22 -27.62
CA LYS C 218 -4.10 9.55 -27.63
C LYS C 218 -3.07 10.25 -26.76
N LEU C 219 -3.26 11.55 -26.48
CA LEU C 219 -2.34 12.29 -25.65
C LEU C 219 -2.63 12.15 -24.16
N VAL C 220 -3.87 11.82 -23.80
CA VAL C 220 -4.27 11.66 -22.40
C VAL C 220 -5.13 10.42 -22.27
N PRO C 221 -4.61 9.29 -21.79
CA PRO C 221 -5.45 8.12 -21.56
C PRO C 221 -6.40 8.34 -20.39
N VAL C 222 -7.40 7.47 -20.30
CA VAL C 222 -8.45 7.62 -19.29
C VAL C 222 -7.89 7.49 -17.88
N ALA C 223 -6.81 6.73 -17.71
CA ALA C 223 -6.22 6.54 -16.39
C ALA C 223 -5.71 7.85 -15.81
N VAL C 224 -5.35 8.82 -16.65
CA VAL C 224 -4.91 10.12 -16.16
C VAL C 224 -6.02 10.80 -15.39
N ALA C 225 -7.25 10.73 -15.90
CA ALA C 225 -8.38 11.32 -15.19
C ALA C 225 -8.56 10.68 -13.82
N GLU C 226 -8.50 9.35 -13.75
CA GLU C 226 -8.67 8.67 -12.47
C GLU C 226 -7.54 9.01 -11.51
N TYR C 227 -6.29 9.05 -12.00
CA TYR C 227 -5.17 9.42 -11.14
C TYR C 227 -5.39 10.79 -10.51
N LEU C 228 -5.79 11.77 -11.32
CA LEU C 228 -6.01 13.11 -10.78
C LEU C 228 -7.22 13.13 -9.84
N HIS C 229 -8.26 12.37 -10.16
CA HIS C 229 -9.41 12.26 -9.27
C HIS C 229 -8.99 11.85 -7.87
N ARG C 230 -8.00 10.95 -7.77
CA ARG C 230 -7.60 10.37 -6.50
C ARG C 230 -6.41 11.08 -5.86
N ASN C 231 -5.92 12.17 -6.47
CA ASN C 231 -4.78 12.88 -5.92
C ASN C 231 -5.02 14.38 -5.73
N PHE C 232 -6.04 14.96 -6.37
CA PHE C 232 -6.42 16.33 -6.05
C PHE C 232 -6.78 16.44 -4.58
N GLY C 233 -6.32 17.52 -3.94
CA GLY C 233 -6.53 17.68 -2.51
C GLY C 233 -7.94 18.09 -2.14
N GLY C 234 -8.72 18.61 -3.08
CA GLY C 234 -10.06 19.06 -2.81
C GLY C 234 -11.12 18.09 -3.31
N LYS C 235 -12.31 18.64 -3.55
CA LYS C 235 -13.38 17.85 -4.15
C LYS C 235 -13.11 17.69 -5.64
N SER C 236 -13.44 16.51 -6.17
CA SER C 236 -13.20 16.24 -7.58
C SER C 236 -14.27 15.28 -8.08
N VAL C 237 -14.46 15.32 -9.41
CA VAL C 237 -15.43 14.47 -10.09
C VAL C 237 -14.91 14.26 -11.51
N VAL C 238 -15.26 13.12 -12.10
CA VAL C 238 -14.80 12.77 -13.43
C VAL C 238 -15.99 12.40 -14.30
N GLU C 239 -16.00 12.90 -15.53
CA GLU C 239 -17.00 12.56 -16.53
C GLU C 239 -16.30 12.30 -17.84
N LEU C 240 -16.62 11.17 -18.47
CA LEU C 240 -16.05 10.83 -19.76
C LEU C 240 -16.94 11.33 -20.88
N ILE C 241 -16.33 11.49 -22.06
CA ILE C 241 -17.04 11.88 -23.27
C ILE C 241 -16.73 10.85 -24.35
N PRO C 242 -17.72 10.15 -24.90
CA PRO C 242 -17.46 9.31 -26.07
C PRO C 242 -17.07 10.12 -27.29
N THR C 243 -15.77 10.21 -27.58
CA THR C 243 -15.26 10.89 -28.77
C THR C 243 -13.76 10.67 -28.87
N GLU C 244 -13.27 10.66 -30.11
CA GLU C 244 -11.84 10.68 -30.36
C GLU C 244 -11.31 12.10 -30.19
N GLY C 245 -9.99 12.21 -30.10
CA GLY C 245 -9.35 13.49 -30.26
C GLY C 245 -9.05 14.19 -28.94
N HIS C 246 -8.07 15.09 -29.00
CA HIS C 246 -7.57 15.85 -27.86
C HIS C 246 -8.31 17.15 -27.63
N LEU C 247 -9.12 17.61 -28.59
CA LEU C 247 -9.83 18.88 -28.49
C LEU C 247 -11.32 18.66 -28.76
N PRO C 248 -12.02 18.02 -27.82
CA PRO C 248 -13.44 17.70 -28.07
C PRO C 248 -14.34 18.94 -28.07
N HIS C 249 -13.98 19.98 -27.34
CA HIS C 249 -14.76 21.22 -27.36
C HIS C 249 -14.74 21.90 -28.72
N LEU C 250 -13.84 21.51 -29.61
CA LEU C 250 -13.81 22.02 -30.98
C LEU C 250 -14.21 20.98 -32.02
N SER C 251 -13.90 19.71 -31.79
CA SER C 251 -14.19 18.66 -32.77
C SER C 251 -15.51 17.94 -32.51
N ALA C 252 -16.06 18.04 -31.30
CA ALA C 252 -17.32 17.39 -30.98
C ALA C 252 -18.11 18.22 -29.98
N PRO C 253 -18.51 19.44 -30.35
CA PRO C 253 -19.14 20.33 -29.37
C PRO C 253 -20.57 19.96 -29.03
N ASP C 254 -21.25 19.19 -29.87
CA ASP C 254 -22.63 18.81 -29.57
C ASP C 254 -22.70 17.78 -28.45
N ILE C 255 -21.61 17.06 -28.18
CA ILE C 255 -21.52 16.25 -26.98
C ILE C 255 -20.80 17.00 -25.87
N THR C 256 -19.80 17.80 -26.22
CA THR C 256 -18.87 18.35 -25.23
C THR C 256 -19.44 19.59 -24.53
N ILE C 257 -19.91 20.56 -25.30
CA ILE C 257 -20.43 21.81 -24.75
C ILE C 257 -21.52 21.56 -23.72
N PRO C 258 -22.44 20.60 -23.91
CA PRO C 258 -23.39 20.31 -22.82
C PRO C 258 -22.73 19.88 -21.52
N VAL C 259 -21.78 18.95 -21.57
CA VAL C 259 -21.10 18.51 -20.35
C VAL C 259 -20.40 19.69 -19.68
N LEU C 260 -19.72 20.52 -20.48
CA LEU C 260 -19.04 21.69 -19.93
C LEU C 260 -20.02 22.62 -19.23
N ILE C 261 -21.17 22.87 -19.85
CA ILE C 261 -22.18 23.74 -19.23
C ILE C 261 -22.57 23.20 -17.86
N ARG C 262 -22.97 21.92 -17.80
CA ARG C 262 -23.42 21.34 -16.54
C ARG C 262 -22.36 21.44 -15.45
N HIS C 263 -21.09 21.37 -15.82
CA HIS C 263 -20.03 21.42 -14.81
C HIS C 263 -19.60 22.85 -14.47
N ILE C 264 -19.84 23.82 -15.37
CA ILE C 264 -19.68 25.21 -14.99
C ILE C 264 -20.80 25.65 -14.06
N ASN C 265 -22.02 25.15 -14.32
CA ASN C 265 -23.16 25.52 -13.49
C ASN C 265 -23.17 24.78 -12.16
N GLN C 266 -22.96 23.47 -12.19
CA GLN C 266 -23.19 22.64 -11.01
C GLN C 266 -21.98 22.67 -10.07
N ASP C 267 -22.16 22.07 -8.90
CA ASP C 267 -21.11 21.91 -7.91
C ASP C 267 -21.24 20.53 -7.29
N ILE C 268 -20.09 19.98 -6.87
CA ILE C 268 -20.00 18.56 -6.56
C ILE C 268 -20.73 18.24 -5.26
N ALA C 269 -21.36 17.06 -5.22
CA ALA C 269 -22.00 16.58 -4.01
C ALA C 269 -21.02 16.59 -2.85
N ASP C 270 -21.47 17.12 -1.71
CA ASP C 270 -20.59 17.43 -0.60
C ASP C 270 -20.35 16.23 0.32
N MET D 1 29.72 31.75 34.81
CA MET D 1 30.75 31.00 34.11
C MET D 1 30.16 30.24 32.91
N SER D 2 29.00 30.68 32.45
CA SER D 2 28.28 29.99 31.39
C SER D 2 28.75 30.47 30.02
N THR D 3 29.13 29.52 29.17
CA THR D 3 29.83 29.82 27.92
C THR D 3 28.95 29.83 26.69
N VAL D 4 27.75 29.20 26.75
CA VAL D 4 27.05 28.86 25.52
C VAL D 4 26.47 30.06 24.79
N GLY D 5 26.34 31.21 25.46
CA GLY D 5 25.89 32.40 24.76
C GLY D 5 26.93 32.90 23.77
N SER D 6 28.19 32.97 24.21
CA SER D 6 29.27 33.47 23.36
C SER D 6 29.68 32.45 22.30
N ALA D 7 29.54 31.15 22.60
CA ALA D 7 29.92 30.13 21.62
C ALA D 7 29.09 30.23 20.36
N HIS D 8 27.80 30.55 20.50
CA HIS D 8 26.89 30.63 19.36
C HIS D 8 26.48 32.07 19.04
N ASN D 9 27.14 33.06 19.65
CA ASN D 9 26.87 34.47 19.38
C ASN D 9 25.39 34.80 19.57
N VAL D 10 24.84 34.38 20.71
CA VAL D 10 23.41 34.47 20.96
C VAL D 10 22.96 35.93 21.00
N THR D 11 21.75 36.19 20.48
CA THR D 11 21.18 37.52 20.44
C THR D 11 19.71 37.45 20.86
N VAL D 12 19.32 38.31 21.80
CA VAL D 12 18.00 38.28 22.42
C VAL D 12 17.37 39.65 22.30
N LEU D 13 16.31 39.78 21.50
CA LEU D 13 15.71 41.10 21.32
C LEU D 13 14.22 41.05 21.63
N GLY D 14 13.55 42.19 21.41
CA GLY D 14 12.13 42.35 21.62
C GLY D 14 11.71 42.04 23.05
N SER D 15 10.40 41.91 23.21
CA SER D 15 9.83 41.46 24.48
C SER D 15 8.39 41.03 24.24
N GLY D 16 8.01 39.95 24.91
CA GLY D 16 6.70 39.36 24.78
C GLY D 16 6.68 38.09 25.59
N GLU D 17 5.49 37.55 25.87
CA GLU D 17 5.41 36.36 26.70
C GLU D 17 6.05 35.16 26.00
N THR D 18 5.84 35.03 24.70
CA THR D 18 6.41 33.95 23.92
C THR D 18 7.74 34.39 23.30
N THR D 19 8.62 33.42 23.08
CA THR D 19 9.94 33.68 22.52
C THR D 19 10.07 32.99 21.17
N VAL D 20 10.38 33.77 20.14
CA VAL D 20 10.64 33.24 18.81
C VAL D 20 12.13 33.01 18.67
N VAL D 21 12.51 31.77 18.37
CA VAL D 21 13.91 31.38 18.17
C VAL D 21 14.13 31.15 16.69
N LEU D 22 15.20 31.75 16.15
CA LEU D 22 15.50 31.68 14.72
C LEU D 22 16.86 31.02 14.52
N GLY D 23 16.85 29.83 13.90
CA GLY D 23 18.07 29.18 13.47
C GLY D 23 18.26 29.35 11.96
N HIS D 24 19.47 29.02 11.51
CA HIS D 24 19.86 29.25 10.12
C HIS D 24 20.40 27.97 9.51
N GLY D 25 20.59 28.00 8.19
CA GLY D 25 21.06 26.88 7.43
C GLY D 25 22.56 26.92 7.17
N PHE D 26 22.98 26.14 6.18
CA PHE D 26 24.39 25.92 5.90
C PHE D 26 24.97 27.07 5.09
N GLY D 27 26.22 27.42 5.40
CA GLY D 27 26.90 28.51 4.72
C GLY D 27 26.50 29.89 5.15
N THR D 28 25.54 30.01 6.07
CA THR D 28 24.97 31.29 6.48
C THR D 28 25.14 31.45 7.98
N ASP D 29 24.66 32.57 8.52
CA ASP D 29 24.59 32.80 9.95
C ASP D 29 23.35 33.60 10.26
N GLN D 30 23.17 33.96 11.53
CA GLN D 30 21.89 34.53 11.98
C GLN D 30 21.56 35.85 11.28
N SER D 31 22.54 36.52 10.66
CA SER D 31 22.26 37.74 9.92
C SER D 31 21.38 37.51 8.71
N VAL D 32 21.14 36.25 8.34
CA VAL D 32 20.25 35.94 7.22
C VAL D 32 18.83 36.43 7.48
N TRP D 33 18.45 36.60 8.75
CA TRP D 33 17.08 36.89 9.14
C TRP D 33 16.78 38.38 9.19
N LYS D 34 17.62 39.22 8.58
CA LYS D 34 17.53 40.65 8.82
C LYS D 34 16.23 41.27 8.30
N TYR D 35 15.56 40.63 7.34
CA TYR D 35 14.28 41.13 6.86
C TYR D 35 13.10 40.66 7.70
N LEU D 36 13.31 39.68 8.58
CA LEU D 36 12.25 39.14 9.41
C LEU D 36 12.22 39.74 10.81
N VAL D 37 13.38 39.84 11.46
CA VAL D 37 13.44 40.20 12.88
C VAL D 37 12.64 41.47 13.21
N PRO D 38 12.81 42.59 12.50
CA PRO D 38 12.09 43.82 12.89
C PRO D 38 10.58 43.66 12.92
N HIS D 39 10.02 42.70 12.18
CA HIS D 39 8.59 42.48 12.21
C HIS D 39 8.16 41.57 13.37
N LEU D 40 9.11 41.10 14.18
CA LEU D 40 8.80 40.29 15.35
C LEU D 40 9.05 40.98 16.68
N THR D 41 9.99 41.94 16.72
CA THR D 41 10.41 42.51 18.00
C THR D 41 9.27 43.19 18.76
N ASP D 42 8.20 43.61 18.06
CA ASP D 42 7.10 44.28 18.74
C ASP D 42 6.31 43.32 19.62
N ASP D 43 6.01 42.12 19.12
CA ASP D 43 5.08 41.22 19.79
C ASP D 43 5.73 39.97 20.38
N TYR D 44 7.01 39.73 20.15
CA TYR D 44 7.69 38.59 20.75
C TYR D 44 9.07 38.99 21.22
N ARG D 45 9.55 38.30 22.25
CA ARG D 45 10.99 38.24 22.48
C ARG D 45 11.60 37.32 21.41
N VAL D 46 12.77 37.70 20.92
CA VAL D 46 13.37 37.03 19.77
C VAL D 46 14.78 36.58 20.14
N LEU D 47 15.06 35.30 19.94
CA LEU D 47 16.38 34.71 20.15
C LEU D 47 16.92 34.24 18.80
N LEU D 48 18.16 34.58 18.50
CA LEU D 48 18.85 34.10 17.31
C LEU D 48 20.20 33.53 17.71
N TYR D 49 20.62 32.47 17.03
CA TYR D 49 21.85 31.78 17.34
C TYR D 49 22.50 31.27 16.07
N ASP D 50 23.83 31.17 16.11
CA ASP D 50 24.61 30.58 15.03
C ASP D 50 24.88 29.11 15.33
N ASN D 51 24.81 28.28 14.29
CA ASN D 51 25.22 26.89 14.43
C ASN D 51 26.73 26.82 14.62
N MET D 52 27.17 25.87 15.45
CA MET D 52 28.59 25.66 15.62
C MET D 52 29.22 25.22 14.30
N GLY D 53 30.29 25.89 13.91
CA GLY D 53 30.95 25.65 12.66
C GLY D 53 30.76 26.75 11.64
N ALA D 54 29.74 27.60 11.81
CA ALA D 54 29.58 28.75 10.94
C ALA D 54 30.76 29.70 11.13
N GLY D 55 31.04 30.49 10.08
CA GLY D 55 32.22 31.33 10.07
C GLY D 55 32.31 32.31 11.22
N THR D 56 31.20 32.58 11.91
CA THR D 56 31.20 33.49 13.04
C THR D 56 31.60 32.82 14.35
N THR D 57 31.79 31.51 14.36
CA THR D 57 32.12 30.76 15.56
C THR D 57 33.62 30.52 15.67
N ASP D 58 34.06 30.23 16.89
CA ASP D 58 35.43 29.81 17.13
C ASP D 58 35.64 28.45 16.47
N PRO D 59 36.60 28.32 15.55
CA PRO D 59 36.85 26.99 14.95
C PRO D 59 37.21 25.92 15.98
N ASN D 60 37.94 26.29 17.02
CA ASN D 60 38.36 25.32 18.03
C ASN D 60 37.20 24.79 18.85
N LEU D 61 36.00 25.36 18.73
CA LEU D 61 34.82 24.83 19.39
C LEU D 61 34.09 23.80 18.54
N TYR D 62 34.57 23.52 17.33
CA TYR D 62 33.94 22.52 16.46
C TYR D 62 34.50 21.15 16.82
N ASP D 63 33.75 20.40 17.61
CA ASP D 63 34.08 19.02 17.93
C ASP D 63 33.70 18.15 16.74
N PHE D 64 34.71 17.68 16.00
CA PHE D 64 34.43 16.93 14.77
C PHE D 64 33.70 15.62 15.05
N GLU D 65 33.96 15.01 16.21
CA GLU D 65 33.25 13.77 16.55
C GLU D 65 31.80 14.04 16.92
N ARG D 66 31.56 15.11 17.69
CA ARG D 66 30.20 15.38 18.15
C ARG D 66 29.32 15.88 17.01
N TYR D 67 29.84 16.73 16.15
CA TYR D 67 29.07 17.28 15.03
C TYR D 67 29.13 16.39 13.80
N SER D 68 29.61 15.16 13.93
CA SER D 68 29.50 14.19 12.84
C SER D 68 28.07 13.70 12.66
N SER D 69 27.21 13.91 13.66
CA SER D 69 25.80 13.58 13.54
C SER D 69 24.96 14.78 13.95
N LEU D 70 23.73 14.83 13.42
CA LEU D 70 22.83 15.94 13.69
C LEU D 70 22.59 16.15 15.17
N GLU D 71 22.76 15.10 15.98
CA GLU D 71 22.45 15.17 17.40
C GLU D 71 23.32 16.18 18.15
N GLY D 72 24.51 16.48 17.65
CA GLY D 72 25.38 17.43 18.33
C GLY D 72 24.86 18.85 18.28
N HIS D 73 24.29 19.24 17.14
CA HIS D 73 23.66 20.56 17.06
C HIS D 73 22.36 20.58 17.84
N SER D 74 21.65 19.45 17.90
CA SER D 74 20.46 19.36 18.73
C SER D 74 20.79 19.60 20.19
N GLN D 75 21.86 18.95 20.68
CA GLN D 75 22.25 19.14 22.08
C GLN D 75 22.66 20.59 22.35
N ASP D 76 23.24 21.26 21.35
CA ASP D 76 23.53 22.69 21.49
C ASP D 76 22.23 23.49 21.65
N LEU D 77 21.27 23.27 20.75
CA LEU D 77 20.01 23.99 20.79
C LEU D 77 19.32 23.81 22.13
N ILE D 78 19.24 22.57 22.61
CA ILE D 78 18.68 22.30 23.93
C ILE D 78 19.36 23.19 24.98
N ALA D 79 20.69 23.25 24.92
CA ALA D 79 21.45 24.00 25.92
C ALA D 79 21.17 25.50 25.83
N ILE D 80 21.13 26.04 24.61
CA ILE D 80 20.86 27.47 24.44
C ILE D 80 19.49 27.82 25.01
N LEU D 81 18.51 26.97 24.76
CA LEU D 81 17.16 27.25 25.24
C LEU D 81 17.10 27.17 26.77
N GLU D 82 17.64 26.10 27.35
CA GLU D 82 17.74 25.99 28.79
C GLU D 82 18.44 27.22 29.39
N GLU D 83 19.57 27.60 28.78
CA GLU D 83 20.39 28.67 29.33
C GLU D 83 19.61 29.97 29.46
N PHE D 84 18.86 30.32 28.42
CA PHE D 84 18.22 31.63 28.35
C PHE D 84 16.76 31.60 28.77
N HIS D 85 16.36 30.58 29.52
CA HIS D 85 15.02 30.50 30.11
C HIS D 85 13.91 30.67 29.07
N VAL D 86 14.00 29.92 27.99
CA VAL D 86 12.94 29.87 27.00
C VAL D 86 12.30 28.49 27.06
N THR D 87 10.97 28.47 27.04
CA THR D 87 10.19 27.24 27.12
C THR D 87 8.92 27.41 26.31
N LYS D 88 8.52 26.34 25.62
CA LYS D 88 7.44 26.34 24.65
C LYS D 88 7.61 27.52 23.68
N CYS D 89 8.67 27.42 22.88
CA CYS D 89 9.05 28.47 21.95
C CYS D 89 8.50 28.20 20.56
N ILE D 90 8.35 29.28 19.80
CA ILE D 90 8.08 29.20 18.36
C ILE D 90 9.43 29.13 17.67
N PHE D 91 9.74 27.98 17.07
CA PHE D 91 11.04 27.76 16.44
C PHE D 91 10.94 27.99 14.94
N VAL D 92 11.75 28.92 14.44
CA VAL D 92 11.80 29.26 13.02
C VAL D 92 13.19 28.86 12.54
N GLY D 93 13.29 27.72 11.87
CA GLY D 93 14.57 27.18 11.45
C GLY D 93 14.71 27.18 9.93
N HIS D 94 15.92 27.47 9.44
CA HIS D 94 16.22 27.40 8.02
C HIS D 94 17.02 26.14 7.72
N ALA D 95 16.48 25.32 6.82
CA ALA D 95 17.17 24.14 6.31
C ALA D 95 17.66 23.26 7.45
N LEU D 96 18.98 23.24 7.68
CA LEU D 96 19.57 22.41 8.74
C LEU D 96 18.86 22.59 10.06
N SER D 97 18.80 23.85 10.52
CA SER D 97 18.27 24.13 11.86
C SER D 97 16.83 23.68 12.00
N SER D 98 16.08 23.57 10.91
CA SER D 98 14.73 23.03 10.99
C SER D 98 14.75 21.56 11.41
N MET D 99 15.73 20.81 10.91
CA MET D 99 15.86 19.41 11.31
C MET D 99 16.50 19.29 12.69
N VAL D 100 17.48 20.16 12.99
CA VAL D 100 18.00 20.25 14.35
C VAL D 100 16.86 20.56 15.32
N GLY D 101 15.97 21.48 14.94
CA GLY D 101 14.85 21.80 15.80
C GLY D 101 13.84 20.67 15.89
N ALA D 102 13.59 19.99 14.77
CA ALA D 102 12.63 18.90 14.77
C ALA D 102 13.03 17.80 15.75
N VAL D 103 14.30 17.39 15.70
CA VAL D 103 14.73 16.30 16.57
C VAL D 103 14.83 16.77 18.02
N SER D 104 15.25 18.02 18.23
CA SER D 104 15.31 18.56 19.59
C SER D 104 13.94 18.54 20.26
N SER D 105 12.87 18.66 19.48
CA SER D 105 11.53 18.66 20.05
C SER D 105 11.06 17.25 20.38
N ILE D 106 11.54 16.23 19.66
CA ILE D 106 11.27 14.86 20.06
C ILE D 106 11.81 14.61 21.46
N PHE D 107 13.01 15.13 21.75
CA PHE D 107 13.66 14.90 23.03
C PHE D 107 13.13 15.82 24.12
N ARG D 108 12.76 17.05 23.78
CA ARG D 108 12.33 18.05 24.75
C ARG D 108 11.12 18.78 24.22
N PRO D 109 9.94 18.15 24.28
CA PRO D 109 8.72 18.84 23.81
C PRO D 109 8.34 20.04 24.67
N ASP D 110 8.86 20.12 25.90
CA ASP D 110 8.60 21.26 26.76
C ASP D 110 9.24 22.54 26.25
N LEU D 111 10.20 22.44 25.34
CA LEU D 111 10.92 23.61 24.84
C LEU D 111 10.33 24.19 23.57
N PHE D 112 9.37 23.50 22.94
CA PHE D 112 8.88 23.88 21.62
C PHE D 112 7.36 23.91 21.65
N ARG D 113 6.78 25.04 21.25
CA ARG D 113 5.33 25.12 21.04
C ARG D 113 4.94 24.73 19.63
N LYS D 114 5.70 25.19 18.64
CA LYS D 114 5.50 24.81 17.25
C LYS D 114 6.74 25.17 16.44
N ILE D 115 6.89 24.49 15.31
CA ILE D 115 8.02 24.69 14.40
C ILE D 115 7.50 25.25 13.09
N VAL D 116 8.23 26.21 12.53
CA VAL D 116 8.03 26.65 11.16
C VAL D 116 9.35 26.50 10.43
N MET D 117 9.34 25.74 9.33
CA MET D 117 10.55 25.41 8.61
C MET D 117 10.47 25.90 7.18
N ILE D 118 11.64 26.16 6.59
CA ILE D 118 11.78 26.46 5.17
C ILE D 118 12.95 25.64 4.64
N SER D 119 12.89 25.29 3.35
CA SER D 119 13.97 24.54 2.72
C SER D 119 14.32 23.30 3.52
N ALA D 120 13.34 22.77 4.25
CA ALA D 120 13.56 21.60 5.10
C ALA D 120 13.74 20.35 4.26
N CYS D 121 14.67 19.50 4.67
CA CYS D 121 15.01 18.29 3.92
C CYS D 121 15.42 17.18 4.88
N PRO D 122 14.59 16.14 5.03
CA PRO D 122 14.91 15.07 5.98
C PRO D 122 15.93 14.07 5.46
N ARG D 123 16.31 14.15 4.19
CA ARG D 123 17.31 13.27 3.59
C ARG D 123 17.66 13.80 2.21
N VAL D 124 18.95 14.09 1.98
CA VAL D 124 19.35 14.77 0.75
C VAL D 124 19.11 13.90 -0.47
N ALA D 125 19.42 12.60 -0.36
CA ALA D 125 19.44 11.72 -1.52
C ALA D 125 18.12 10.93 -1.65
N ASN D 126 17.90 10.41 -2.86
CA ASN D 126 16.70 9.66 -3.16
C ASN D 126 16.69 8.32 -2.44
N ALA D 127 15.52 7.69 -2.44
CA ALA D 127 15.32 6.37 -1.84
C ALA D 127 14.23 5.66 -2.63
N ASP D 128 13.65 4.62 -2.05
CA ASP D 128 12.38 4.10 -2.52
C ASP D 128 11.27 4.89 -1.83
N ASP D 129 10.30 5.35 -2.61
CA ASP D 129 9.16 6.11 -2.10
C ASP D 129 9.59 7.37 -1.36
N TYR D 130 10.81 7.84 -1.63
CA TYR D 130 11.27 9.17 -1.23
C TYR D 130 12.03 9.76 -2.41
N TYR D 131 11.90 11.07 -2.60
CA TYR D 131 12.54 11.76 -3.70
C TYR D 131 13.11 13.06 -3.19
N GLY D 132 14.44 13.20 -3.24
CA GLY D 132 15.10 14.34 -2.65
C GLY D 132 15.79 15.27 -3.63
N GLY D 133 15.91 14.84 -4.89
CA GLY D 133 16.48 15.65 -5.95
C GLY D 133 17.68 15.03 -6.63
N PHE D 134 18.47 14.25 -5.88
CA PHE D 134 19.70 13.66 -6.41
C PHE D 134 19.74 12.18 -6.08
N GLU D 135 20.28 11.40 -7.01
CA GLU D 135 20.62 10.01 -6.69
C GLU D 135 21.80 9.97 -5.74
N GLU D 136 21.89 8.88 -4.97
CA GLU D 136 22.88 8.83 -3.88
C GLU D 136 24.30 8.88 -4.40
N GLU D 137 24.60 8.09 -5.44
CA GLU D 137 25.94 8.13 -6.01
C GLU D 137 26.27 9.51 -6.56
N ASP D 138 25.28 10.21 -7.10
CA ASP D 138 25.52 11.56 -7.59
C ASP D 138 25.70 12.55 -6.45
N VAL D 139 25.21 12.23 -5.25
CA VAL D 139 25.54 13.06 -4.08
C VAL D 139 27.00 12.87 -3.71
N ASN D 140 27.50 11.63 -3.74
CA ASN D 140 28.86 11.38 -3.28
C ASN D 140 29.90 12.00 -4.20
N GLN D 141 29.69 11.92 -5.52
CA GLN D 141 30.63 12.52 -6.46
C GLN D 141 30.68 14.02 -6.32
N LEU D 142 29.58 14.65 -5.92
CA LEU D 142 29.60 16.09 -5.64
C LEU D 142 30.41 16.40 -4.39
N TYR D 143 30.18 15.63 -3.32
CA TYR D 143 31.01 15.80 -2.13
C TYR D 143 32.47 15.51 -2.45
N GLY D 144 32.74 14.36 -3.09
CA GLY D 144 34.10 13.99 -3.39
C GLY D 144 34.86 15.02 -4.19
N ALA D 145 34.16 15.75 -5.06
CA ALA D 145 34.80 16.83 -5.80
C ALA D 145 35.02 18.05 -4.92
N MET D 146 34.10 18.31 -3.99
CA MET D 146 34.29 19.42 -3.05
C MET D 146 35.52 19.19 -2.17
N GLU D 147 35.81 17.94 -1.83
CA GLU D 147 36.98 17.63 -1.03
C GLU D 147 38.27 17.77 -1.82
N GLU D 148 38.21 17.48 -3.11
CA GLU D 148 39.40 17.52 -3.97
C GLU D 148 39.85 18.92 -4.38
N ASN D 149 38.88 19.82 -4.58
CA ASN D 149 39.20 21.19 -5.01
C ASN D 149 38.12 22.09 -4.39
N PHE D 150 38.35 22.47 -3.13
CA PHE D 150 37.26 23.04 -2.34
C PHE D 150 36.80 24.39 -2.88
N GLN D 151 37.74 25.33 -3.10
CA GLN D 151 37.31 26.69 -3.39
C GLN D 151 36.67 26.82 -4.78
N THR D 152 37.21 26.15 -5.79
CA THR D 152 36.64 26.29 -7.13
C THR D 152 35.28 25.62 -7.21
N MET D 153 35.13 24.44 -6.60
CA MET D 153 33.83 23.77 -6.62
C MET D 153 32.78 24.57 -5.85
N MET D 154 33.15 25.06 -4.67
CA MET D 154 32.20 25.85 -3.89
C MET D 154 31.81 27.13 -4.63
N THR D 155 32.77 27.76 -5.31
CA THR D 155 32.46 28.93 -6.13
C THR D 155 31.47 28.57 -7.23
N GLY D 156 31.62 27.40 -7.83
CA GLY D 156 30.62 26.95 -8.78
C GLY D 156 29.30 26.61 -8.11
N TYR D 157 29.37 25.99 -6.92
CA TYR D 157 28.15 25.59 -6.22
C TYR D 157 27.32 26.79 -5.77
N ALA D 158 27.98 27.90 -5.43
CA ALA D 158 27.28 28.98 -4.72
C ALA D 158 26.14 29.60 -5.52
N PRO D 159 26.32 30.05 -6.77
CA PRO D 159 25.18 30.65 -7.48
C PRO D 159 24.04 29.67 -7.71
N ILE D 160 24.35 28.38 -7.91
CA ILE D 160 23.31 27.38 -8.08
C ILE D 160 22.38 27.35 -6.87
N VAL D 161 22.95 27.48 -5.68
CA VAL D 161 22.15 27.40 -4.45
C VAL D 161 21.29 28.65 -4.28
N VAL D 162 21.91 29.83 -4.42
CA VAL D 162 21.20 31.08 -4.22
C VAL D 162 20.08 31.23 -5.25
N GLY D 163 20.35 30.83 -6.49
CA GLY D 163 19.41 31.06 -7.57
C GLY D 163 19.34 32.53 -7.93
N GLY D 164 18.49 32.82 -8.91
CA GLY D 164 18.24 34.19 -9.29
C GLY D 164 19.39 34.80 -10.07
N ASP D 165 19.25 36.11 -10.30
CA ASP D 165 20.22 36.84 -11.11
C ASP D 165 21.58 36.88 -10.42
N LEU D 166 22.63 36.68 -11.21
CA LEU D 166 24.00 36.92 -10.78
C LEU D 166 24.13 38.32 -10.18
N GLU D 167 24.96 38.43 -9.15
CA GLU D 167 25.27 39.75 -8.56
C GLU D 167 24.04 40.38 -7.91
N SER D 168 23.20 39.57 -7.28
CA SER D 168 22.23 40.10 -6.34
C SER D 168 22.88 40.21 -4.98
N GLU D 169 22.21 40.89 -4.05
CA GLU D 169 22.76 41.00 -2.70
C GLU D 169 22.75 39.65 -2.00
N ALA D 170 21.72 38.83 -2.25
CA ALA D 170 21.69 37.48 -1.69
C ALA D 170 22.80 36.62 -2.27
N MET D 171 23.14 36.83 -3.55
CA MET D 171 24.26 36.12 -4.15
C MET D 171 25.58 36.55 -3.51
N GLN D 172 25.78 37.87 -3.36
CA GLN D 172 27.02 38.37 -2.78
C GLN D 172 27.13 37.99 -1.31
N GLU D 173 26.03 38.09 -0.56
CA GLU D 173 26.11 37.91 0.88
C GLU D 173 26.23 36.43 1.27
N PHE D 174 25.54 35.53 0.55
CA PHE D 174 25.71 34.11 0.83
C PHE D 174 27.08 33.61 0.40
N SER D 175 27.62 34.16 -0.69
CA SER D 175 28.99 33.81 -1.08
C SER D 175 29.98 34.22 0.01
N ARG D 176 29.76 35.40 0.62
CA ARG D 176 30.70 35.92 1.59
C ARG D 176 30.74 35.06 2.85
N THR D 177 29.58 34.75 3.42
CA THR D 177 29.55 33.94 4.63
C THR D 177 29.91 32.48 4.34
N LEU D 178 29.73 32.03 3.10
CA LEU D 178 30.10 30.66 2.74
C LEU D 178 31.61 30.46 2.85
N PHE D 179 32.38 31.37 2.26
CA PHE D 179 33.84 31.22 2.23
C PHE D 179 34.52 31.74 3.48
N ASN D 180 33.77 32.25 4.45
CA ASN D 180 34.33 32.51 5.77
C ASN D 180 34.37 31.25 6.62
N MET D 181 33.55 30.25 6.28
CA MET D 181 33.65 28.95 6.90
C MET D 181 35.02 28.34 6.64
N ARG D 182 35.61 27.75 7.66
CA ARG D 182 36.86 27.03 7.48
C ARG D 182 36.58 25.77 6.67
N PRO D 183 37.41 25.45 5.66
CA PRO D 183 37.04 24.38 4.73
C PRO D 183 36.85 23.01 5.37
N ASP D 184 37.74 22.61 6.30
CA ASP D 184 37.60 21.29 6.90
C ASP D 184 36.32 21.19 7.72
N ILE D 185 35.86 22.30 8.30
CA ILE D 185 34.61 22.30 9.04
C ILE D 185 33.42 22.22 8.08
N ALA D 186 33.47 22.97 6.98
CA ALA D 186 32.37 22.96 6.02
C ALA D 186 32.18 21.58 5.41
N LEU D 187 33.28 20.90 5.06
CA LEU D 187 33.17 19.54 4.54
C LEU D 187 32.63 18.59 5.59
N SER D 188 33.00 18.80 6.86
CA SER D 188 32.45 17.99 7.94
C SER D 188 30.94 18.14 8.02
N ILE D 189 30.45 19.39 8.03
CA ILE D 189 29.01 19.63 8.03
C ILE D 189 28.36 18.91 6.86
N CYS D 190 28.96 19.02 5.67
CA CYS D 190 28.37 18.43 4.46
C CYS D 190 28.26 16.92 4.57
N ARG D 191 29.29 16.26 5.11
CA ARG D 191 29.20 14.81 5.34
C ARG D 191 28.08 14.48 6.30
N MET D 192 27.94 15.28 7.36
CA MET D 192 26.84 15.10 8.30
C MET D 192 25.49 15.34 7.63
N ILE D 193 25.41 16.36 6.79
CA ILE D 193 24.15 16.66 6.09
C ILE D 193 23.73 15.46 5.24
N SER D 194 24.59 15.09 4.28
CA SER D 194 24.29 13.99 3.38
C SER D 194 24.27 12.64 4.08
N GLY D 195 24.67 12.58 5.35
CA GLY D 195 24.67 11.34 6.09
C GLY D 195 23.38 11.08 6.82
N TYR D 196 22.64 12.12 7.20
CA TYR D 196 21.46 11.91 8.03
C TYR D 196 20.28 11.43 7.18
N ASP D 197 19.42 10.63 7.82
CA ASP D 197 18.17 10.17 7.23
C ASP D 197 17.13 10.22 8.34
N LEU D 198 16.33 11.28 8.37
CA LEU D 198 15.38 11.52 9.44
C LEU D 198 14.00 10.96 9.16
N ARG D 199 13.84 10.21 8.07
CA ARG D 199 12.52 9.67 7.73
C ARG D 199 11.88 8.86 8.85
N PRO D 200 12.58 7.97 9.56
CA PRO D 200 11.93 7.27 10.67
C PRO D 200 11.67 8.15 11.88
N TYR D 201 12.40 9.27 12.03
CA TYR D 201 12.18 10.17 13.15
C TYR D 201 10.90 10.99 13.00
N LEU D 202 10.41 11.16 11.77
CA LEU D 202 9.42 12.20 11.49
C LEU D 202 8.10 11.96 12.22
N GLY D 203 7.67 10.69 12.31
CA GLY D 203 6.44 10.40 13.02
C GLY D 203 6.53 10.74 14.49
N LEU D 204 7.72 10.62 15.09
CA LEU D 204 7.86 10.95 16.50
C LEU D 204 7.80 12.45 16.73
N VAL D 205 7.96 13.26 15.68
CA VAL D 205 7.72 14.69 15.77
C VAL D 205 6.20 14.89 15.86
N VAL D 206 5.75 15.41 16.99
CA VAL D 206 4.32 15.54 17.28
C VAL D 206 3.87 16.98 17.40
N ILE D 207 4.79 17.92 17.54
CA ILE D 207 4.59 19.36 17.57
C ILE D 207 3.93 19.78 16.25
N PRO D 208 3.15 20.86 16.19
CA PRO D 208 2.74 21.36 14.86
C PRO D 208 3.94 21.82 14.06
N CYS D 209 3.88 21.59 12.75
CA CYS D 209 4.96 21.96 11.84
C CYS D 209 4.37 22.72 10.67
N HIS D 210 4.94 23.88 10.37
CA HIS D 210 4.50 24.68 9.22
C HIS D 210 5.59 24.58 8.16
N ILE D 211 5.32 23.79 7.13
CA ILE D 211 6.29 23.51 6.07
C ILE D 211 6.15 24.61 5.02
N ILE D 212 7.10 25.53 5.02
CA ILE D 212 7.23 26.52 3.96
C ILE D 212 8.32 26.05 3.02
N GLN D 213 8.17 26.30 1.72
CA GLN D 213 9.19 25.88 0.78
C GLN D 213 9.00 26.59 -0.56
N SER D 214 10.13 26.93 -1.18
CA SER D 214 10.14 27.63 -2.45
C SER D 214 9.56 26.77 -3.57
N SER D 215 9.13 27.45 -4.64
CA SER D 215 8.61 26.74 -5.80
C SER D 215 9.71 26.14 -6.65
N LYS D 216 10.94 26.70 -6.60
CA LYS D 216 12.04 26.27 -7.46
C LYS D 216 13.35 26.29 -6.66
N ASP D 217 13.44 25.41 -5.66
CA ASP D 217 14.67 25.21 -4.90
C ASP D 217 15.35 23.96 -5.46
N LYS D 218 16.53 24.14 -6.06
CA LYS D 218 17.24 23.02 -6.65
C LYS D 218 17.64 21.98 -5.60
N LEU D 219 17.79 22.40 -4.35
CA LEU D 219 18.19 21.49 -3.28
C LEU D 219 17.02 20.82 -2.58
N VAL D 220 15.82 21.41 -2.62
CA VAL D 220 14.65 20.79 -2.02
C VAL D 220 13.47 20.89 -2.99
N PRO D 221 13.18 19.84 -3.74
CA PRO D 221 12.01 19.86 -4.63
C PRO D 221 10.70 19.84 -3.84
N VAL D 222 9.64 20.31 -4.51
CA VAL D 222 8.32 20.39 -3.88
C VAL D 222 7.91 19.05 -3.28
N ALA D 223 8.33 17.94 -3.89
CA ALA D 223 7.97 16.62 -3.38
C ALA D 223 8.43 16.41 -1.96
N VAL D 224 9.49 17.10 -1.52
CA VAL D 224 9.97 16.94 -0.16
C VAL D 224 8.97 17.52 0.84
N ALA D 225 8.36 18.66 0.51
CA ALA D 225 7.40 19.27 1.41
C ALA D 225 6.17 18.40 1.60
N GLU D 226 5.73 17.75 0.55
CA GLU D 226 4.62 16.83 0.69
C GLU D 226 4.99 15.64 1.52
N TYR D 227 6.16 15.11 1.30
CA TYR D 227 6.59 13.95 2.08
C TYR D 227 6.63 14.26 3.56
N LEU D 228 7.09 15.47 3.92
CA LEU D 228 7.10 15.87 5.32
C LEU D 228 5.69 16.03 5.85
N HIS D 229 4.83 16.73 5.10
CA HIS D 229 3.44 16.92 5.52
C HIS D 229 2.72 15.58 5.67
N ARG D 230 3.02 14.62 4.80
CA ARG D 230 2.37 13.32 4.87
C ARG D 230 2.90 12.47 6.02
N ASN D 231 4.11 12.75 6.52
CA ASN D 231 4.78 11.84 7.45
C ASN D 231 5.09 12.40 8.82
N PHE D 232 4.77 13.65 9.10
CA PHE D 232 4.93 14.14 10.48
C PHE D 232 3.92 13.47 11.40
N GLY D 233 4.21 13.49 12.69
CA GLY D 233 3.37 12.82 13.65
C GLY D 233 2.22 13.66 14.17
N GLY D 234 2.45 14.95 14.38
CA GLY D 234 1.42 15.86 14.79
C GLY D 234 0.71 16.49 13.61
N LYS D 235 0.13 17.66 13.83
CA LYS D 235 -0.45 18.39 12.73
C LYS D 235 0.64 19.08 11.91
N SER D 236 0.30 19.45 10.69
CA SER D 236 1.22 20.17 9.82
C SER D 236 0.44 20.76 8.65
N VAL D 237 1.09 21.66 7.92
CA VAL D 237 0.47 22.34 6.78
C VAL D 237 1.59 22.84 5.89
N VAL D 238 1.30 22.94 4.59
CA VAL D 238 2.29 23.32 3.58
C VAL D 238 1.87 24.63 2.93
N GLU D 239 2.85 25.45 2.59
CA GLU D 239 2.62 26.65 1.80
C GLU D 239 3.80 26.85 0.86
N LEU D 240 3.52 26.83 -0.45
CA LEU D 240 4.54 27.08 -1.45
C LEU D 240 4.75 28.57 -1.65
N ILE D 241 6.00 28.96 -1.85
CA ILE D 241 6.35 30.34 -2.17
C ILE D 241 6.81 30.38 -3.62
N PRO D 242 6.14 31.12 -4.50
CA PRO D 242 6.56 31.18 -5.90
C PRO D 242 7.83 31.98 -6.07
N THR D 243 8.99 31.34 -5.90
CA THR D 243 10.26 32.03 -6.12
C THR D 243 11.37 31.00 -6.30
N GLU D 244 12.49 31.48 -6.82
CA GLU D 244 13.65 30.68 -7.15
C GLU D 244 14.66 30.74 -6.01
N GLY D 245 15.35 29.63 -5.78
CA GLY D 245 16.50 29.61 -4.91
C GLY D 245 16.22 28.94 -3.57
N HIS D 246 17.30 28.80 -2.81
CA HIS D 246 17.30 28.04 -1.57
C HIS D 246 17.17 28.91 -0.32
N LEU D 247 17.37 30.23 -0.43
CA LEU D 247 17.34 31.13 0.72
C LEU D 247 16.33 32.26 0.49
N PRO D 248 15.04 31.93 0.34
CA PRO D 248 14.07 32.98 0.00
C PRO D 248 13.82 33.97 1.11
N HIS D 249 14.12 33.63 2.36
CA HIS D 249 14.05 34.63 3.43
C HIS D 249 15.08 35.73 3.27
N LEU D 250 16.06 35.53 2.39
CA LEU D 250 17.06 36.54 2.07
C LEU D 250 17.01 37.01 0.62
N SER D 251 16.64 36.15 -0.32
CA SER D 251 16.61 36.51 -1.73
C SER D 251 15.26 37.00 -2.21
N ALA D 252 14.18 36.65 -1.51
CA ALA D 252 12.84 37.10 -1.85
C ALA D 252 12.09 37.48 -0.57
N PRO D 253 12.57 38.50 0.14
CA PRO D 253 11.98 38.82 1.44
C PRO D 253 10.58 39.39 1.35
N ASP D 254 10.25 40.08 0.25
CA ASP D 254 8.93 40.69 0.13
C ASP D 254 7.84 39.64 -0.09
N ILE D 255 8.20 38.49 -0.67
CA ILE D 255 7.25 37.39 -0.78
C ILE D 255 7.26 36.51 0.46
N THR D 256 8.44 36.25 1.00
CA THR D 256 8.60 35.20 2.00
C THR D 256 8.25 35.67 3.41
N ILE D 257 8.72 36.86 3.79
CA ILE D 257 8.51 37.32 5.17
C ILE D 257 7.04 37.38 5.56
N PRO D 258 6.12 37.91 4.72
CA PRO D 258 4.70 37.84 5.11
C PRO D 258 4.21 36.42 5.32
N VAL D 259 4.65 35.47 4.50
CA VAL D 259 4.25 34.08 4.69
C VAL D 259 4.77 33.56 6.03
N LEU D 260 6.04 33.85 6.33
CA LEU D 260 6.61 33.45 7.61
C LEU D 260 5.83 34.06 8.77
N ILE D 261 5.39 35.31 8.62
CA ILE D 261 4.63 35.97 9.69
C ILE D 261 3.33 35.23 9.96
N ARG D 262 2.52 35.05 8.91
CA ARG D 262 1.25 34.34 9.06
C ARG D 262 1.41 33.03 9.82
N HIS D 263 2.46 32.27 9.49
CA HIS D 263 2.69 30.98 10.12
C HIS D 263 3.31 31.11 11.51
N ILE D 264 3.92 32.26 11.82
CA ILE D 264 4.39 32.50 13.18
C ILE D 264 3.24 32.94 14.08
N ASN D 265 2.35 33.78 13.56
CA ASN D 265 1.25 34.32 14.37
C ASN D 265 0.10 33.33 14.50
N GLN D 266 -0.26 32.66 13.41
CA GLN D 266 -1.45 31.81 13.37
C GLN D 266 -1.08 30.35 13.52
N ASP D 267 -2.03 29.57 14.05
CA ASP D 267 -1.83 28.16 14.34
C ASP D 267 -2.55 27.30 13.31
N ILE D 268 -2.72 26.02 13.62
CA ILE D 268 -3.35 25.05 12.75
C ILE D 268 -4.67 24.61 13.39
N ALA D 269 -5.71 24.51 12.56
CA ALA D 269 -7.00 24.02 13.05
C ALA D 269 -6.88 22.54 13.44
N ASP D 270 -7.91 22.04 14.11
CA ASP D 270 -7.92 20.64 14.52
C ASP D 270 -8.72 19.80 13.53
N SER E 2 12.81 -23.70 45.59
CA SER E 2 12.60 -23.51 44.16
C SER E 2 13.79 -24.02 43.36
N THR E 3 13.53 -24.89 42.38
CA THR E 3 14.61 -25.51 41.62
C THR E 3 14.93 -24.75 40.34
N VAL E 4 13.91 -24.39 39.55
CA VAL E 4 14.14 -23.55 38.39
C VAL E 4 14.28 -22.09 38.79
N GLY E 5 13.81 -21.72 39.97
CA GLY E 5 14.23 -20.47 40.57
C GLY E 5 15.72 -20.44 40.81
N SER E 6 16.26 -21.54 41.33
CA SER E 6 17.71 -21.61 41.49
C SER E 6 18.43 -21.46 40.15
N ALA E 7 17.89 -22.10 39.10
CA ALA E 7 18.61 -22.19 37.83
C ALA E 7 18.80 -20.84 37.15
N HIS E 8 17.87 -19.91 37.34
CA HIS E 8 17.96 -18.59 36.74
C HIS E 8 18.38 -17.52 37.75
N ASN E 9 18.94 -17.95 38.88
CA ASN E 9 19.41 -17.04 39.93
C ASN E 9 18.37 -15.97 40.26
N VAL E 10 17.15 -16.44 40.53
CA VAL E 10 16.06 -15.53 40.83
C VAL E 10 16.36 -14.77 42.12
N THR E 11 15.97 -13.50 42.15
CA THR E 11 16.11 -12.65 43.32
C THR E 11 14.88 -11.76 43.40
N VAL E 12 14.26 -11.69 44.57
CA VAL E 12 13.02 -10.94 44.77
C VAL E 12 13.23 -9.96 45.91
N LEU E 13 13.07 -8.67 45.61
CA LEU E 13 13.23 -7.60 46.57
C LEU E 13 12.00 -6.68 46.54
N GLY E 14 11.94 -5.78 47.52
CA GLY E 14 10.83 -4.85 47.63
C GLY E 14 9.52 -5.57 47.96
N SER E 15 8.44 -4.79 47.98
CA SER E 15 7.11 -5.38 48.00
C SER E 15 6.07 -4.33 47.68
N GLY E 16 4.93 -4.82 47.20
CA GLY E 16 3.84 -4.02 46.70
C GLY E 16 2.83 -4.97 46.10
N GLU E 17 1.66 -4.43 45.74
CA GLU E 17 0.57 -5.20 45.10
C GLU E 17 0.84 -5.70 43.67
N THR E 18 1.35 -4.83 42.81
CA THR E 18 1.76 -5.19 41.46
C THR E 18 3.26 -5.39 41.43
N THR E 19 3.70 -6.48 40.83
CA THR E 19 5.11 -6.84 40.78
C THR E 19 5.69 -6.57 39.40
N VAL E 20 7.01 -6.34 39.37
CA VAL E 20 7.74 -6.04 38.15
C VAL E 20 8.87 -7.05 38.00
N VAL E 21 9.13 -7.48 36.78
CA VAL E 21 10.20 -8.44 36.50
C VAL E 21 11.17 -7.82 35.50
N LEU E 22 12.46 -8.15 35.67
CA LEU E 22 13.53 -7.49 34.92
C LEU E 22 14.36 -8.54 34.21
N GLY E 23 14.14 -8.68 32.90
CA GLY E 23 14.98 -9.52 32.07
C GLY E 23 16.09 -8.72 31.42
N HIS E 24 17.20 -9.41 31.13
CA HIS E 24 18.38 -8.78 30.56
C HIS E 24 18.60 -9.25 29.13
N GLY E 25 19.56 -8.60 28.47
CA GLY E 25 19.92 -8.91 27.11
C GLY E 25 21.10 -9.86 27.00
N PHE E 26 21.58 -10.02 25.77
CA PHE E 26 22.66 -10.94 25.50
C PHE E 26 23.97 -10.42 26.08
N GLY E 27 24.71 -11.32 26.73
CA GLY E 27 26.04 -10.99 27.21
C GLY E 27 26.08 -10.34 28.57
N THR E 28 24.93 -10.08 29.19
CA THR E 28 24.92 -9.55 30.55
C THR E 28 24.09 -10.44 31.45
N ASP E 29 23.73 -9.94 32.63
CA ASP E 29 22.86 -10.66 33.54
C ASP E 29 22.08 -9.61 34.34
N GLN E 30 21.30 -10.09 35.31
CA GLN E 30 20.40 -9.21 36.05
C GLN E 30 21.13 -8.08 36.76
N SER E 31 22.46 -8.19 36.94
CA SER E 31 23.21 -7.09 37.55
C SER E 31 23.19 -5.84 36.69
N VAL E 32 22.85 -5.96 35.41
CA VAL E 32 22.72 -4.81 34.54
C VAL E 32 21.66 -3.84 35.04
N TRP E 33 20.77 -4.29 35.93
CA TRP E 33 19.68 -3.48 36.44
C TRP E 33 20.01 -2.82 37.78
N LYS E 34 21.30 -2.72 38.12
CA LYS E 34 21.68 -2.23 39.44
C LYS E 34 21.31 -0.76 39.67
N TYR E 35 21.16 0.02 38.61
CA TYR E 35 20.77 1.41 38.77
C TYR E 35 19.26 1.61 38.74
N LEU E 36 18.48 0.58 38.41
CA LEU E 36 17.03 0.69 38.38
C LEU E 36 16.37 0.21 39.67
N VAL E 37 16.77 -0.96 40.18
CA VAL E 37 16.06 -1.61 41.28
C VAL E 37 15.92 -0.74 42.53
N PRO E 38 16.84 0.18 42.87
CA PRO E 38 16.58 0.99 44.06
C PRO E 38 15.41 1.95 43.91
N HIS E 39 15.08 2.38 42.69
CA HIS E 39 13.93 3.25 42.48
C HIS E 39 12.62 2.49 42.40
N LEU E 40 12.63 1.17 42.63
CA LEU E 40 11.44 0.34 42.48
C LEU E 40 11.02 -0.39 43.75
N THR E 41 11.97 -0.74 44.62
CA THR E 41 11.66 -1.60 45.76
C THR E 41 10.65 -1.00 46.71
N ASP E 42 10.50 0.34 46.72
CA ASP E 42 9.56 0.96 47.64
C ASP E 42 8.12 0.85 47.17
N ASP E 43 7.90 0.96 45.86
CA ASP E 43 6.55 0.95 45.31
C ASP E 43 6.09 -0.42 44.83
N TYR E 44 6.99 -1.28 44.38
CA TYR E 44 6.62 -2.55 43.78
C TYR E 44 7.38 -3.70 44.43
N ARG E 45 6.89 -4.90 44.17
CA ARG E 45 7.65 -6.13 44.31
C ARG E 45 8.43 -6.36 43.02
N VAL E 46 9.68 -6.80 43.15
CA VAL E 46 10.61 -6.82 42.02
C VAL E 46 11.26 -8.20 41.92
N LEU E 47 11.15 -8.82 40.74
CA LEU E 47 11.77 -10.11 40.45
C LEU E 47 12.79 -9.94 39.34
N LEU E 48 14.04 -10.27 39.61
CA LEU E 48 15.07 -10.31 38.58
C LEU E 48 15.36 -11.76 38.20
N TYR E 49 15.62 -11.99 36.91
CA TYR E 49 15.96 -13.32 36.44
C TYR E 49 17.06 -13.23 35.41
N ASP E 50 17.85 -14.30 35.32
CA ASP E 50 18.91 -14.44 34.33
C ASP E 50 18.46 -15.38 33.22
N ASN E 51 18.77 -15.02 31.98
CA ASN E 51 18.51 -15.93 30.88
C ASN E 51 19.39 -17.16 30.99
N MET E 52 18.84 -18.33 30.65
CA MET E 52 19.66 -19.52 30.58
C MET E 52 20.69 -19.35 29.46
N GLY E 53 21.93 -19.68 29.77
CA GLY E 53 23.05 -19.45 28.88
C GLY E 53 23.94 -18.32 29.31
N ALA E 54 23.48 -17.45 30.20
CA ALA E 54 24.35 -16.41 30.74
C ALA E 54 25.47 -17.05 31.57
N GLY E 55 26.56 -16.29 31.73
CA GLY E 55 27.71 -16.82 32.43
C GLY E 55 27.41 -17.24 33.86
N THR E 56 26.40 -16.62 34.47
CA THR E 56 26.01 -16.92 35.84
C THR E 56 25.08 -18.12 35.97
N THR E 57 24.97 -18.95 34.93
CA THR E 57 24.09 -20.11 34.96
C THR E 57 24.90 -21.39 34.72
N ASP E 58 24.29 -22.50 35.09
CA ASP E 58 24.88 -23.82 34.94
C ASP E 58 24.97 -24.19 33.46
N PRO E 59 26.16 -24.27 32.87
CA PRO E 59 26.24 -24.66 31.45
C PRO E 59 25.70 -26.07 31.21
N ASN E 60 25.77 -26.94 32.21
CA ASN E 60 25.10 -28.24 32.11
C ASN E 60 23.60 -28.13 31.93
N LEU E 61 23.03 -26.92 32.08
CA LEU E 61 21.61 -26.69 31.94
C LEU E 61 21.22 -26.02 30.62
N TYR E 62 22.20 -25.63 29.80
CA TYR E 62 21.87 -25.05 28.50
C TYR E 62 21.63 -26.20 27.53
N ASP E 63 20.36 -26.47 27.25
CA ASP E 63 19.96 -27.47 26.27
C ASP E 63 19.97 -26.82 24.89
N PHE E 64 20.99 -27.16 24.09
CA PHE E 64 21.15 -26.52 22.78
C PHE E 64 19.94 -26.77 21.90
N GLU E 65 19.28 -27.92 22.07
CA GLU E 65 18.03 -28.19 21.35
C GLU E 65 16.95 -27.22 21.77
N ARG E 66 16.63 -27.20 23.07
CA ARG E 66 15.52 -26.38 23.55
C ARG E 66 15.72 -24.91 23.25
N TYR E 67 16.95 -24.41 23.37
CA TYR E 67 17.23 -22.99 23.27
C TYR E 67 17.63 -22.55 21.87
N SER E 68 17.49 -23.43 20.87
CA SER E 68 17.67 -23.00 19.48
C SER E 68 16.53 -22.10 19.01
N SER E 69 15.43 -22.04 19.75
CA SER E 69 14.30 -21.20 19.40
C SER E 69 13.90 -20.35 20.60
N LEU E 70 13.38 -19.15 20.30
CA LEU E 70 12.99 -18.20 21.33
C LEU E 70 12.02 -18.81 22.34
N GLU E 71 11.20 -19.78 21.92
CA GLU E 71 10.18 -20.31 22.81
C GLU E 71 10.80 -21.01 24.02
N GLY E 72 11.98 -21.63 23.86
CA GLY E 72 12.68 -22.23 25.00
C GLY E 72 12.90 -21.24 26.12
N HIS E 73 13.33 -20.03 25.78
CA HIS E 73 13.48 -18.99 26.79
C HIS E 73 12.12 -18.49 27.28
N SER E 74 11.11 -18.49 26.40
CA SER E 74 9.77 -18.10 26.82
C SER E 74 9.18 -19.11 27.80
N GLN E 75 9.37 -20.40 27.53
CA GLN E 75 8.94 -21.44 28.46
C GLN E 75 9.52 -21.20 29.85
N ASP E 76 10.81 -20.87 29.90
CA ASP E 76 11.47 -20.60 31.18
C ASP E 76 10.77 -19.47 31.92
N LEU E 77 10.64 -18.31 31.26
CA LEU E 77 10.04 -17.15 31.90
C LEU E 77 8.64 -17.47 32.42
N ILE E 78 7.81 -18.09 31.59
CA ILE E 78 6.46 -18.46 32.01
C ILE E 78 6.51 -19.33 33.27
N ALA E 79 7.45 -20.28 33.31
CA ALA E 79 7.58 -21.15 34.46
C ALA E 79 8.04 -20.37 35.69
N ILE E 80 9.04 -19.51 35.53
CA ILE E 80 9.52 -18.68 36.64
C ILE E 80 8.38 -17.85 37.19
N LEU E 81 7.66 -17.15 36.30
CA LEU E 81 6.52 -16.34 36.73
C LEU E 81 5.51 -17.17 37.51
N GLU E 82 5.42 -18.48 37.23
CA GLU E 82 4.53 -19.35 37.98
C GLU E 82 5.13 -19.76 39.31
N GLU E 83 6.39 -20.19 39.32
CA GLU E 83 7.01 -20.65 40.56
C GLU E 83 7.10 -19.56 41.62
N PHE E 84 6.88 -18.30 41.26
CA PHE E 84 6.87 -17.21 42.23
C PHE E 84 5.51 -16.54 42.32
N HIS E 85 4.45 -17.25 41.92
CA HIS E 85 3.06 -16.83 42.10
C HIS E 85 2.84 -15.41 41.60
N VAL E 86 3.35 -15.14 40.40
CA VAL E 86 3.27 -13.82 39.78
C VAL E 86 2.10 -13.80 38.81
N THR E 87 1.29 -12.75 38.88
CA THR E 87 0.20 -12.52 37.94
C THR E 87 0.15 -11.05 37.58
N LYS E 88 -0.21 -10.78 36.32
CA LYS E 88 -0.40 -9.42 35.82
C LYS E 88 0.80 -8.52 36.15
N CYS E 89 1.96 -8.96 35.71
CA CYS E 89 3.20 -8.25 36.03
C CYS E 89 3.48 -7.15 35.02
N ILE E 90 4.27 -6.18 35.45
CA ILE E 90 4.92 -5.24 34.54
C ILE E 90 6.26 -5.88 34.15
N PHE E 91 6.42 -6.20 32.87
CA PHE E 91 7.62 -6.88 32.39
C PHE E 91 8.55 -5.85 31.75
N VAL E 92 9.72 -5.65 32.35
CA VAL E 92 10.78 -4.80 31.78
C VAL E 92 11.86 -5.71 31.21
N GLY E 93 12.06 -5.63 29.92
CA GLY E 93 13.00 -6.53 29.23
C GLY E 93 14.07 -5.77 28.44
N HIS E 94 15.36 -6.20 28.55
CA HIS E 94 16.44 -5.69 27.68
C HIS E 94 16.57 -6.63 26.49
N ALA E 95 16.49 -6.03 25.32
CA ALA E 95 16.76 -6.70 24.06
C ALA E 95 16.09 -8.06 24.00
N LEU E 96 16.88 -9.14 24.15
CA LEU E 96 16.35 -10.49 24.03
C LEU E 96 15.12 -10.71 24.88
N SER E 97 15.20 -10.33 26.16
CA SER E 97 14.12 -10.61 27.08
C SER E 97 12.85 -9.84 26.73
N SER E 98 12.96 -8.72 26.00
CA SER E 98 11.77 -8.03 25.55
C SER E 98 10.97 -8.89 24.58
N MET E 99 11.66 -9.53 23.62
CA MET E 99 10.98 -10.43 22.70
C MET E 99 10.55 -11.71 23.41
N VAL E 100 11.35 -12.19 24.36
CA VAL E 100 10.96 -13.36 25.15
C VAL E 100 9.65 -13.08 25.89
N GLY E 101 9.58 -11.92 26.55
CA GLY E 101 8.36 -11.57 27.26
C GLY E 101 7.19 -11.31 26.35
N ALA E 102 7.44 -10.79 25.15
CA ALA E 102 6.36 -10.49 24.22
C ALA E 102 5.63 -11.76 23.80
N VAL E 103 6.37 -12.77 23.35
CA VAL E 103 5.72 -14.01 22.94
C VAL E 103 5.10 -14.74 24.11
N SER E 104 5.69 -14.59 25.31
CA SER E 104 5.08 -15.17 26.50
C SER E 104 3.74 -14.52 26.80
N SER E 105 3.58 -13.24 26.46
CA SER E 105 2.31 -12.57 26.63
C SER E 105 1.28 -13.01 25.60
N ILE E 106 1.73 -13.51 24.44
CA ILE E 106 0.81 -14.14 23.50
C ILE E 106 0.20 -15.39 24.13
N PHE E 107 1.04 -16.21 24.76
CA PHE E 107 0.61 -17.52 25.26
C PHE E 107 -0.12 -17.42 26.60
N ARG E 108 0.23 -16.45 27.43
CA ARG E 108 -0.33 -16.33 28.78
C ARG E 108 -0.62 -14.87 29.08
N PRO E 109 -1.69 -14.32 28.49
CA PRO E 109 -2.07 -12.94 28.81
C PRO E 109 -2.27 -12.68 30.30
N ASP E 110 -2.62 -13.71 31.07
CA ASP E 110 -2.87 -13.54 32.50
C ASP E 110 -1.62 -13.16 33.28
N LEU E 111 -0.43 -13.44 32.75
CA LEU E 111 0.81 -13.22 33.48
C LEU E 111 1.42 -11.85 33.24
N PHE E 112 0.85 -11.04 32.35
CA PHE E 112 1.40 -9.74 32.02
C PHE E 112 0.30 -8.70 31.98
N ARG E 113 0.57 -7.52 32.53
CA ARG E 113 -0.31 -6.37 32.33
C ARG E 113 0.22 -5.41 31.26
N LYS E 114 1.53 -5.17 31.24
CA LYS E 114 2.12 -4.40 30.16
C LYS E 114 3.60 -4.71 30.07
N ILE E 115 4.20 -4.35 28.93
CA ILE E 115 5.60 -4.62 28.64
C ILE E 115 6.30 -3.30 28.36
N VAL E 116 7.45 -3.10 28.99
CA VAL E 116 8.33 -1.97 28.70
C VAL E 116 9.62 -2.54 28.10
N MET E 117 9.93 -2.12 26.88
CA MET E 117 11.01 -2.71 26.12
C MET E 117 12.17 -1.74 25.96
N ILE E 118 13.36 -2.28 25.99
CA ILE E 118 14.52 -1.47 25.70
C ILE E 118 15.38 -2.21 24.64
N SER E 119 15.74 -1.47 23.59
CA SER E 119 16.50 -1.96 22.47
C SER E 119 15.87 -3.23 21.88
N ALA E 120 14.54 -3.24 21.78
CA ALA E 120 13.83 -4.40 21.27
C ALA E 120 14.06 -4.57 19.77
N CYS E 121 14.14 -5.83 19.33
CA CYS E 121 14.38 -6.12 17.92
C CYS E 121 13.59 -7.35 17.48
N PRO E 122 12.54 -7.16 16.66
CA PRO E 122 11.74 -8.31 16.22
C PRO E 122 12.46 -9.21 15.22
N ARG E 123 13.47 -8.69 14.54
CA ARG E 123 14.20 -9.43 13.53
C ARG E 123 15.49 -8.67 13.22
N VAL E 124 16.62 -9.37 13.26
CA VAL E 124 17.91 -8.67 13.11
C VAL E 124 18.10 -8.20 11.68
N ALA E 125 17.91 -9.10 10.71
CA ALA E 125 18.26 -8.81 9.33
C ALA E 125 17.21 -7.95 8.64
N ASN E 126 17.67 -7.17 7.67
CA ASN E 126 16.79 -6.40 6.80
C ASN E 126 15.80 -7.30 6.08
N ALA E 127 14.73 -6.69 5.59
CA ALA E 127 13.75 -7.39 4.77
C ALA E 127 13.17 -6.39 3.79
N ASP E 128 12.11 -6.80 3.09
CA ASP E 128 11.28 -5.87 2.33
C ASP E 128 10.25 -5.28 3.28
N ASP E 129 10.21 -3.95 3.35
CA ASP E 129 9.34 -3.22 4.29
C ASP E 129 9.74 -3.51 5.75
N TYR E 130 11.05 -3.64 5.99
CA TYR E 130 11.55 -3.74 7.35
C TYR E 130 13.05 -3.49 7.34
N TYR E 131 13.46 -2.34 7.86
CA TYR E 131 14.88 -2.02 8.03
C TYR E 131 15.31 -2.40 9.44
N GLY E 132 16.30 -3.28 9.53
CA GLY E 132 16.78 -3.74 10.82
C GLY E 132 18.22 -3.36 11.10
N GLY E 133 18.93 -2.92 10.07
CA GLY E 133 20.30 -2.46 10.25
C GLY E 133 21.30 -3.13 9.34
N PHE E 134 21.30 -4.46 9.32
CA PHE E 134 22.21 -5.25 8.50
C PHE E 134 21.40 -6.13 7.55
N GLU E 135 22.00 -6.45 6.41
CA GLU E 135 21.36 -7.40 5.51
C GLU E 135 21.87 -8.81 5.82
N GLU E 136 21.11 -9.80 5.34
CA GLU E 136 21.25 -11.16 5.85
C GLU E 136 22.67 -11.70 5.66
N GLU E 137 23.27 -11.46 4.49
CA GLU E 137 24.64 -11.93 4.27
C GLU E 137 25.64 -11.23 5.18
N ASP E 138 25.33 -10.03 5.66
CA ASP E 138 26.21 -9.38 6.63
C ASP E 138 26.08 -10.00 8.01
N VAL E 139 24.86 -10.38 8.41
CA VAL E 139 24.69 -11.13 9.65
C VAL E 139 25.48 -12.43 9.59
N ASN E 140 25.44 -13.11 8.44
CA ASN E 140 26.17 -14.37 8.30
C ASN E 140 27.68 -14.16 8.42
N GLN E 141 28.21 -13.12 7.78
CA GLN E 141 29.65 -12.90 7.80
C GLN E 141 30.15 -12.60 9.21
N LEU E 142 29.35 -11.89 10.00
CA LEU E 142 29.79 -11.51 11.34
C LEU E 142 29.52 -12.60 12.37
N TYR E 143 28.49 -13.43 12.18
CA TYR E 143 28.42 -14.66 12.97
C TYR E 143 29.55 -15.60 12.61
N GLY E 144 29.70 -15.90 11.31
CA GLY E 144 30.76 -16.80 10.88
C GLY E 144 32.14 -16.35 11.32
N ALA E 145 32.36 -15.03 11.39
CA ALA E 145 33.60 -14.49 11.92
C ALA E 145 33.79 -14.86 13.37
N MET E 146 32.72 -14.76 14.16
CA MET E 146 32.77 -15.03 15.59
C MET E 146 32.88 -16.52 15.88
N GLU E 147 32.36 -17.35 14.98
CA GLU E 147 32.48 -18.80 15.11
C GLU E 147 33.87 -19.31 14.78
N GLU E 148 34.66 -18.53 14.03
CA GLU E 148 36.00 -18.93 13.62
C GLU E 148 37.09 -18.37 14.52
N ASN E 149 36.78 -17.36 15.32
CA ASN E 149 37.73 -16.75 16.24
C ASN E 149 36.95 -15.99 17.30
N PHE E 150 36.41 -16.71 18.27
CA PHE E 150 35.50 -16.10 19.25
C PHE E 150 36.18 -15.00 20.04
N GLN E 151 37.30 -15.33 20.70
CA GLN E 151 37.92 -14.37 21.62
C GLN E 151 38.35 -13.09 20.90
N THR E 152 38.81 -13.20 19.65
CA THR E 152 39.24 -12.02 18.93
C THR E 152 38.05 -11.17 18.49
N MET E 153 37.08 -11.79 17.79
CA MET E 153 35.96 -11.03 17.26
C MET E 153 35.13 -10.41 18.38
N MET E 154 34.88 -11.15 19.46
CA MET E 154 34.13 -10.60 20.58
C MET E 154 34.89 -9.51 21.31
N THR E 155 36.22 -9.50 21.23
CA THR E 155 36.98 -8.38 21.77
C THR E 155 36.74 -7.12 20.94
N GLY E 156 36.60 -7.27 19.63
CA GLY E 156 36.31 -6.11 18.80
C GLY E 156 34.86 -5.68 18.86
N TYR E 157 33.94 -6.61 19.14
CA TYR E 157 32.52 -6.30 19.07
C TYR E 157 32.02 -5.58 20.31
N ALA E 158 32.58 -5.87 21.49
CA ALA E 158 32.06 -5.28 22.71
C ALA E 158 32.12 -3.75 22.70
N PRO E 159 33.26 -3.09 22.43
CA PRO E 159 33.25 -1.62 22.38
C PRO E 159 32.23 -1.06 21.41
N ILE E 160 32.08 -1.68 20.24
CA ILE E 160 31.09 -1.22 19.27
C ILE E 160 29.68 -1.34 19.85
N VAL E 161 29.44 -2.39 20.63
CA VAL E 161 28.09 -2.63 21.17
C VAL E 161 27.78 -1.62 22.27
N VAL E 162 28.72 -1.40 23.19
CA VAL E 162 28.45 -0.53 24.33
C VAL E 162 28.49 0.94 23.93
N GLY E 163 29.31 1.30 22.96
CA GLY E 163 29.45 2.71 22.67
C GLY E 163 30.16 3.43 23.80
N GLY E 164 29.95 4.75 23.84
CA GLY E 164 30.70 5.55 24.79
C GLY E 164 32.17 5.57 24.39
N ASP E 165 33.01 5.87 25.36
CA ASP E 165 34.45 5.79 25.15
C ASP E 165 35.04 4.71 26.04
N LEU E 166 36.24 4.27 25.68
CA LEU E 166 36.81 3.04 26.22
C LEU E 166 37.08 3.16 27.71
N GLU E 167 37.14 1.99 28.36
CA GLU E 167 37.44 1.89 29.77
C GLU E 167 36.49 2.78 30.58
N SER E 168 35.23 2.37 30.59
CA SER E 168 34.21 2.93 31.46
C SER E 168 33.64 1.81 32.31
N GLU E 169 32.85 2.18 33.31
CA GLU E 169 32.16 1.19 34.13
C GLU E 169 31.43 0.19 33.24
N ALA E 170 30.50 0.69 32.42
CA ALA E 170 29.70 -0.19 31.57
C ALA E 170 30.58 -0.94 30.57
N MET E 171 31.55 -0.26 29.97
CA MET E 171 32.38 -0.90 28.95
C MET E 171 33.13 -2.09 29.52
N GLN E 172 33.77 -1.93 30.68
CA GLN E 172 34.50 -3.05 31.27
C GLN E 172 33.57 -4.05 31.93
N GLU E 173 32.46 -3.59 32.51
CA GLU E 173 31.52 -4.54 33.13
C GLU E 173 30.92 -5.47 32.08
N PHE E 174 30.45 -4.90 30.96
CA PHE E 174 29.89 -5.73 29.90
C PHE E 174 30.92 -6.70 29.36
N SER E 175 32.14 -6.23 29.14
CA SER E 175 33.21 -7.11 28.66
C SER E 175 33.38 -8.32 29.58
N ARG E 176 33.27 -8.10 30.90
CA ARG E 176 33.51 -9.19 31.84
C ARG E 176 32.38 -10.21 31.83
N THR E 177 31.13 -9.75 31.82
CA THR E 177 30.00 -10.69 31.76
C THR E 177 29.95 -11.37 30.40
N LEU E 178 30.27 -10.65 29.33
CA LEU E 178 30.24 -11.23 27.99
C LEU E 178 31.23 -12.39 27.88
N PHE E 179 32.45 -12.19 28.36
CA PHE E 179 33.48 -13.22 28.25
C PHE E 179 33.37 -14.29 29.33
N ASN E 180 32.35 -14.21 30.20
CA ASN E 180 32.10 -15.27 31.17
C ASN E 180 31.18 -16.35 30.64
N MET E 181 30.53 -16.11 29.50
CA MET E 181 29.76 -17.16 28.84
C MET E 181 30.69 -18.22 28.27
N ARG E 182 30.26 -19.47 28.36
CA ARG E 182 30.87 -20.50 27.55
C ARG E 182 30.67 -20.13 26.07
N PRO E 183 31.72 -20.15 25.25
CA PRO E 183 31.57 -19.62 23.88
C PRO E 183 30.59 -20.41 23.03
N ASP E 184 30.53 -21.73 23.19
CA ASP E 184 29.55 -22.52 22.45
C ASP E 184 28.14 -22.09 22.77
N ILE E 185 27.88 -21.75 24.04
CA ILE E 185 26.57 -21.27 24.44
C ILE E 185 26.30 -19.90 23.83
N ALA E 186 27.30 -19.01 23.83
CA ALA E 186 27.13 -17.69 23.26
C ALA E 186 26.81 -17.77 21.76
N LEU E 187 27.45 -18.72 21.06
CA LEU E 187 27.17 -18.88 19.65
C LEU E 187 25.77 -19.46 19.41
N SER E 188 25.38 -20.45 20.21
CA SER E 188 24.02 -20.99 20.12
C SER E 188 22.99 -19.89 20.35
N ILE E 189 23.22 -19.03 21.34
CA ILE E 189 22.32 -17.91 21.56
C ILE E 189 22.27 -17.02 20.32
N CYS E 190 23.43 -16.69 19.77
CA CYS E 190 23.47 -15.76 18.64
C CYS E 190 22.80 -16.34 17.40
N ARG E 191 22.91 -17.65 17.20
CA ARG E 191 22.19 -18.28 16.09
C ARG E 191 20.68 -18.18 16.28
N MET E 192 20.22 -18.22 17.53
CA MET E 192 18.80 -18.11 17.82
C MET E 192 18.31 -16.68 17.66
N ILE E 193 19.07 -15.70 18.17
CA ILE E 193 18.69 -14.29 18.03
C ILE E 193 18.65 -13.90 16.56
N SER E 194 19.71 -14.23 15.82
CA SER E 194 19.76 -13.92 14.40
C SER E 194 18.82 -14.79 13.58
N GLY E 195 18.33 -15.90 14.14
CA GLY E 195 17.46 -16.78 13.42
C GLY E 195 15.97 -16.54 13.60
N TYR E 196 15.56 -15.69 14.53
CA TYR E 196 14.15 -15.52 14.78
C TYR E 196 13.57 -14.39 13.94
N ASP E 197 12.28 -14.52 13.63
CA ASP E 197 11.52 -13.48 12.92
C ASP E 197 10.17 -13.38 13.63
N LEU E 198 10.00 -12.33 14.44
CA LEU E 198 8.79 -12.13 15.21
C LEU E 198 7.82 -11.15 14.56
N ARG E 199 8.14 -10.66 13.37
CA ARG E 199 7.24 -9.74 12.68
C ARG E 199 5.81 -10.26 12.54
N PRO E 200 5.57 -11.52 12.18
CA PRO E 200 4.16 -11.99 12.16
C PRO E 200 3.57 -12.11 13.55
N TYR E 201 4.38 -12.34 14.57
CA TYR E 201 3.87 -12.47 15.93
C TYR E 201 3.39 -11.15 16.51
N LEU E 202 3.90 -10.02 16.01
CA LEU E 202 3.67 -8.73 16.67
C LEU E 202 2.19 -8.38 16.74
N GLY E 203 1.42 -8.73 15.70
CA GLY E 203 0.00 -8.47 15.72
C GLY E 203 -0.74 -9.22 16.81
N LEU E 204 -0.17 -10.34 17.29
CA LEU E 204 -0.78 -11.08 18.37
C LEU E 204 -0.44 -10.51 19.74
N VAL E 205 0.63 -9.73 19.84
CA VAL E 205 0.90 -8.96 21.05
C VAL E 205 -0.18 -7.90 21.18
N VAL E 206 -1.01 -8.00 22.21
CA VAL E 206 -2.12 -7.08 22.38
C VAL E 206 -2.04 -6.27 23.67
N ILE E 207 -1.22 -6.67 24.62
CA ILE E 207 -1.08 -5.91 25.88
C ILE E 207 -0.26 -4.67 25.57
N PRO E 208 -0.39 -3.60 26.36
CA PRO E 208 0.34 -2.36 26.06
C PRO E 208 1.85 -2.57 26.04
N CYS E 209 2.51 -1.94 25.07
CA CYS E 209 3.96 -2.04 24.91
C CYS E 209 4.55 -0.64 24.91
N HIS E 210 5.52 -0.42 25.77
CA HIS E 210 6.26 0.84 25.81
C HIS E 210 7.65 0.59 25.20
N ILE E 211 7.91 1.25 24.08
CA ILE E 211 9.10 0.98 23.27
C ILE E 211 10.13 2.07 23.58
N ILE E 212 11.06 1.76 24.47
CA ILE E 212 12.20 2.62 24.71
C ILE E 212 13.35 2.15 23.84
N GLN E 213 14.14 3.09 23.30
CA GLN E 213 15.28 2.72 22.49
C GLN E 213 16.17 3.93 22.25
N SER E 214 17.47 3.71 22.32
CA SER E 214 18.44 4.78 22.15
C SER E 214 18.50 5.23 20.70
N SER E 215 18.78 6.53 20.52
CA SER E 215 18.78 7.13 19.20
C SER E 215 20.02 6.77 18.37
N LYS E 216 21.06 6.20 18.97
CA LYS E 216 22.28 5.81 18.26
C LYS E 216 22.81 4.50 18.80
N ASP E 217 21.91 3.54 19.01
CA ASP E 217 22.28 2.16 19.29
C ASP E 217 22.65 1.49 17.96
N LYS E 218 23.90 1.03 17.85
CA LYS E 218 24.36 0.50 16.57
C LYS E 218 23.78 -0.87 16.24
N LEU E 219 23.05 -1.49 17.17
CA LEU E 219 22.39 -2.77 16.90
C LEU E 219 20.92 -2.63 16.55
N VAL E 220 20.28 -1.53 16.98
CA VAL E 220 18.85 -1.33 16.78
C VAL E 220 18.63 0.06 16.21
N PRO E 221 18.37 0.20 14.91
CA PRO E 221 18.09 1.53 14.37
C PRO E 221 16.76 2.06 14.89
N VAL E 222 16.65 3.39 14.90
CA VAL E 222 15.42 4.07 15.30
C VAL E 222 14.23 3.52 14.51
N ALA E 223 14.47 3.03 13.29
CA ALA E 223 13.40 2.54 12.44
C ALA E 223 12.70 1.34 13.06
N VAL E 224 13.45 0.48 13.76
CA VAL E 224 12.85 -0.71 14.39
C VAL E 224 11.77 -0.29 15.39
N ALA E 225 12.07 0.72 16.21
CA ALA E 225 11.09 1.21 17.18
C ALA E 225 9.81 1.65 16.47
N GLU E 226 9.99 2.37 15.37
CA GLU E 226 8.86 2.84 14.57
C GLU E 226 8.08 1.64 14.04
N TYR E 227 8.80 0.65 13.53
CA TYR E 227 8.14 -0.55 13.00
C TYR E 227 7.31 -1.24 14.09
N LEU E 228 7.91 -1.44 15.27
CA LEU E 228 7.20 -2.04 16.38
C LEU E 228 5.96 -1.23 16.72
N HIS E 229 6.11 0.08 16.87
CA HIS E 229 4.98 0.97 17.15
C HIS E 229 3.83 0.72 16.18
N ARG E 230 4.14 0.45 14.92
CA ARG E 230 3.09 0.28 13.91
C ARG E 230 2.40 -1.07 14.03
N ASN E 231 3.17 -2.15 14.19
CA ASN E 231 2.64 -3.49 14.00
C ASN E 231 2.24 -4.20 15.29
N PHE E 232 2.49 -3.61 16.45
CA PHE E 232 1.99 -4.17 17.69
C PHE E 232 0.47 -4.18 17.69
N GLY E 233 -0.11 -5.33 18.04
CA GLY E 233 -1.55 -5.50 17.93
C GLY E 233 -2.38 -4.70 18.92
N GLY E 234 -1.76 -4.12 19.95
CA GLY E 234 -2.49 -3.32 20.91
C GLY E 234 -1.98 -1.90 21.01
N LYS E 235 -2.28 -1.26 22.15
CA LYS E 235 -1.78 0.08 22.40
C LYS E 235 -0.27 0.05 22.61
N SER E 236 0.43 1.01 22.04
CA SER E 236 1.87 1.12 22.24
C SER E 236 2.31 2.58 22.15
N VAL E 237 3.52 2.83 22.66
CA VAL E 237 4.12 4.15 22.67
C VAL E 237 5.61 3.99 22.40
N VAL E 238 6.23 5.07 21.91
CA VAL E 238 7.66 5.09 21.64
C VAL E 238 8.23 6.38 22.20
N GLU E 239 9.35 6.27 22.91
CA GLU E 239 10.11 7.42 23.37
C GLU E 239 11.59 7.16 23.09
N LEU E 240 12.26 8.16 22.52
CA LEU E 240 13.67 8.05 22.21
C LEU E 240 14.51 8.48 23.41
N ILE E 241 15.69 7.88 23.53
CA ILE E 241 16.69 8.27 24.52
C ILE E 241 17.91 8.78 23.75
N PRO E 242 18.39 9.98 24.01
CA PRO E 242 19.59 10.46 23.31
C PRO E 242 20.87 9.97 23.98
N THR E 243 21.41 8.85 23.50
CA THR E 243 22.64 8.31 24.05
C THR E 243 23.20 7.26 23.08
N GLU E 244 24.52 7.23 22.99
CA GLU E 244 25.21 6.17 22.27
C GLU E 244 25.05 4.85 23.01
N GLY E 245 24.94 3.77 22.26
CA GLY E 245 25.15 2.47 22.86
C GLY E 245 23.88 1.64 22.95
N HIS E 246 24.07 0.34 23.14
CA HIS E 246 23.02 -0.67 23.15
C HIS E 246 22.57 -1.04 24.55
N LEU E 247 23.28 -0.60 25.59
CA LEU E 247 22.95 -0.92 26.98
C LEU E 247 22.77 0.37 27.79
N PRO E 248 21.83 1.25 27.39
CA PRO E 248 21.76 2.56 28.04
C PRO E 248 21.35 2.51 29.49
N HIS E 249 20.57 1.51 29.91
CA HIS E 249 20.22 1.37 31.32
C HIS E 249 21.44 1.09 32.19
N LEU E 250 22.59 0.77 31.59
CA LEU E 250 23.84 0.63 32.31
C LEU E 250 24.88 1.69 31.95
N SER E 251 24.87 2.20 30.72
CA SER E 251 25.89 3.14 30.28
C SER E 251 25.49 4.60 30.45
N ALA E 252 24.19 4.91 30.43
CA ALA E 252 23.71 6.28 30.65
C ALA E 252 22.48 6.25 31.55
N PRO E 253 22.62 5.74 32.78
CA PRO E 253 21.45 5.66 33.67
C PRO E 253 20.91 7.00 34.09
N ASP E 254 21.72 8.07 34.06
CA ASP E 254 21.21 9.33 34.57
C ASP E 254 20.14 9.93 33.65
N ILE E 255 20.10 9.52 32.38
CA ILE E 255 18.99 9.91 31.50
C ILE E 255 18.06 8.72 31.32
N THR E 256 18.60 7.50 31.29
CA THR E 256 17.80 6.35 30.88
C THR E 256 16.75 5.99 31.93
N ILE E 257 17.15 5.87 33.19
CA ILE E 257 16.31 5.25 34.21
C ILE E 257 15.07 6.06 34.56
N PRO E 258 15.12 7.38 34.70
CA PRO E 258 13.86 8.12 34.94
C PRO E 258 12.87 8.00 33.80
N VAL E 259 13.32 7.61 32.61
CA VAL E 259 12.39 7.28 31.53
C VAL E 259 11.76 5.92 31.77
N LEU E 260 12.54 4.97 32.28
CA LEU E 260 12.01 3.65 32.58
C LEU E 260 10.95 3.71 33.68
N ILE E 261 11.25 4.44 34.77
CA ILE E 261 10.27 4.55 35.85
C ILE E 261 8.98 5.19 35.37
N ARG E 262 9.07 6.12 34.40
CA ARG E 262 7.87 6.82 33.99
C ARG E 262 6.95 5.92 33.18
N HIS E 263 7.51 5.08 32.31
CA HIS E 263 6.67 4.15 31.57
C HIS E 263 6.28 2.94 32.40
N ILE E 264 7.01 2.67 33.49
CA ILE E 264 6.57 1.65 34.45
C ILE E 264 5.36 2.17 35.23
N ASN E 265 5.39 3.45 35.58
CA ASN E 265 4.30 4.03 36.38
C ASN E 265 3.12 4.46 35.51
N GLN E 266 3.39 5.08 34.37
CA GLN E 266 2.34 5.63 33.53
C GLN E 266 1.76 4.57 32.60
N ASP E 267 0.51 4.80 32.21
CA ASP E 267 -0.11 4.00 31.15
C ASP E 267 -0.39 4.92 29.96
N ILE E 268 -1.34 4.58 29.11
CA ILE E 268 -1.55 5.31 27.87
C ILE E 268 -3.02 5.70 27.73
N ALA E 269 -3.26 6.92 27.26
CA ALA E 269 -4.62 7.43 27.10
C ALA E 269 -5.40 6.57 26.11
N ASP E 270 -6.71 6.53 26.30
CA ASP E 270 -7.58 5.66 25.50
C ASP E 270 -7.68 6.12 24.05
#